data_5SDG
#
_entry.id   5SDG
#
_cell.length_a   101.428
_cell.length_b   116.397
_cell.length_c   147.262
_cell.angle_alpha   90.000
_cell.angle_beta   90.000
_cell.angle_gamma   90.000
#
_symmetry.space_group_name_H-M   'P 21 21 21'
#
loop_
_entity.id
_entity.type
_entity.pdbx_description
1 polymer 'Asp/Glu-specific dipeptidyl-peptidase'
2 non-polymer 2-methyl-N-(pyridin-4-yl)furan-3-carboxamide
3 non-polymer 'CHLORIDE ION'
4 water water
#
_entity_poly.entity_id   1
_entity_poly.type   'polypeptide(L)'
_entity_poly.pdbx_seq_one_letter_code
;MDEGMWLMQQLGRKYAQMKERGLKMKEYDLYNPNGTSLKDAVVLFDGGCTGEVVSDRGLVLTNHHCGYDMIQAHSTLEHN
YLENGFWAMREADELPNKDISVVFIDKIEDVTDYVKKELKAIKDPNSMDYLSPKYLQKLADKKAGKNFSAKNPGLSVEIK
AFYGGNLYLMFTKKTYTDVRLVGAPPSSIGKFGADTDNWIWPRHTGDFSIFRIYADKNGNPAPYSEDNVPLKPKRFFNIS
LGGVQENDYAMIMGFPGTTHRYFTASEVDEWKSIDNDIRIRMRDIRQGVMLREMLADPQIKIMYSAKYAASQNAYKRAIG
ANWAIKTRGLRQNKQAMQDRLIAWGAKQGTPRYEEAVHEIDATVAKRADLRRRYWMIEEGIIRGIEFARSPIPTEDETKA
LQGNDASARKEAIDKIRTRYSKFANKDYSAEVDKKVAVAMLTEYLKEIPYENLPLHLRLVKDRFAGDVQAYVDDIFARSV
FGSEAQFDAFAAVPSVEKLAEDPMVLFASSVFDEYRKLYNELRPYDDPILRAQRTYIAGLLEMDGDQDQFPDANLTLRFT
YGQVKGYSPRDNVYYGHQTTLDGVMEKEDPDNWEFVVDPKLKAVYERKDFGRYADRSGRMPVAFCATTHTTGGNSGSPVM
NANGELIGLNFDRNWEGVGGDIQYLADYQRSIIVDIRYVLLVIDKVGGCQRLLDEMNIVPAHHHHHH
;
_entity_poly.pdbx_strand_id   A,B
#
loop_
_chem_comp.id
_chem_comp.type
_chem_comp.name
_chem_comp.formula
CL non-polymer 'CHLORIDE ION' 'Cl -1'
NU4 non-polymer 2-methyl-N-(pyridin-4-yl)furan-3-carboxamide 'C11 H10 N2 O2'
#
# COMPACT_ATOMS: atom_id res chain seq x y z
N ASP A 2 28.28 9.05 -2.95
CA ASP A 2 29.35 8.32 -2.26
C ASP A 2 29.87 7.16 -3.12
N GLU A 3 29.09 6.06 -3.30
CA GLU A 3 29.55 4.93 -4.13
C GLU A 3 29.33 5.34 -5.56
N GLY A 4 30.28 6.05 -6.08
CA GLY A 4 30.19 6.80 -7.31
C GLY A 4 29.82 6.36 -8.71
N MET A 5 29.84 7.38 -9.54
CA MET A 5 29.64 7.33 -10.97
C MET A 5 31.00 7.80 -11.51
N TRP A 6 31.88 6.84 -11.67
CA TRP A 6 33.27 7.10 -11.99
C TRP A 6 33.56 7.35 -13.45
N LEU A 7 34.45 8.30 -13.70
CA LEU A 7 34.97 8.56 -15.05
C LEU A 7 35.76 7.34 -15.51
N MET A 8 35.83 7.12 -16.84
CA MET A 8 36.60 6.00 -17.39
C MET A 8 38.08 6.10 -17.02
N GLN A 9 38.62 7.32 -16.96
CA GLN A 9 40.00 7.66 -16.53
C GLN A 9 40.28 7.13 -15.12
N GLN A 10 39.24 7.03 -14.27
CA GLN A 10 39.37 6.57 -12.90
C GLN A 10 39.34 5.07 -12.73
N LEU A 11 39.12 4.28 -13.81
CA LEU A 11 39.12 2.82 -13.69
C LEU A 11 40.43 2.28 -13.14
N GLY A 12 41.57 2.79 -13.61
CA GLY A 12 42.88 2.38 -13.12
C GLY A 12 43.05 2.44 -11.62
N ARG A 13 42.76 3.59 -11.01
CA ARG A 13 42.90 3.78 -9.58
C ARG A 13 41.77 3.10 -8.75
N LYS A 14 40.70 2.62 -9.40
CA LYS A 14 39.62 1.92 -8.71
C LYS A 14 39.70 0.39 -8.84
N TYR A 15 40.39 -0.07 -9.89
CA TYR A 15 40.54 -1.46 -10.33
C TYR A 15 40.87 -2.45 -9.24
N ALA A 16 41.82 -2.12 -8.36
CA ALA A 16 42.21 -3.05 -7.28
C ALA A 16 41.05 -3.32 -6.35
N GLN A 17 40.30 -2.28 -5.95
CA GLN A 17 39.12 -2.44 -5.09
C GLN A 17 38.02 -3.22 -5.80
N MET A 18 37.86 -3.03 -7.10
CA MET A 18 36.85 -3.76 -7.85
C MET A 18 37.21 -5.26 -7.89
N LYS A 19 38.51 -5.60 -8.07
CA LYS A 19 38.98 -6.99 -8.04
C LYS A 19 38.74 -7.61 -6.66
N GLU A 20 39.03 -6.86 -5.60
CA GLU A 20 38.77 -7.34 -4.23
C GLU A 20 37.26 -7.51 -3.97
N ARG A 21 36.41 -6.77 -4.69
CA ARG A 21 34.95 -6.90 -4.61
C ARG A 21 34.38 -8.00 -5.53
N GLY A 22 35.24 -8.63 -6.35
CA GLY A 22 34.83 -9.72 -7.23
C GLY A 22 35.12 -9.60 -8.71
N LEU A 23 35.53 -8.41 -9.20
CA LEU A 23 35.84 -8.24 -10.63
C LEU A 23 36.94 -9.21 -11.09
N LYS A 24 36.69 -9.93 -12.19
CA LYS A 24 37.63 -10.90 -12.72
C LYS A 24 38.31 -10.46 -14.02
N MET A 25 37.69 -9.53 -14.79
CA MET A 25 38.25 -9.18 -16.08
C MET A 25 39.51 -8.30 -16.00
N LYS A 26 40.32 -8.32 -17.08
CA LYS A 26 41.50 -7.48 -17.15
C LYS A 26 41.02 -6.03 -17.31
N GLU A 27 41.71 -5.07 -16.67
CA GLU A 27 41.37 -3.65 -16.68
C GLU A 27 41.09 -3.11 -18.09
N TYR A 28 42.02 -3.37 -19.03
CA TYR A 28 41.93 -2.85 -20.39
C TYR A 28 40.90 -3.60 -21.25
N ASP A 29 40.38 -4.76 -20.80
CA ASP A 29 39.26 -5.40 -21.49
C ASP A 29 37.96 -4.63 -21.19
N LEU A 30 37.90 -3.90 -20.06
CA LEU A 30 36.75 -3.11 -19.65
C LEU A 30 36.88 -1.70 -20.27
N TYR A 31 38.09 -1.12 -20.14
CA TYR A 31 38.37 0.19 -20.71
C TYR A 31 39.88 0.37 -20.95
N ASN A 32 40.21 0.68 -22.17
CA ASN A 32 41.56 0.96 -22.60
C ASN A 32 41.49 2.25 -23.40
N PRO A 33 42.17 3.30 -22.93
CA PRO A 33 42.16 4.56 -23.67
C PRO A 33 42.85 4.49 -25.05
N ASN A 34 43.68 3.46 -25.29
CA ASN A 34 44.39 3.36 -26.58
C ASN A 34 44.04 2.11 -27.40
N GLY A 35 42.82 1.60 -27.24
CA GLY A 35 42.39 0.42 -27.99
C GLY A 35 41.09 -0.18 -27.51
N THR A 36 40.48 -1.04 -28.33
CA THR A 36 39.19 -1.72 -28.07
C THR A 36 39.02 -2.28 -26.64
N SER A 37 37.87 -2.01 -26.08
CA SER A 37 37.42 -2.47 -24.77
C SER A 37 35.88 -2.52 -24.77
N LEU A 38 35.28 -3.10 -23.70
CA LEU A 38 33.83 -3.22 -23.51
C LEU A 38 33.11 -1.85 -23.57
N LYS A 39 33.85 -0.77 -23.27
CA LYS A 39 33.36 0.60 -23.33
C LYS A 39 32.79 0.91 -24.74
N ASP A 40 33.41 0.33 -25.80
CA ASP A 40 33.01 0.50 -27.20
C ASP A 40 31.68 -0.12 -27.55
N ALA A 41 31.14 -0.99 -26.70
CA ALA A 41 29.84 -1.59 -26.90
C ALA A 41 28.72 -0.80 -26.19
N VAL A 42 29.04 0.34 -25.53
CA VAL A 42 28.03 1.12 -24.82
C VAL A 42 27.67 2.35 -25.64
N VAL A 43 26.37 2.69 -25.73
CA VAL A 43 25.93 3.85 -26.49
C VAL A 43 25.00 4.75 -25.69
N LEU A 44 24.99 6.03 -26.07
CA LEU A 44 24.00 6.96 -25.57
C LEU A 44 22.86 6.74 -26.56
N PHE A 45 21.74 6.22 -26.08
CA PHE A 45 20.59 5.91 -26.91
C PHE A 45 19.64 7.08 -26.94
N ASP A 46 19.45 7.68 -28.13
CA ASP A 46 18.51 8.78 -28.37
C ASP A 46 18.61 9.94 -27.36
N GLY A 47 19.82 10.41 -27.11
CA GLY A 47 20.07 11.55 -26.21
C GLY A 47 19.82 11.44 -24.71
N GLY A 48 18.93 10.56 -24.26
CA GLY A 48 18.60 10.49 -22.84
C GLY A 48 18.55 9.13 -22.19
N CYS A 49 19.02 8.10 -22.89
CA CYS A 49 19.04 6.73 -22.39
C CYS A 49 20.40 6.10 -22.69
N THR A 50 20.66 4.93 -22.12
CA THR A 50 21.83 4.15 -22.44
C THR A 50 21.33 2.92 -23.23
N GLY A 51 22.22 2.38 -24.03
CA GLY A 51 21.99 1.15 -24.80
C GLY A 51 23.29 0.36 -24.88
N GLU A 52 23.22 -0.86 -25.41
CA GLU A 52 24.40 -1.69 -25.56
C GLU A 52 24.34 -2.56 -26.78
N VAL A 53 25.49 -2.74 -27.43
CA VAL A 53 25.62 -3.57 -28.61
C VAL A 53 25.80 -5.01 -28.14
N VAL A 54 24.94 -5.91 -28.62
CA VAL A 54 24.93 -7.30 -28.18
C VAL A 54 25.16 -8.31 -29.32
N SER A 55 25.63 -7.87 -30.49
CA SER A 55 25.94 -8.81 -31.58
C SER A 55 26.95 -8.23 -32.57
N ASP A 56 27.60 -9.10 -33.38
CA ASP A 56 28.54 -8.64 -34.40
C ASP A 56 27.86 -8.00 -35.62
N ARG A 57 26.51 -7.88 -35.59
CA ARG A 57 25.72 -7.23 -36.63
C ARG A 57 24.97 -6.00 -36.08
N GLY A 58 25.52 -5.33 -35.08
CA GLY A 58 24.97 -4.08 -34.55
C GLY A 58 23.63 -4.11 -33.81
N LEU A 59 23.24 -5.28 -33.27
CA LEU A 59 22.01 -5.38 -32.49
C LEU A 59 22.18 -4.58 -31.19
N VAL A 60 21.18 -3.79 -30.79
CA VAL A 60 21.23 -2.96 -29.61
C VAL A 60 20.08 -3.25 -28.64
N LEU A 61 20.41 -3.42 -27.36
CA LEU A 61 19.39 -3.55 -26.34
C LEU A 61 19.32 -2.24 -25.55
N THR A 62 18.11 -1.82 -25.20
CA THR A 62 17.82 -0.67 -24.34
C THR A 62 16.47 -0.95 -23.63
N ASN A 63 15.93 0.00 -22.84
CA ASN A 63 14.64 -0.20 -22.19
C ASN A 63 13.48 -0.05 -23.16
N HIS A 64 12.33 -0.59 -22.76
CA HIS A 64 11.08 -0.44 -23.48
C HIS A 64 10.67 1.02 -23.38
N HIS A 65 10.82 1.65 -22.19
CA HIS A 65 10.47 3.05 -22.03
C HIS A 65 11.44 3.99 -22.79
N CYS A 66 12.60 3.50 -23.23
CA CYS A 66 13.57 4.25 -24.04
C CYS A 66 13.20 4.16 -25.54
N GLY A 67 12.70 3.00 -25.96
CA GLY A 67 12.26 2.80 -27.34
C GLY A 67 10.77 3.03 -27.54
N TYR A 68 10.04 3.40 -26.47
CA TYR A 68 8.59 3.66 -26.47
C TYR A 68 8.13 4.55 -27.64
N ASP A 69 8.73 5.73 -27.84
CA ASP A 69 8.32 6.61 -28.93
C ASP A 69 8.47 5.99 -30.31
N MET A 70 9.53 5.20 -30.55
CA MET A 70 9.74 4.53 -31.84
C MET A 70 8.73 3.40 -32.05
N ILE A 71 8.32 2.72 -30.96
CA ILE A 71 7.34 1.64 -31.03
C ILE A 71 5.97 2.26 -31.32
N GLN A 72 5.63 3.35 -30.60
CA GLN A 72 4.38 4.08 -30.76
C GLN A 72 4.24 4.73 -32.16
N ALA A 73 5.33 5.31 -32.70
CA ALA A 73 5.32 5.95 -34.02
C ALA A 73 5.09 4.95 -35.16
N HIS A 74 5.51 3.70 -34.98
CA HIS A 74 5.27 2.67 -35.98
C HIS A 74 3.97 1.90 -35.77
N SER A 75 3.21 2.20 -34.70
CA SER A 75 1.98 1.48 -34.40
C SER A 75 0.78 2.13 -35.04
N THR A 76 -0.12 1.28 -35.56
CA THR A 76 -1.38 1.67 -36.20
C THR A 76 -2.55 0.83 -35.62
N LEU A 77 -3.81 1.12 -36.02
CA LEU A 77 -4.97 0.34 -35.61
C LEU A 77 -4.82 -1.11 -36.14
N GLU A 78 -4.24 -1.29 -37.33
CA GLU A 78 -4.02 -2.59 -37.96
C GLU A 78 -2.84 -3.34 -37.34
N HIS A 79 -1.73 -2.64 -37.05
CA HIS A 79 -0.56 -3.27 -36.44
C HIS A 79 -0.11 -2.51 -35.19
N ASN A 80 -0.80 -2.73 -34.06
CA ASN A 80 -0.45 -2.04 -32.82
C ASN A 80 0.72 -2.74 -32.12
N TYR A 81 1.94 -2.30 -32.47
CA TYR A 81 3.17 -2.84 -31.89
C TYR A 81 3.32 -2.47 -30.42
N LEU A 82 2.78 -1.33 -30.00
CA LEU A 82 2.86 -0.91 -28.60
C LEU A 82 2.10 -1.88 -27.70
N GLU A 83 0.96 -2.35 -28.17
CA GLU A 83 0.09 -3.27 -27.46
C GLU A 83 0.50 -4.73 -27.57
N ASN A 84 0.83 -5.20 -28.77
CA ASN A 84 1.14 -6.61 -28.99
C ASN A 84 2.61 -6.98 -29.14
N GLY A 85 3.47 -5.97 -29.19
CA GLY A 85 4.88 -6.20 -29.42
C GLY A 85 5.21 -6.18 -30.90
N PHE A 86 6.49 -6.30 -31.24
CA PHE A 86 6.95 -6.28 -32.62
C PHE A 86 8.16 -7.17 -32.75
N TRP A 87 8.16 -8.09 -33.70
CA TRP A 87 9.30 -8.99 -33.90
C TRP A 87 9.63 -9.15 -35.38
N ALA A 88 10.63 -8.41 -35.88
CA ALA A 88 11.06 -8.49 -37.26
C ALA A 88 11.69 -9.86 -37.50
N MET A 89 11.09 -10.68 -38.39
CA MET A 89 11.60 -12.02 -38.64
C MET A 89 12.76 -12.09 -39.65
N ARG A 90 13.18 -10.93 -40.18
CA ARG A 90 14.33 -10.78 -41.06
C ARG A 90 14.83 -9.34 -40.95
N GLU A 91 16.11 -9.11 -41.25
CA GLU A 91 16.71 -7.79 -41.18
C GLU A 91 16.00 -6.76 -42.05
N ALA A 92 15.50 -7.16 -43.24
CA ALA A 92 14.77 -6.27 -44.13
C ALA A 92 13.43 -5.76 -43.54
N ASP A 93 12.88 -6.48 -42.56
CA ASP A 93 11.63 -6.09 -41.90
C ASP A 93 11.82 -5.10 -40.74
N GLU A 94 13.07 -4.84 -40.33
CA GLU A 94 13.34 -3.91 -39.25
C GLU A 94 12.93 -2.49 -39.67
N LEU A 95 12.23 -1.78 -38.78
CA LEU A 95 11.66 -0.48 -39.11
C LEU A 95 12.55 0.72 -38.88
N PRO A 96 12.81 1.51 -39.94
CA PRO A 96 13.62 2.74 -39.76
C PRO A 96 12.94 3.74 -38.84
N ASN A 97 13.72 4.58 -38.18
CA ASN A 97 13.15 5.56 -37.25
C ASN A 97 13.63 6.94 -37.57
N LYS A 98 12.73 7.92 -37.59
CA LYS A 98 13.11 9.31 -37.86
C LYS A 98 13.57 9.94 -36.55
N ASP A 99 14.59 10.82 -36.61
CA ASP A 99 15.09 11.58 -35.47
C ASP A 99 15.68 10.71 -34.34
N ILE A 100 16.33 9.61 -34.71
CA ILE A 100 16.96 8.74 -33.74
C ILE A 100 18.48 8.79 -33.87
N SER A 101 19.19 8.50 -32.78
CA SER A 101 20.64 8.44 -32.81
C SER A 101 21.17 7.50 -31.74
N VAL A 102 22.36 6.99 -31.98
CA VAL A 102 23.13 6.23 -31.03
C VAL A 102 24.52 6.87 -31.06
N VAL A 103 25.05 7.16 -29.88
CA VAL A 103 26.36 7.80 -29.80
C VAL A 103 27.37 6.89 -29.11
N PHE A 104 28.48 6.61 -29.80
CA PHE A 104 29.58 5.84 -29.26
C PHE A 104 30.64 6.79 -28.75
N ILE A 105 31.26 6.46 -27.61
CA ILE A 105 32.34 7.28 -27.10
C ILE A 105 33.66 6.69 -27.62
N ASP A 106 34.06 7.11 -28.80
CA ASP A 106 35.24 6.60 -29.49
C ASP A 106 36.53 6.84 -28.71
N LYS A 107 36.73 8.07 -28.26
CA LYS A 107 37.92 8.41 -27.47
C LYS A 107 37.55 9.37 -26.35
N ILE A 108 38.32 9.35 -25.26
CA ILE A 108 38.15 10.27 -24.13
C ILE A 108 39.54 10.78 -23.81
N GLU A 109 39.72 12.09 -23.76
CA GLU A 109 41.02 12.67 -23.48
C GLU A 109 40.93 13.71 -22.37
N ASP A 110 41.94 13.73 -21.48
CA ASP A 110 42.01 14.73 -20.44
C ASP A 110 42.60 16.00 -21.04
N VAL A 111 41.81 17.08 -21.14
CA VAL A 111 42.31 18.34 -21.71
C VAL A 111 42.37 19.46 -20.68
N THR A 112 42.47 19.13 -19.38
CA THR A 112 42.48 20.09 -18.28
C THR A 112 43.56 21.15 -18.43
N ASP A 113 44.82 20.75 -18.67
CA ASP A 113 45.92 21.72 -18.81
C ASP A 113 45.68 22.66 -19.96
N TYR A 114 45.20 22.13 -21.10
CA TYR A 114 44.88 22.91 -22.30
C TYR A 114 43.78 23.94 -22.00
N VAL A 115 42.65 23.50 -21.42
CA VAL A 115 41.56 24.41 -21.10
C VAL A 115 41.97 25.46 -20.07
N LYS A 116 42.64 25.05 -18.99
CA LYS A 116 43.10 25.99 -17.97
C LYS A 116 44.11 27.01 -18.52
N LYS A 117 44.94 26.61 -19.50
CA LYS A 117 45.89 27.56 -20.11
C LYS A 117 45.12 28.54 -20.98
N GLU A 118 44.12 28.06 -21.75
CA GLU A 118 43.30 28.93 -22.60
C GLU A 118 42.52 29.93 -21.76
N LEU A 119 42.00 29.48 -20.58
CA LEU A 119 41.24 30.31 -19.66
C LEU A 119 42.05 31.45 -19.06
N LYS A 120 43.39 31.29 -18.97
CA LYS A 120 44.29 32.33 -18.46
C LYS A 120 44.25 33.62 -19.26
N ALA A 121 43.75 33.59 -20.51
CA ALA A 121 43.62 34.82 -21.31
C ALA A 121 42.41 35.69 -20.86
N ILE A 122 42.05 35.56 -19.55
CA ILE A 122 41.03 36.21 -18.72
C ILE A 122 40.94 37.71 -18.99
N LYS A 123 39.78 38.15 -19.47
CA LYS A 123 39.50 39.59 -19.60
C LYS A 123 38.66 40.07 -18.37
N ASP A 124 38.05 39.12 -17.63
CA ASP A 124 37.15 39.25 -16.49
C ASP A 124 37.33 38.00 -15.61
N PRO A 125 37.79 38.15 -14.36
CA PRO A 125 37.97 36.97 -13.49
C PRO A 125 36.66 36.24 -13.14
N ASN A 126 35.53 36.94 -13.24
CA ASN A 126 34.21 36.37 -12.96
C ASN A 126 33.51 35.81 -14.21
N SER A 127 34.24 35.68 -15.34
CA SER A 127 33.70 35.14 -16.57
C SER A 127 33.21 33.72 -16.37
N MET A 128 32.07 33.39 -16.98
CA MET A 128 31.53 32.03 -16.90
C MET A 128 31.89 31.17 -18.13
N ASP A 129 32.84 31.63 -18.97
CA ASP A 129 33.30 30.90 -20.14
C ASP A 129 33.80 29.51 -19.80
N TYR A 130 34.38 29.33 -18.59
CA TYR A 130 34.87 28.03 -18.14
C TYR A 130 33.76 26.95 -18.08
N LEU A 131 32.49 27.34 -18.11
CA LEU A 131 31.35 26.41 -18.11
C LEU A 131 30.48 26.56 -19.37
N SER A 132 30.85 27.45 -20.28
CA SER A 132 30.06 27.75 -21.46
C SER A 132 30.22 26.71 -22.55
N PRO A 133 29.12 26.09 -22.99
CA PRO A 133 29.23 25.11 -24.09
C PRO A 133 29.80 25.72 -25.37
N LYS A 134 29.50 27.00 -25.62
CA LYS A 134 30.02 27.72 -26.79
C LYS A 134 31.51 27.91 -26.68
N TYR A 135 32.01 28.35 -25.51
CA TYR A 135 33.42 28.58 -25.34
C TYR A 135 34.20 27.28 -25.44
N LEU A 136 33.69 26.24 -24.77
CA LEU A 136 34.33 24.93 -24.76
C LEU A 136 34.30 24.30 -26.17
N GLN A 137 33.25 24.53 -26.98
CA GLN A 137 33.21 24.02 -28.36
C GLN A 137 34.25 24.69 -29.22
N LYS A 138 34.50 25.99 -29.01
CA LYS A 138 35.56 26.72 -29.70
C LYS A 138 36.92 26.10 -29.34
N LEU A 139 37.12 25.67 -28.07
CA LEU A 139 38.39 25.03 -27.69
C LEU A 139 38.52 23.64 -28.26
N ALA A 140 37.40 22.91 -28.34
CA ALA A 140 37.37 21.56 -28.89
C ALA A 140 37.69 21.60 -30.40
N ASP A 141 37.09 22.55 -31.14
CA ASP A 141 37.32 22.74 -32.57
C ASP A 141 38.77 23.16 -32.84
N LYS A 142 39.33 24.01 -31.98
CA LYS A 142 40.71 24.45 -32.10
C LYS A 142 41.65 23.26 -31.95
N LYS A 143 41.39 22.38 -30.97
CA LYS A 143 42.23 21.21 -30.75
C LYS A 143 42.08 20.12 -31.83
N ALA A 144 40.83 19.76 -32.20
CA ALA A 144 40.54 18.73 -33.20
C ALA A 144 41.12 19.06 -34.59
N GLY A 145 41.02 20.32 -35.01
CA GLY A 145 41.55 20.73 -36.30
C GLY A 145 40.59 21.43 -37.24
N LYS A 146 41.10 21.82 -38.43
CA LYS A 146 40.31 22.51 -39.46
C LYS A 146 39.33 21.53 -40.09
N ASN A 147 38.02 21.82 -39.93
CA ASN A 147 36.89 21.03 -40.44
C ASN A 147 37.01 19.53 -40.12
N PHE A 148 37.19 19.20 -38.82
CA PHE A 148 37.34 17.82 -38.33
C PHE A 148 36.16 16.92 -38.74
N SER A 149 34.92 17.43 -38.62
CA SER A 149 33.70 16.70 -38.95
C SER A 149 33.58 16.34 -40.44
N ALA A 150 34.31 17.06 -41.30
CA ALA A 150 34.32 16.82 -42.74
C ALA A 150 35.45 15.84 -43.10
N LYS A 151 36.60 15.94 -42.40
CA LYS A 151 37.75 15.05 -42.60
C LYS A 151 37.56 13.67 -41.95
N ASN A 152 36.68 13.58 -40.93
CA ASN A 152 36.40 12.33 -40.22
C ASN A 152 34.87 12.17 -40.12
N PRO A 153 34.16 11.98 -41.27
CA PRO A 153 32.69 11.88 -41.24
C PRO A 153 32.11 10.92 -40.21
N GLY A 154 31.14 11.40 -39.46
CA GLY A 154 30.52 10.60 -38.41
C GLY A 154 31.10 10.88 -37.02
N LEU A 155 32.30 11.49 -36.97
CA LEU A 155 32.96 11.85 -35.72
C LEU A 155 32.70 13.31 -35.35
N SER A 156 32.61 13.58 -34.05
CA SER A 156 32.46 14.93 -33.54
C SER A 156 33.21 15.04 -32.22
N VAL A 157 33.65 16.23 -31.91
CA VAL A 157 34.46 16.50 -30.74
C VAL A 157 33.65 17.37 -29.71
N GLU A 158 33.85 17.15 -28.39
CA GLU A 158 33.13 17.92 -27.39
C GLU A 158 33.91 18.00 -26.09
N ILE A 159 34.03 19.18 -25.49
CA ILE A 159 34.71 19.33 -24.21
C ILE A 159 33.68 19.60 -23.12
N LYS A 160 33.76 18.88 -22.01
CA LYS A 160 32.88 19.12 -20.87
C LYS A 160 33.71 19.38 -19.62
N ALA A 161 33.19 20.21 -18.75
CA ALA A 161 33.74 20.53 -17.45
C ALA A 161 33.25 19.47 -16.47
N PHE A 162 34.09 19.16 -15.49
CA PHE A 162 33.84 18.20 -14.41
C PHE A 162 34.35 18.81 -13.14
N TYR A 163 33.83 18.34 -11.98
CA TYR A 163 34.26 18.81 -10.66
C TYR A 163 34.14 20.33 -10.55
N GLY A 164 33.04 20.88 -11.08
CA GLY A 164 32.79 22.32 -11.06
C GLY A 164 33.79 23.18 -11.82
N GLY A 165 34.47 22.62 -12.81
CA GLY A 165 35.46 23.36 -13.59
C GLY A 165 36.90 23.05 -13.23
N ASN A 166 37.13 21.99 -12.45
CA ASN A 166 38.50 21.60 -12.07
C ASN A 166 39.12 20.51 -12.94
N LEU A 167 38.33 19.92 -13.84
CA LEU A 167 38.79 18.88 -14.75
C LEU A 167 38.02 19.01 -16.05
N TYR A 168 38.68 18.85 -17.20
CA TYR A 168 37.99 18.93 -18.49
C TYR A 168 38.29 17.69 -19.31
N LEU A 169 37.29 17.11 -19.96
CA LEU A 169 37.51 15.96 -20.83
C LEU A 169 36.99 16.29 -22.23
N MET A 170 37.72 15.86 -23.26
CA MET A 170 37.30 15.97 -24.66
C MET A 170 36.86 14.60 -25.09
N PHE A 171 35.69 14.51 -25.67
CA PHE A 171 35.13 13.25 -26.12
C PHE A 171 35.06 13.28 -27.62
N THR A 172 35.50 12.19 -28.25
CA THR A 172 35.38 12.03 -29.69
C THR A 172 34.22 11.05 -29.83
N LYS A 173 33.15 11.52 -30.42
CA LYS A 173 31.91 10.75 -30.50
C LYS A 173 31.65 10.30 -31.93
N LYS A 174 31.09 9.12 -32.07
CA LYS A 174 30.71 8.60 -33.35
C LYS A 174 29.19 8.42 -33.30
N THR A 175 28.43 9.19 -34.11
CA THR A 175 26.98 9.16 -34.05
C THR A 175 26.38 8.47 -35.26
N TYR A 176 25.46 7.52 -35.03
CA TYR A 176 24.76 6.80 -36.10
C TYR A 176 23.30 7.19 -36.02
N THR A 177 22.72 7.60 -37.15
CA THR A 177 21.33 8.06 -37.14
C THR A 177 20.35 7.10 -37.82
N ASP A 178 20.84 6.02 -38.45
CA ASP A 178 19.98 5.00 -39.00
C ASP A 178 19.92 3.87 -37.94
N VAL A 179 18.97 3.97 -37.00
CA VAL A 179 18.87 2.96 -35.93
C VAL A 179 17.45 2.39 -36.02
N ARG A 180 17.34 1.12 -36.42
CA ARG A 180 16.05 0.52 -36.71
C ARG A 180 15.45 -0.35 -35.62
N LEU A 181 14.12 -0.30 -35.50
CA LEU A 181 13.40 -1.09 -34.53
C LEU A 181 13.46 -2.56 -34.95
N VAL A 182 13.88 -3.45 -34.05
CA VAL A 182 14.02 -4.86 -34.33
C VAL A 182 13.02 -5.71 -33.58
N GLY A 183 12.84 -5.39 -32.30
CA GLY A 183 11.95 -6.17 -31.46
C GLY A 183 11.53 -5.46 -30.19
N ALA A 184 10.33 -5.72 -29.74
CA ALA A 184 9.79 -5.12 -28.53
C ALA A 184 8.76 -6.05 -27.96
N PRO A 185 8.79 -6.27 -26.64
CA PRO A 185 7.72 -7.06 -26.03
C PRO A 185 6.43 -6.23 -26.03
N PRO A 186 5.25 -6.85 -25.79
CA PRO A 186 4.03 -6.03 -25.66
C PRO A 186 4.13 -5.09 -24.46
N SER A 187 3.33 -4.01 -24.42
CA SER A 187 3.37 -3.10 -23.26
C SER A 187 3.07 -3.80 -21.94
N SER A 188 2.31 -4.90 -21.97
CA SER A 188 1.99 -5.65 -20.77
C SER A 188 3.24 -6.21 -20.05
N ILE A 189 4.35 -6.40 -20.80
CA ILE A 189 5.61 -6.88 -20.26
C ILE A 189 6.60 -5.69 -20.11
N GLY A 190 6.72 -4.88 -21.17
CA GLY A 190 7.62 -3.73 -21.23
C GLY A 190 7.39 -2.67 -20.17
N LYS A 191 6.12 -2.44 -19.83
CA LYS A 191 5.74 -1.51 -18.77
C LYS A 191 4.69 -2.09 -17.84
N PHE A 192 4.88 -3.37 -17.44
CA PHE A 192 3.99 -4.13 -16.56
C PHE A 192 3.38 -3.39 -15.36
N GLY A 193 4.17 -2.66 -14.58
CA GLY A 193 3.61 -1.97 -13.42
C GLY A 193 2.93 -0.64 -13.74
N ALA A 194 3.20 -0.12 -14.95
CA ALA A 194 2.77 1.17 -15.47
C ALA A 194 3.22 2.29 -14.45
N ASP A 195 2.42 3.33 -14.06
CA ASP A 195 2.90 4.32 -13.09
C ASP A 195 2.74 3.85 -11.63
N THR A 196 1.95 2.77 -11.37
CA THR A 196 1.73 2.25 -10.00
C THR A 196 3.05 1.75 -9.40
N ASP A 197 3.82 1.01 -10.22
CA ASP A 197 5.08 0.47 -9.78
C ASP A 197 6.30 1.35 -10.14
N ASN A 198 6.08 2.61 -10.57
CA ASN A 198 7.20 3.53 -10.87
C ASN A 198 7.97 3.81 -9.57
N TRP A 199 9.30 3.73 -9.62
CA TRP A 199 10.18 3.89 -8.45
C TRP A 199 9.99 2.75 -7.43
N ILE A 200 9.35 1.62 -7.80
CA ILE A 200 9.08 0.57 -6.82
C ILE A 200 9.93 -0.69 -7.00
N TRP A 201 10.44 -1.16 -5.89
CA TRP A 201 11.07 -2.47 -5.75
C TRP A 201 10.32 -3.16 -4.60
N PRO A 202 9.89 -4.45 -4.69
CA PRO A 202 10.04 -5.40 -5.81
C PRO A 202 9.43 -4.93 -7.12
N ARG A 203 10.02 -5.35 -8.24
CA ARG A 203 9.54 -4.94 -9.54
C ARG A 203 9.46 -6.11 -10.49
N HIS A 204 8.45 -6.17 -11.38
CA HIS A 204 8.24 -7.33 -12.25
C HIS A 204 8.09 -6.99 -13.73
N THR A 205 8.68 -5.86 -14.13
CA THR A 205 8.59 -5.29 -15.47
C THR A 205 9.74 -5.74 -16.39
N GLY A 206 9.39 -6.27 -17.57
CA GLY A 206 10.35 -6.69 -18.59
C GLY A 206 10.68 -5.56 -19.54
N ASP A 207 11.25 -4.49 -18.94
CA ASP A 207 11.54 -3.23 -19.57
C ASP A 207 12.73 -3.29 -20.51
N PHE A 208 12.48 -3.81 -21.72
CA PHE A 208 13.47 -3.89 -22.78
C PHE A 208 12.83 -3.68 -24.17
N SER A 209 13.65 -3.26 -25.12
CA SER A 209 13.36 -3.11 -26.53
C SER A 209 14.68 -3.33 -27.31
N ILE A 210 14.57 -3.71 -28.58
CA ILE A 210 15.70 -4.10 -29.39
C ILE A 210 15.71 -3.29 -30.68
N PHE A 211 16.89 -2.74 -30.99
CA PHE A 211 17.14 -1.94 -32.16
C PHE A 211 18.37 -2.46 -32.91
N ARG A 212 18.72 -1.85 -34.06
CA ARG A 212 19.90 -2.23 -34.80
C ARG A 212 20.51 -1.02 -35.45
N ILE A 213 21.83 -0.88 -35.30
CA ILE A 213 22.54 0.22 -35.92
C ILE A 213 22.86 -0.15 -37.37
N TYR A 214 22.43 0.70 -38.30
CA TYR A 214 22.73 0.54 -39.71
C TYR A 214 23.77 1.60 -40.09
N ALA A 215 24.65 1.26 -41.03
CA ALA A 215 25.74 2.13 -41.47
C ALA A 215 26.03 1.93 -43.00
N ASP A 216 26.91 2.76 -43.61
CA ASP A 216 27.28 2.56 -45.00
C ASP A 216 28.15 1.27 -45.12
N LYS A 217 28.58 0.92 -46.35
CA LYS A 217 29.38 -0.27 -46.66
C LYS A 217 30.67 -0.39 -45.84
N ASN A 218 31.26 0.74 -45.43
CA ASN A 218 32.47 0.71 -44.62
C ASN A 218 32.22 0.80 -43.11
N GLY A 219 30.96 0.67 -42.68
CA GLY A 219 30.60 0.77 -41.27
C GLY A 219 30.66 2.18 -40.72
N ASN A 220 30.55 3.18 -41.60
CA ASN A 220 30.60 4.58 -41.21
C ASN A 220 29.19 5.13 -41.08
N PRO A 221 28.98 6.08 -40.16
CA PRO A 221 27.63 6.66 -40.00
C PRO A 221 27.05 7.22 -41.29
N ALA A 222 25.76 6.99 -41.47
CA ALA A 222 25.04 7.46 -42.64
C ALA A 222 23.56 7.63 -42.27
N PRO A 223 22.89 8.69 -42.76
CA PRO A 223 21.45 8.81 -42.48
C PRO A 223 20.68 7.66 -43.15
N TYR A 224 19.39 7.50 -42.81
CA TYR A 224 18.59 6.43 -43.40
C TYR A 224 18.67 6.36 -44.95
N SER A 225 18.96 5.16 -45.46
CA SER A 225 19.04 4.82 -46.87
C SER A 225 18.74 3.33 -47.00
N GLU A 226 17.92 2.95 -48.00
CA GLU A 226 17.63 1.53 -48.24
C GLU A 226 18.90 0.72 -48.57
N ASP A 227 20.01 1.40 -48.92
CA ASP A 227 21.32 0.81 -49.24
C ASP A 227 22.16 0.54 -47.98
N ASN A 228 21.75 1.03 -46.79
CA ASN A 228 22.51 0.83 -45.57
C ASN A 228 22.50 -0.62 -45.13
N VAL A 229 23.62 -1.04 -44.57
CA VAL A 229 23.91 -2.38 -44.12
C VAL A 229 24.15 -2.38 -42.58
N PRO A 230 23.81 -3.45 -41.84
CA PRO A 230 24.06 -3.45 -40.38
C PRO A 230 25.53 -3.14 -40.03
N LEU A 231 25.74 -2.44 -38.93
CA LEU A 231 27.07 -2.07 -38.49
C LEU A 231 27.79 -3.29 -37.93
N LYS A 232 29.09 -3.45 -38.24
CA LYS A 232 29.94 -4.48 -37.67
C LYS A 232 30.73 -3.74 -36.60
N PRO A 233 30.41 -3.92 -35.31
CA PRO A 233 31.08 -3.14 -34.26
C PRO A 233 32.47 -3.63 -33.87
N LYS A 234 33.24 -2.76 -33.17
CA LYS A 234 34.57 -3.03 -32.61
C LYS A 234 34.43 -4.07 -31.50
N ARG A 235 33.38 -3.92 -30.67
CA ARG A 235 33.10 -4.74 -29.50
C ARG A 235 31.58 -4.85 -29.27
N PHE A 236 31.16 -5.97 -28.69
CA PHE A 236 29.78 -6.21 -28.31
C PHE A 236 29.77 -7.10 -27.06
N PHE A 237 28.68 -7.05 -26.30
CA PHE A 237 28.58 -7.82 -25.07
C PHE A 237 28.24 -9.27 -25.33
N ASN A 238 28.87 -10.17 -24.59
CA ASN A 238 28.46 -11.58 -24.57
C ASN A 238 27.28 -11.63 -23.56
N ILE A 239 26.30 -12.51 -23.81
CA ILE A 239 25.16 -12.64 -22.90
C ILE A 239 25.43 -13.79 -21.93
N SER A 240 25.30 -13.57 -20.62
CA SER A 240 25.50 -14.68 -19.66
C SER A 240 24.18 -15.33 -19.34
N LEU A 241 24.16 -16.65 -19.23
CA LEU A 241 23.00 -17.37 -18.73
C LEU A 241 23.21 -17.92 -17.29
N GLY A 242 24.38 -17.64 -16.70
CA GLY A 242 24.74 -18.06 -15.35
C GLY A 242 23.94 -17.38 -14.24
N GLY A 243 23.20 -16.32 -14.60
CA GLY A 243 22.35 -15.60 -13.68
C GLY A 243 23.06 -14.86 -12.57
N VAL A 244 22.31 -14.54 -11.50
CA VAL A 244 22.83 -13.83 -10.36
C VAL A 244 22.45 -14.54 -9.06
N GLN A 245 23.23 -14.32 -8.02
CA GLN A 245 22.99 -14.79 -6.66
C GLN A 245 23.21 -13.59 -5.73
N GLU A 246 22.65 -13.65 -4.52
CA GLU A 246 22.83 -12.59 -3.53
C GLU A 246 24.33 -12.40 -3.24
N ASN A 247 24.79 -11.14 -3.25
CA ASN A 247 26.16 -10.72 -3.02
C ASN A 247 27.05 -10.80 -4.26
N ASP A 248 26.54 -11.22 -5.43
CA ASP A 248 27.37 -11.24 -6.64
C ASP A 248 27.80 -9.87 -7.04
N TYR A 249 29.02 -9.74 -7.56
CA TYR A 249 29.55 -8.50 -8.09
C TYR A 249 28.74 -8.10 -9.31
N ALA A 250 28.41 -6.83 -9.41
CA ALA A 250 27.72 -6.28 -10.58
C ALA A 250 28.29 -4.91 -10.89
N MET A 251 28.36 -4.57 -12.17
CA MET A 251 28.81 -3.24 -12.58
C MET A 251 28.01 -2.72 -13.74
N ILE A 252 27.94 -1.41 -13.87
CA ILE A 252 27.22 -0.74 -14.95
C ILE A 252 28.07 0.34 -15.57
N MET A 253 27.91 0.52 -16.87
CA MET A 253 28.43 1.63 -17.64
C MET A 253 27.20 2.32 -18.23
N GLY A 254 27.23 3.63 -18.30
CA GLY A 254 26.11 4.38 -18.84
C GLY A 254 26.27 5.87 -18.74
N PHE A 255 25.19 6.60 -18.99
CA PHE A 255 25.26 8.06 -19.04
C PHE A 255 24.38 8.72 -17.98
N PRO A 256 24.78 8.68 -16.69
CA PRO A 256 23.98 9.37 -15.67
C PRO A 256 23.93 10.86 -15.98
N GLY A 257 22.75 11.45 -15.88
CA GLY A 257 22.54 12.83 -16.26
C GLY A 257 22.98 13.87 -15.26
N THR A 258 22.39 13.89 -14.04
CA THR A 258 22.74 14.91 -13.06
C THR A 258 22.75 14.37 -11.63
N THR A 259 23.67 14.90 -10.81
CA THR A 259 23.69 14.63 -9.35
C THR A 259 24.07 15.96 -8.69
N HIS A 260 23.99 16.05 -7.37
CA HIS A 260 24.34 17.23 -6.63
C HIS A 260 25.11 16.77 -5.40
N ARG A 261 26.17 16.02 -5.63
CA ARG A 261 27.00 15.45 -4.57
C ARG A 261 27.79 16.49 -3.76
N TYR A 262 27.95 17.71 -4.30
CA TYR A 262 28.71 18.75 -3.62
C TYR A 262 27.86 19.89 -3.14
N PHE A 263 26.55 19.65 -2.91
CA PHE A 263 25.66 20.64 -2.30
C PHE A 263 26.20 21.02 -0.93
N THR A 264 26.01 22.28 -0.54
CA THR A 264 26.33 22.68 0.83
C THR A 264 25.12 22.21 1.68
N ALA A 265 25.23 22.26 3.01
CA ALA A 265 24.12 21.96 3.89
C ALA A 265 22.98 22.97 3.64
N SER A 266 23.32 24.25 3.34
CA SER A 266 22.32 25.26 3.03
C SER A 266 21.54 24.95 1.71
N GLU A 267 22.20 24.33 0.73
CA GLU A 267 21.54 23.94 -0.52
C GLU A 267 20.62 22.74 -0.28
N VAL A 268 20.98 21.83 0.66
CA VAL A 268 20.11 20.73 1.02
C VAL A 268 18.84 21.32 1.70
N ASP A 269 19.01 22.29 2.63
CA ASP A 269 17.88 22.92 3.34
C ASP A 269 16.93 23.61 2.35
N GLU A 270 17.50 24.29 1.37
CA GLU A 270 16.74 25.00 0.33
C GLU A 270 15.96 24.00 -0.54
N TRP A 271 16.61 22.91 -0.96
CA TRP A 271 16.01 21.85 -1.78
C TRP A 271 14.80 21.24 -1.06
N LYS A 272 14.95 21.01 0.24
CA LYS A 272 13.86 20.49 1.05
C LYS A 272 12.73 21.53 1.25
N SER A 273 13.05 22.70 1.83
CA SER A 273 12.05 23.64 2.34
C SER A 273 11.43 24.53 1.28
N ILE A 274 12.08 24.65 0.12
CA ILE A 274 11.49 25.43 -0.96
C ILE A 274 11.05 24.45 -2.07
N ASP A 275 12.00 23.95 -2.87
CA ASP A 275 11.76 23.08 -4.01
C ASP A 275 10.81 21.93 -3.71
N ASN A 276 11.18 21.04 -2.80
CA ASN A 276 10.42 19.85 -2.51
C ASN A 276 9.13 20.12 -1.75
N ASP A 277 9.16 20.88 -0.64
CA ASP A 277 7.90 21.14 0.10
C ASP A 277 6.84 21.84 -0.75
N ILE A 278 7.25 22.83 -1.57
CA ILE A 278 6.27 23.51 -2.43
C ILE A 278 5.74 22.57 -3.52
N ARG A 279 6.61 21.79 -4.16
CA ARG A 279 6.18 20.83 -5.19
C ARG A 279 5.21 19.80 -4.57
N ILE A 280 5.52 19.29 -3.37
CA ILE A 280 4.69 18.33 -2.66
C ILE A 280 3.34 18.95 -2.32
N ARG A 281 3.35 20.12 -1.65
CA ARG A 281 2.11 20.76 -1.24
C ARG A 281 1.23 21.13 -2.45
N MET A 282 1.82 21.76 -3.49
CA MET A 282 1.05 22.19 -4.65
C MET A 282 0.51 21.04 -5.47
N ARG A 283 1.33 20.00 -5.69
CA ARG A 283 0.88 18.84 -6.47
C ARG A 283 -0.13 18.02 -5.70
N ASP A 284 -0.03 17.97 -4.36
CA ASP A 284 -1.01 17.24 -3.56
C ASP A 284 -2.41 17.89 -3.71
N ILE A 285 -2.46 19.22 -3.78
CA ILE A 285 -3.72 19.93 -4.00
C ILE A 285 -4.27 19.68 -5.42
N ARG A 286 -3.42 19.83 -6.42
CA ARG A 286 -3.78 19.64 -7.83
C ARG A 286 -4.29 18.21 -8.07
N GLN A 287 -3.53 17.22 -7.58
CA GLN A 287 -3.81 15.79 -7.69
C GLN A 287 -5.10 15.38 -6.97
N GLY A 288 -5.35 15.92 -5.78
CA GLY A 288 -6.58 15.64 -5.05
C GLY A 288 -7.82 16.06 -5.81
N VAL A 289 -7.82 17.28 -6.37
CA VAL A 289 -8.98 17.76 -7.13
C VAL A 289 -9.16 16.93 -8.38
N MET A 290 -8.04 16.68 -9.09
CA MET A 290 -8.02 15.89 -10.31
C MET A 290 -8.53 14.46 -10.07
N LEU A 291 -8.06 13.79 -9.01
CA LEU A 291 -8.48 12.44 -8.68
C LEU A 291 -9.96 12.37 -8.36
N ARG A 292 -10.48 13.31 -7.54
CA ARG A 292 -11.93 13.35 -7.24
C ARG A 292 -12.76 13.48 -8.53
N GLU A 293 -12.32 14.32 -9.48
CA GLU A 293 -13.04 14.48 -10.74
C GLU A 293 -12.96 13.26 -11.64
N MET A 294 -11.82 12.57 -11.63
CA MET A 294 -11.63 11.37 -12.44
C MET A 294 -12.45 10.20 -11.91
N LEU A 295 -12.56 10.08 -10.57
CA LEU A 295 -13.35 9.02 -9.93
C LEU A 295 -14.87 9.22 -10.10
N ALA A 296 -15.32 10.47 -10.24
CA ALA A 296 -16.74 10.77 -10.39
C ALA A 296 -17.24 10.65 -11.82
N ASP A 297 -16.36 10.85 -12.81
CA ASP A 297 -16.75 10.82 -14.22
C ASP A 297 -15.74 10.01 -15.03
N PRO A 298 -16.18 8.85 -15.56
CA PRO A 298 -15.27 8.02 -16.38
C PRO A 298 -14.68 8.70 -17.61
N GLN A 299 -15.36 9.72 -18.14
CA GLN A 299 -14.86 10.45 -19.28
C GLN A 299 -13.72 11.37 -18.82
N ILE A 300 -13.84 12.00 -17.65
CA ILE A 300 -12.78 12.84 -17.05
C ILE A 300 -11.55 11.98 -16.73
N LYS A 301 -11.75 10.72 -16.29
CA LYS A 301 -10.66 9.80 -16.01
C LYS A 301 -9.84 9.53 -17.27
N ILE A 302 -10.52 9.33 -18.42
CA ILE A 302 -9.83 9.12 -19.69
C ILE A 302 -9.06 10.38 -20.11
N MET A 303 -9.70 11.55 -20.03
CA MET A 303 -9.06 12.81 -20.42
C MET A 303 -7.90 13.27 -19.53
N TYR A 304 -7.96 12.96 -18.23
CA TYR A 304 -6.97 13.45 -17.28
C TYR A 304 -5.96 12.42 -16.76
N SER A 305 -6.01 11.14 -17.19
CA SER A 305 -5.08 10.11 -16.69
C SER A 305 -3.61 10.40 -16.94
N ALA A 306 -3.27 10.84 -18.13
CA ALA A 306 -1.91 11.15 -18.50
C ALA A 306 -1.42 12.39 -17.73
N LYS A 307 -2.27 13.46 -17.64
CA LYS A 307 -1.92 14.67 -16.91
C LYS A 307 -1.69 14.37 -15.41
N TYR A 308 -2.54 13.51 -14.83
CA TYR A 308 -2.44 13.09 -13.44
C TYR A 308 -1.15 12.32 -13.21
N ALA A 309 -0.84 11.34 -14.10
CA ALA A 309 0.39 10.53 -14.00
C ALA A 309 1.62 11.41 -14.15
N ALA A 310 1.60 12.39 -15.07
CA ALA A 310 2.73 13.29 -15.28
C ALA A 310 3.01 14.15 -14.03
N SER A 311 1.97 14.55 -13.31
CA SER A 311 2.13 15.36 -12.11
C SER A 311 2.71 14.50 -10.97
N GLN A 312 2.23 13.24 -10.86
CA GLN A 312 2.62 12.28 -9.82
C GLN A 312 4.07 11.82 -9.85
N ASN A 313 4.68 11.67 -11.02
CA ASN A 313 6.05 11.17 -11.11
C ASN A 313 7.09 12.01 -10.30
N ALA A 314 7.17 13.34 -10.52
CA ALA A 314 8.10 14.18 -9.73
C ALA A 314 7.57 14.46 -8.32
N TYR A 315 6.26 14.30 -8.07
CA TYR A 315 5.67 14.42 -6.74
C TYR A 315 6.25 13.27 -5.87
N LYS A 316 6.22 12.03 -6.41
CA LYS A 316 6.78 10.86 -5.73
C LYS A 316 8.26 11.01 -5.48
N ARG A 317 9.02 11.51 -6.48
CA ARG A 317 10.45 11.75 -6.37
C ARG A 317 10.73 12.73 -5.23
N ALA A 318 9.96 13.84 -5.16
CA ALA A 318 10.11 14.82 -4.09
C ALA A 318 9.80 14.26 -2.71
N ILE A 319 8.83 13.33 -2.61
CA ILE A 319 8.48 12.65 -1.36
C ILE A 319 9.65 11.74 -0.96
N GLY A 320 10.18 10.98 -1.91
CA GLY A 320 11.30 10.09 -1.63
C GLY A 320 12.55 10.83 -1.20
N ALA A 321 12.82 11.99 -1.84
CA ALA A 321 14.00 12.85 -1.58
C ALA A 321 13.85 13.47 -0.20
N ASN A 322 12.64 13.96 0.14
CA ASN A 322 12.40 14.53 1.46
C ASN A 322 12.49 13.49 2.58
N TRP A 323 12.12 12.24 2.28
CA TRP A 323 12.28 11.16 3.26
C TRP A 323 13.77 10.96 3.59
N ALA A 324 14.65 11.01 2.56
CA ALA A 324 16.09 10.87 2.79
C ALA A 324 16.62 12.05 3.59
N ILE A 325 16.18 13.28 3.28
CA ILE A 325 16.65 14.45 4.01
C ILE A 325 16.26 14.35 5.49
N LYS A 326 15.05 13.91 5.75
CA LYS A 326 14.53 13.77 7.09
C LYS A 326 15.15 12.63 7.91
N THR A 327 15.41 11.48 7.27
CA THR A 327 15.83 10.28 7.99
C THR A 327 17.26 9.80 7.78
N ARG A 328 17.95 10.24 6.71
CA ARG A 328 19.28 9.73 6.40
C ARG A 328 20.43 10.70 6.64
N GLY A 329 20.14 11.83 7.27
CA GLY A 329 21.12 12.84 7.63
C GLY A 329 21.84 13.51 6.49
N LEU A 330 21.12 13.80 5.37
CA LEU A 330 21.79 14.40 4.21
C LEU A 330 22.39 15.76 4.54
N ARG A 331 21.64 16.61 5.24
CA ARG A 331 22.07 17.94 5.59
C ARG A 331 23.28 17.90 6.51
N GLN A 332 23.23 17.01 7.50
CA GLN A 332 24.31 16.81 8.47
C GLN A 332 25.58 16.32 7.80
N ASN A 333 25.48 15.41 6.82
CA ASN A 333 26.67 14.90 6.16
C ASN A 333 27.30 15.93 5.22
N LYS A 334 26.49 16.84 4.64
CA LYS A 334 27.05 17.93 3.83
C LYS A 334 27.76 18.93 4.76
N GLN A 335 27.15 19.21 5.94
CA GLN A 335 27.73 20.07 6.96
C GLN A 335 29.08 19.51 7.41
N ALA A 336 29.16 18.18 7.64
CA ALA A 336 30.42 17.57 8.09
C ALA A 336 31.51 17.65 6.99
N MET A 337 31.11 17.47 5.74
CA MET A 337 32.00 17.54 4.59
C MET A 337 32.61 18.95 4.50
N GLN A 338 31.77 20.00 4.65
CA GLN A 338 32.27 21.37 4.55
C GLN A 338 33.03 21.83 5.80
N ASP A 339 32.68 21.34 6.99
CA ASP A 339 33.43 21.70 8.21
C ASP A 339 34.83 21.09 8.18
N ARG A 340 34.96 19.89 7.60
CA ARG A 340 36.24 19.19 7.48
C ARG A 340 37.15 19.96 6.53
N LEU A 341 36.58 20.45 5.41
CA LEU A 341 37.39 21.24 4.46
C LEU A 341 37.85 22.56 5.08
N ILE A 342 36.95 23.23 5.83
CA ILE A 342 37.21 24.50 6.49
C ILE A 342 38.31 24.37 7.55
N ALA A 343 38.29 23.27 8.30
CA ALA A 343 39.31 23.02 9.33
C ALA A 343 40.66 22.75 8.68
N TRP A 344 40.66 22.00 7.58
CA TRP A 344 41.87 21.68 6.84
C TRP A 344 42.45 22.92 6.17
N GLY A 345 41.59 23.78 5.64
CA GLY A 345 41.99 25.02 4.99
C GLY A 345 42.64 25.97 5.97
N ALA A 346 42.10 26.05 7.19
CA ALA A 346 42.66 26.88 8.26
C ALA A 346 44.08 26.40 8.62
N LYS A 347 44.25 25.07 8.68
CA LYS A 347 45.53 24.44 8.95
C LYS A 347 46.55 24.71 7.80
N GLN A 348 46.08 24.66 6.52
CA GLN A 348 46.89 24.96 5.32
C GLN A 348 47.24 26.46 5.17
N GLY A 349 46.60 27.33 5.96
CA GLY A 349 46.79 28.77 5.85
C GLY A 349 46.05 29.39 4.68
N THR A 350 45.03 28.68 4.11
CA THR A 350 44.28 29.21 2.97
C THR A 350 42.81 29.34 3.31
N PRO A 351 42.35 30.58 3.50
CA PRO A 351 40.93 30.77 3.85
C PRO A 351 39.95 30.72 2.67
N ARG A 352 40.43 30.55 1.43
CA ARG A 352 39.55 30.60 0.26
C ARG A 352 38.41 29.56 0.25
N TYR A 353 38.58 28.41 0.91
CA TYR A 353 37.54 27.37 0.95
C TYR A 353 36.41 27.78 1.88
N GLU A 354 36.76 28.37 3.03
CA GLU A 354 35.75 28.85 3.96
C GLU A 354 34.99 30.05 3.35
N GLU A 355 35.71 30.92 2.63
CA GLU A 355 35.11 32.06 1.93
C GLU A 355 34.15 31.57 0.83
N ALA A 356 34.51 30.47 0.15
CA ALA A 356 33.67 29.89 -0.91
C ALA A 356 32.38 29.31 -0.32
N VAL A 357 32.47 28.58 0.79
CA VAL A 357 31.28 28.01 1.46
C VAL A 357 30.39 29.16 1.98
N HIS A 358 31.03 30.23 2.52
CA HIS A 358 30.30 31.40 2.99
C HIS A 358 29.55 32.07 1.82
N GLU A 359 30.18 32.18 0.64
CA GLU A 359 29.52 32.79 -0.51
C GLU A 359 28.29 32.02 -0.95
N ILE A 360 28.38 30.67 -0.90
CA ILE A 360 27.24 29.84 -1.27
C ILE A 360 26.11 30.03 -0.25
N ASP A 361 26.42 29.96 1.06
CA ASP A 361 25.42 30.16 2.11
C ASP A 361 24.75 31.54 2.00
N ALA A 362 25.53 32.61 1.82
CA ALA A 362 24.97 33.96 1.73
C ALA A 362 24.08 34.11 0.50
N THR A 363 24.46 33.49 -0.62
CA THR A 363 23.68 33.57 -1.86
C THR A 363 22.38 32.81 -1.69
N VAL A 364 22.44 31.61 -1.11
CA VAL A 364 21.25 30.80 -0.85
C VAL A 364 20.30 31.58 0.06
N ALA A 365 20.84 32.20 1.13
CA ALA A 365 20.02 32.99 2.07
C ALA A 365 19.40 34.21 1.39
N LYS A 366 20.18 34.92 0.55
CA LYS A 366 19.69 36.10 -0.14
C LYS A 366 18.54 35.80 -1.13
N ARG A 367 18.64 34.71 -1.88
CA ARG A 367 17.60 34.40 -2.89
C ARG A 367 16.37 33.68 -2.39
N ALA A 368 16.28 33.35 -1.09
CA ALA A 368 15.18 32.56 -0.54
C ALA A 368 13.77 33.06 -0.86
N ASP A 369 13.47 34.35 -0.64
CA ASP A 369 12.12 34.85 -0.88
C ASP A 369 11.75 34.79 -2.35
N LEU A 370 12.69 35.16 -3.22
CA LEU A 370 12.52 35.10 -4.66
C LEU A 370 12.32 33.63 -5.13
N ARG A 371 13.17 32.70 -4.65
CA ARG A 371 13.06 31.28 -5.02
C ARG A 371 11.72 30.68 -4.55
N ARG A 372 11.29 31.08 -3.36
CA ARG A 372 10.01 30.66 -2.79
C ARG A 372 8.87 31.19 -3.69
N ARG A 373 8.94 32.46 -4.10
CA ARG A 373 7.92 33.03 -5.00
C ARG A 373 7.91 32.34 -6.38
N TYR A 374 9.08 31.94 -6.88
CA TYR A 374 9.21 31.27 -8.17
C TYR A 374 8.60 29.86 -8.14
N TRP A 375 8.94 29.06 -7.12
CA TRP A 375 8.40 27.72 -7.00
C TRP A 375 6.89 27.77 -6.74
N MET A 376 6.45 28.73 -5.94
CA MET A 376 5.02 28.94 -5.65
C MET A 376 4.25 29.21 -6.96
N ILE A 377 4.75 30.09 -7.82
CA ILE A 377 4.06 30.39 -9.09
C ILE A 377 4.21 29.26 -10.11
N GLU A 378 5.39 28.62 -10.18
CA GLU A 378 5.61 27.55 -11.15
C GLU A 378 4.76 26.32 -10.82
N GLU A 379 4.79 25.86 -9.58
CA GLU A 379 3.99 24.71 -9.18
C GLU A 379 2.51 25.05 -9.04
N GLY A 380 2.24 26.21 -8.46
CA GLY A 380 0.87 26.63 -8.23
C GLY A 380 0.09 27.03 -9.45
N ILE A 381 0.72 27.75 -10.38
CA ILE A 381 -0.01 28.28 -11.55
C ILE A 381 0.52 27.79 -12.91
N ILE A 382 1.84 27.95 -13.20
CA ILE A 382 2.40 27.59 -14.49
C ILE A 382 2.15 26.13 -14.84
N ARG A 383 2.40 25.24 -13.90
CA ARG A 383 2.12 23.82 -14.07
C ARG A 383 0.72 23.48 -13.50
N GLY A 384 0.31 24.17 -12.45
CA GLY A 384 -0.90 23.83 -11.71
C GLY A 384 -2.24 24.13 -12.35
N ILE A 385 -2.33 25.22 -13.13
CA ILE A 385 -3.59 25.65 -13.73
C ILE A 385 -3.49 25.64 -15.26
N GLU A 386 -4.33 24.84 -15.93
CA GLU A 386 -4.28 24.72 -17.39
C GLU A 386 -4.55 26.01 -18.14
N PHE A 387 -5.47 26.86 -17.64
CA PHE A 387 -5.76 28.11 -18.36
C PHE A 387 -4.62 29.14 -18.22
N ALA A 388 -3.56 28.85 -17.43
CA ALA A 388 -2.37 29.70 -17.43
C ALA A 388 -1.69 29.57 -18.81
N ARG A 389 -1.81 28.39 -19.48
CA ARG A 389 -1.25 28.18 -20.82
C ARG A 389 -2.30 28.33 -21.91
N SER A 390 -3.28 29.22 -21.70
CA SER A 390 -4.28 29.53 -22.71
C SER A 390 -3.64 30.53 -23.71
N PRO A 391 -4.25 30.75 -24.90
CA PRO A 391 -3.61 31.64 -25.89
C PRO A 391 -3.40 33.11 -25.50
N ILE A 392 -2.18 33.59 -25.78
CA ILE A 392 -1.83 34.99 -25.59
C ILE A 392 -1.48 35.54 -26.99
N PRO A 393 -2.28 36.52 -27.47
CA PRO A 393 -2.01 37.07 -28.81
C PRO A 393 -0.60 37.64 -28.96
N THR A 394 0.17 37.14 -29.96
CA THR A 394 1.56 37.60 -30.21
C THR A 394 1.59 39.08 -30.64
N GLU A 395 2.77 39.76 -30.56
CA GLU A 395 2.90 41.18 -30.96
C GLU A 395 2.51 41.38 -32.42
N ASP A 396 2.93 40.44 -33.29
CA ASP A 396 2.61 40.44 -34.71
C ASP A 396 1.11 40.14 -34.96
N GLU A 397 0.46 39.38 -34.07
CA GLU A 397 -0.98 39.08 -34.18
C GLU A 397 -1.79 40.33 -33.78
N THR A 398 -1.35 41.03 -32.73
CA THR A 398 -1.99 42.26 -32.29
C THR A 398 -1.81 43.33 -33.39
N LYS A 399 -0.60 43.40 -34.00
CA LYS A 399 -0.33 44.35 -35.08
C LYS A 399 -1.17 44.00 -36.30
N ALA A 400 -1.30 42.70 -36.63
CA ALA A 400 -2.11 42.25 -37.76
C ALA A 400 -3.58 42.63 -37.58
N LEU A 401 -4.13 42.45 -36.36
CA LEU A 401 -5.55 42.77 -36.10
C LEU A 401 -5.82 44.28 -35.97
N GLN A 402 -4.78 45.11 -35.82
CA GLN A 402 -4.95 46.55 -35.67
C GLN A 402 -4.83 47.30 -37.02
N ASP A 405 -5.90 46.46 -40.83
CA ASP A 405 -6.43 46.61 -42.20
C ASP A 405 -5.64 45.78 -43.22
N ALA A 406 -6.15 44.55 -43.63
CA ALA A 406 -5.60 43.58 -44.61
C ALA A 406 -6.09 42.13 -44.31
N SER A 407 -5.84 41.14 -45.24
CA SER A 407 -6.11 39.70 -45.00
C SER A 407 -5.20 39.12 -43.87
N ALA A 408 -4.27 39.94 -43.33
CA ALA A 408 -3.41 39.60 -42.22
C ALA A 408 -4.24 39.35 -40.93
N ARG A 409 -5.43 40.00 -40.83
CA ARG A 409 -6.40 39.87 -39.76
C ARG A 409 -6.94 38.44 -39.68
N LYS A 410 -7.42 37.87 -40.79
CA LYS A 410 -7.93 36.49 -40.79
C LYS A 410 -6.83 35.45 -40.56
N GLU A 411 -5.58 35.78 -40.95
CA GLU A 411 -4.43 34.91 -40.75
C GLU A 411 -4.12 34.85 -39.25
N ALA A 412 -4.16 36.02 -38.56
CA ALA A 412 -3.91 36.11 -37.12
C ALA A 412 -5.03 35.37 -36.37
N ILE A 413 -6.28 35.55 -36.78
CA ILE A 413 -7.40 34.83 -36.18
C ILE A 413 -7.25 33.32 -36.36
N ASP A 414 -6.78 32.85 -37.53
CA ASP A 414 -6.57 31.42 -37.75
C ASP A 414 -5.47 30.87 -36.85
N LYS A 415 -4.41 31.67 -36.64
CA LYS A 415 -3.29 31.31 -35.78
C LYS A 415 -3.79 31.19 -34.33
N ILE A 416 -4.58 32.20 -33.85
CA ILE A 416 -5.17 32.23 -32.49
C ILE A 416 -6.12 31.05 -32.28
N ARG A 417 -6.90 30.72 -33.31
CA ARG A 417 -7.84 29.60 -33.29
C ARG A 417 -7.08 28.28 -33.11
N THR A 418 -5.98 28.11 -33.84
CA THR A 418 -5.16 26.91 -33.75
C THR A 418 -4.64 26.67 -32.34
N ARG A 419 -4.15 27.74 -31.69
CA ARG A 419 -3.67 27.67 -30.33
C ARG A 419 -4.82 27.45 -29.35
N TYR A 420 -6.01 28.02 -29.62
CA TYR A 420 -7.17 27.80 -28.76
C TYR A 420 -7.58 26.32 -28.82
N SER A 421 -7.58 25.75 -30.02
CA SER A 421 -7.93 24.35 -30.26
C SER A 421 -6.96 23.38 -29.60
N LYS A 422 -5.68 23.78 -29.46
CA LYS A 422 -4.67 22.97 -28.79
C LYS A 422 -4.83 23.10 -27.24
N PHE A 423 -5.30 24.24 -26.75
CA PHE A 423 -5.54 24.45 -25.32
C PHE A 423 -6.83 23.70 -24.92
N ALA A 424 -7.95 24.01 -25.58
CA ALA A 424 -9.22 23.36 -25.31
C ALA A 424 -9.34 22.11 -26.19
N ASN A 425 -8.39 21.16 -26.07
CA ASN A 425 -8.41 19.95 -26.88
C ASN A 425 -9.39 18.88 -26.31
N LYS A 426 -9.42 17.66 -26.90
CA LYS A 426 -10.28 16.56 -26.50
C LYS A 426 -10.08 16.12 -25.04
N ASP A 427 -8.92 16.45 -24.43
CA ASP A 427 -8.64 16.10 -23.04
C ASP A 427 -8.79 17.28 -22.06
N TYR A 428 -9.22 18.45 -22.54
CA TYR A 428 -9.37 19.59 -21.66
C TYR A 428 -10.79 19.73 -21.16
N SER A 429 -10.93 19.93 -19.87
CA SER A 429 -12.25 20.17 -19.27
C SER A 429 -12.17 21.51 -18.53
N ALA A 430 -12.97 22.49 -18.97
CA ALA A 430 -13.04 23.81 -18.34
C ALA A 430 -13.60 23.70 -16.90
N GLU A 431 -14.51 22.74 -16.65
CA GLU A 431 -15.07 22.53 -15.32
C GLU A 431 -14.05 21.93 -14.37
N VAL A 432 -13.25 20.97 -14.86
CA VAL A 432 -12.18 20.40 -14.05
C VAL A 432 -11.12 21.47 -13.79
N ASP A 433 -10.77 22.24 -14.81
CA ASP A 433 -9.79 23.30 -14.68
C ASP A 433 -10.20 24.42 -13.73
N LYS A 434 -11.47 24.85 -13.75
CA LYS A 434 -11.95 25.84 -12.78
C LYS A 434 -11.82 25.31 -11.36
N LYS A 435 -12.20 24.04 -11.11
CA LYS A 435 -12.10 23.45 -9.78
C LYS A 435 -10.64 23.36 -9.32
N VAL A 436 -9.74 22.91 -10.20
CA VAL A 436 -8.31 22.86 -9.88
C VAL A 436 -7.78 24.30 -9.60
N ALA A 437 -8.15 25.27 -10.43
CA ALA A 437 -7.70 26.66 -10.27
C ALA A 437 -8.17 27.28 -8.99
N VAL A 438 -9.43 27.02 -8.59
CA VAL A 438 -9.95 27.56 -7.33
C VAL A 438 -9.11 27.07 -6.13
N ALA A 439 -8.79 25.76 -6.10
CA ALA A 439 -7.99 25.20 -5.01
C ALA A 439 -6.51 25.69 -5.08
N MET A 440 -5.93 25.71 -6.28
CA MET A 440 -4.53 26.13 -6.44
C MET A 440 -4.34 27.59 -6.09
N LEU A 441 -5.25 28.45 -6.58
CA LEU A 441 -5.20 29.89 -6.32
C LEU A 441 -5.48 30.20 -4.89
N THR A 442 -6.38 29.45 -4.22
CA THR A 442 -6.65 29.67 -2.79
C THR A 442 -5.35 29.47 -1.97
N GLU A 443 -4.58 28.42 -2.29
CA GLU A 443 -3.32 28.16 -1.61
C GLU A 443 -2.26 29.24 -1.97
N TYR A 444 -2.19 29.61 -3.27
CA TYR A 444 -1.26 30.61 -3.77
C TYR A 444 -1.47 31.98 -3.14
N LEU A 445 -2.73 32.42 -3.02
CA LEU A 445 -3.11 33.70 -2.41
C LEU A 445 -2.86 33.72 -0.90
N LYS A 446 -2.97 32.55 -0.24
CA LYS A 446 -2.65 32.41 1.17
C LYS A 446 -1.12 32.59 1.39
N GLU A 447 -0.29 32.17 0.42
CA GLU A 447 1.16 32.20 0.55
C GLU A 447 1.87 33.42 0.01
N ILE A 448 1.32 34.03 -1.04
CA ILE A 448 1.95 35.16 -1.71
C ILE A 448 1.24 36.47 -1.38
N PRO A 449 1.95 37.43 -0.77
CA PRO A 449 1.30 38.70 -0.41
C PRO A 449 0.88 39.53 -1.62
N TYR A 450 -0.14 40.39 -1.45
CA TYR A 450 -0.70 41.28 -2.47
C TYR A 450 0.37 42.01 -3.31
N GLU A 451 1.36 42.62 -2.65
CA GLU A 451 2.43 43.36 -3.35
C GLU A 451 3.34 42.45 -4.20
N ASN A 452 3.31 41.14 -3.97
CA ASN A 452 4.10 40.19 -4.75
C ASN A 452 3.24 39.37 -5.75
N LEU A 453 1.94 39.65 -5.84
CA LEU A 453 1.04 38.91 -6.73
C LEU A 453 1.22 39.32 -8.17
N PRO A 454 0.98 38.39 -9.13
CA PRO A 454 0.87 38.81 -10.53
C PRO A 454 -0.31 39.81 -10.64
N LEU A 455 -0.13 40.91 -11.40
CA LEU A 455 -1.10 42.03 -11.49
C LEU A 455 -2.57 41.61 -11.52
N HIS A 456 -2.98 40.68 -12.39
CA HIS A 456 -4.36 40.26 -12.50
C HIS A 456 -4.93 39.62 -11.23
N LEU A 457 -4.12 38.87 -10.47
CA LEU A 457 -4.56 38.21 -9.25
C LEU A 457 -4.93 39.18 -8.12
N ARG A 458 -4.47 40.44 -8.21
CA ARG A 458 -4.86 41.50 -7.27
C ARG A 458 -6.38 41.73 -7.33
N LEU A 459 -7.02 41.46 -8.49
CA LEU A 459 -8.46 41.60 -8.68
C LEU A 459 -9.26 40.71 -7.72
N VAL A 460 -8.66 39.61 -7.19
CA VAL A 460 -9.39 38.75 -6.25
C VAL A 460 -9.78 39.55 -5.01
N LYS A 461 -8.86 40.37 -4.51
CA LYS A 461 -9.13 41.21 -3.33
C LYS A 461 -9.86 42.50 -3.74
N ASP A 462 -9.38 43.18 -4.77
CA ASP A 462 -9.92 44.47 -5.20
C ASP A 462 -11.32 44.46 -5.82
N ARG A 463 -11.59 43.49 -6.69
CA ARG A 463 -12.84 43.44 -7.43
C ARG A 463 -13.79 42.34 -6.94
N PHE A 464 -13.26 41.19 -6.49
CA PHE A 464 -14.14 40.06 -6.13
C PHE A 464 -14.29 39.82 -4.63
N ALA A 465 -13.90 40.80 -3.79
CA ALA A 465 -14.02 40.70 -2.33
C ALA A 465 -13.47 39.41 -1.72
N GLY A 466 -12.33 38.94 -2.25
CA GLY A 466 -11.67 37.72 -1.79
C GLY A 466 -12.29 36.42 -2.27
N ASP A 467 -13.34 36.48 -3.09
CA ASP A 467 -14.02 35.28 -3.59
C ASP A 467 -13.26 34.73 -4.81
N VAL A 468 -12.45 33.66 -4.60
CA VAL A 468 -11.65 33.03 -5.64
C VAL A 468 -12.53 32.36 -6.68
N GLN A 469 -13.59 31.69 -6.24
CA GLN A 469 -14.55 31.03 -7.13
C GLN A 469 -15.17 32.04 -8.11
N ALA A 470 -15.60 33.22 -7.63
CA ALA A 470 -16.19 34.25 -8.46
C ALA A 470 -15.21 34.80 -9.48
N TYR A 471 -13.96 34.96 -9.07
CA TYR A 471 -12.90 35.46 -9.94
C TYR A 471 -12.68 34.49 -11.11
N VAL A 472 -12.61 33.18 -10.81
CA VAL A 472 -12.38 32.12 -11.80
C VAL A 472 -13.61 31.99 -12.68
N ASP A 473 -14.83 32.06 -12.09
CA ASP A 473 -16.09 32.01 -12.83
C ASP A 473 -16.15 33.13 -13.84
N ASP A 474 -15.76 34.34 -13.43
CA ASP A 474 -15.79 35.52 -14.29
C ASP A 474 -14.82 35.39 -15.48
N ILE A 475 -13.63 34.79 -15.24
CA ILE A 475 -12.62 34.56 -16.29
C ILE A 475 -13.23 33.73 -17.42
N PHE A 476 -13.90 32.64 -17.08
CA PHE A 476 -14.52 31.78 -18.08
C PHE A 476 -15.79 32.34 -18.70
N ALA A 477 -16.64 33.03 -17.90
CA ALA A 477 -17.89 33.59 -18.41
C ALA A 477 -17.66 34.71 -19.41
N ARG A 478 -16.64 35.54 -19.17
CA ARG A 478 -16.37 36.69 -20.03
C ARG A 478 -15.24 36.50 -21.04
N SER A 479 -14.46 35.42 -20.93
CA SER A 479 -13.34 35.24 -21.85
C SER A 479 -13.73 34.67 -23.18
N VAL A 480 -13.03 35.15 -24.19
CA VAL A 480 -13.04 34.71 -25.58
C VAL A 480 -12.60 33.21 -25.64
N PHE A 481 -11.79 32.74 -24.69
CA PHE A 481 -11.36 31.34 -24.64
C PHE A 481 -12.10 30.51 -23.57
N GLY A 482 -13.20 31.02 -23.02
CA GLY A 482 -13.98 30.35 -22.00
C GLY A 482 -14.84 29.20 -22.52
N SER A 483 -15.15 29.20 -23.81
CA SER A 483 -15.93 28.17 -24.48
C SER A 483 -15.78 28.34 -26.00
N GLU A 484 -16.21 27.34 -26.78
CA GLU A 484 -16.11 27.38 -28.22
C GLU A 484 -17.01 28.47 -28.79
N ALA A 485 -18.24 28.59 -28.28
CA ALA A 485 -19.21 29.59 -28.76
C ALA A 485 -18.70 31.01 -28.48
N GLN A 486 -18.02 31.21 -27.34
CA GLN A 486 -17.45 32.52 -26.99
C GLN A 486 -16.27 32.86 -27.90
N PHE A 487 -15.48 31.86 -28.30
CA PHE A 487 -14.38 32.08 -29.21
C PHE A 487 -14.90 32.41 -30.58
N ASP A 488 -15.91 31.66 -31.06
CA ASP A 488 -16.50 31.88 -32.37
C ASP A 488 -17.18 33.22 -32.48
N ALA A 489 -17.80 33.70 -31.39
CA ALA A 489 -18.40 35.04 -31.39
C ALA A 489 -17.29 36.09 -31.55
N PHE A 490 -16.13 35.87 -30.90
CA PHE A 490 -14.99 36.77 -31.04
C PHE A 490 -14.41 36.70 -32.48
N ALA A 491 -14.20 35.49 -33.00
CA ALA A 491 -13.64 35.28 -34.34
C ALA A 491 -14.47 35.91 -35.44
N ALA A 492 -15.79 36.05 -35.23
CA ALA A 492 -16.66 36.68 -36.22
C ALA A 492 -16.50 38.19 -36.23
N VAL A 493 -16.30 38.81 -35.04
CA VAL A 493 -16.10 40.27 -34.92
C VAL A 493 -14.87 40.54 -34.04
N PRO A 494 -13.65 40.26 -34.55
CA PRO A 494 -12.47 40.42 -33.71
C PRO A 494 -11.92 41.84 -33.61
N SER A 495 -11.44 42.19 -32.42
CA SER A 495 -10.83 43.49 -32.19
C SER A 495 -9.70 43.35 -31.19
N VAL A 496 -8.61 44.12 -31.38
CA VAL A 496 -7.47 44.10 -30.46
C VAL A 496 -7.92 44.51 -29.05
N GLU A 497 -8.94 45.38 -28.95
CA GLU A 497 -9.56 45.91 -27.75
C GLU A 497 -10.17 44.82 -26.91
N LYS A 498 -10.82 43.83 -27.56
CA LYS A 498 -11.45 42.71 -26.88
C LYS A 498 -10.39 41.79 -26.26
N LEU A 499 -9.27 41.59 -26.98
CA LEU A 499 -8.18 40.75 -26.51
C LEU A 499 -7.41 41.44 -25.39
N ALA A 500 -7.21 42.76 -25.48
CA ALA A 500 -6.49 43.55 -24.48
C ALA A 500 -7.15 43.53 -23.09
N GLU A 501 -8.48 43.44 -23.04
CA GLU A 501 -9.20 43.40 -21.77
C GLU A 501 -9.74 41.99 -21.41
N ASP A 502 -9.43 40.97 -22.23
CA ASP A 502 -9.90 39.61 -21.96
C ASP A 502 -9.34 39.10 -20.61
N PRO A 503 -10.23 38.69 -19.68
CA PRO A 503 -9.76 38.24 -18.36
C PRO A 503 -8.82 37.03 -18.38
N MET A 504 -9.01 36.09 -19.32
CA MET A 504 -8.13 34.93 -19.40
C MET A 504 -6.79 35.32 -20.01
N VAL A 505 -6.79 36.22 -21.02
CA VAL A 505 -5.55 36.71 -21.62
C VAL A 505 -4.73 37.47 -20.56
N LEU A 506 -5.39 38.34 -19.79
CA LEU A 506 -4.78 39.14 -18.72
C LEU A 506 -4.22 38.27 -17.62
N PHE A 507 -4.96 37.19 -17.23
CA PHE A 507 -4.47 36.25 -16.23
C PHE A 507 -3.17 35.58 -16.74
N ALA A 508 -3.23 34.94 -17.92
CA ALA A 508 -2.12 34.21 -18.51
C ALA A 508 -0.90 35.10 -18.68
N SER A 509 -1.10 36.33 -19.20
CA SER A 509 -0.06 37.34 -19.40
C SER A 509 0.55 37.73 -18.08
N SER A 510 -0.25 38.09 -17.07
CA SER A 510 0.22 38.48 -15.73
C SER A 510 1.04 37.38 -15.04
N VAL A 511 0.58 36.13 -15.07
CA VAL A 511 1.29 35.05 -14.38
C VAL A 511 2.58 34.69 -15.13
N PHE A 512 2.56 34.76 -16.47
CA PHE A 512 3.79 34.49 -17.22
C PHE A 512 4.79 35.64 -17.06
N ASP A 513 4.29 36.89 -16.93
CA ASP A 513 5.13 38.06 -16.71
C ASP A 513 5.83 37.93 -15.38
N GLU A 514 5.10 37.54 -14.34
CA GLU A 514 5.68 37.39 -13.00
C GLU A 514 6.69 36.24 -12.96
N TYR A 515 6.36 35.14 -13.62
CA TYR A 515 7.20 33.95 -13.74
C TYR A 515 8.55 34.30 -14.40
N ARG A 516 8.52 35.09 -15.49
CA ARG A 516 9.72 35.52 -16.20
C ARG A 516 10.52 36.54 -15.41
N LYS A 517 9.83 37.46 -14.72
CA LYS A 517 10.48 38.45 -13.89
C LYS A 517 11.26 37.75 -12.73
N LEU A 518 10.63 36.74 -12.08
CA LEU A 518 11.26 36.03 -10.99
C LEU A 518 12.47 35.25 -11.49
N TYR A 519 12.33 34.59 -12.65
CA TYR A 519 13.42 33.86 -13.28
C TYR A 519 14.62 34.82 -13.58
N ASN A 520 14.34 36.01 -14.11
CA ASN A 520 15.37 37.00 -14.42
C ASN A 520 16.06 37.56 -13.18
N GLU A 521 15.30 37.77 -12.10
CA GLU A 521 15.88 38.25 -10.86
C GLU A 521 16.69 37.14 -10.15
N LEU A 522 16.31 35.87 -10.32
CA LEU A 522 17.01 34.75 -9.67
C LEU A 522 18.25 34.28 -10.42
N ARG A 523 18.22 34.34 -11.76
CA ARG A 523 19.32 33.89 -12.62
C ARG A 523 20.71 34.42 -12.20
N PRO A 524 20.91 35.71 -11.88
CA PRO A 524 22.25 36.16 -11.45
C PRO A 524 22.83 35.43 -10.24
N TYR A 525 21.97 34.88 -9.35
CA TYR A 525 22.44 34.17 -8.16
C TYR A 525 23.14 32.86 -8.47
N ASP A 526 22.94 32.28 -9.66
CA ASP A 526 23.58 31.02 -10.00
C ASP A 526 25.10 31.16 -10.15
N ASP A 527 25.55 32.26 -10.76
CA ASP A 527 26.98 32.47 -11.05
C ASP A 527 27.88 32.53 -9.80
N PRO A 528 27.58 33.32 -8.74
CA PRO A 528 28.47 33.29 -7.56
C PRO A 528 28.53 31.92 -6.91
N ILE A 529 27.42 31.14 -6.95
CA ILE A 529 27.41 29.79 -6.40
C ILE A 529 28.32 28.91 -7.26
N LEU A 530 28.15 28.94 -8.58
CA LEU A 530 29.01 28.17 -9.49
C LEU A 530 30.51 28.49 -9.32
N ARG A 531 30.90 29.78 -9.25
CA ARG A 531 32.31 30.14 -9.08
C ARG A 531 32.83 29.68 -7.73
N ALA A 532 32.01 29.81 -6.65
CA ALA A 532 32.44 29.35 -5.34
C ALA A 532 32.52 27.81 -5.29
N GLN A 533 31.70 27.10 -6.08
CA GLN A 533 31.75 25.64 -6.14
C GLN A 533 33.05 25.17 -6.79
N ARG A 534 33.58 25.92 -7.77
CA ARG A 534 34.89 25.57 -8.38
C ARG A 534 35.97 25.57 -7.27
N THR A 535 35.97 26.58 -6.38
CA THR A 535 36.93 26.65 -5.27
C THR A 535 36.66 25.55 -4.25
N TYR A 536 35.39 25.38 -3.86
CA TYR A 536 34.95 24.37 -2.91
C TYR A 536 35.38 22.93 -3.33
N ILE A 537 35.07 22.53 -4.56
CA ILE A 537 35.39 21.19 -5.05
C ILE A 537 36.89 21.03 -5.25
N ALA A 538 37.60 22.12 -5.64
CA ALA A 538 39.08 22.04 -5.75
C ALA A 538 39.70 21.75 -4.39
N GLY A 539 39.16 22.35 -3.34
CA GLY A 539 39.64 22.09 -1.99
C GLY A 539 39.36 20.67 -1.55
N LEU A 540 38.13 20.15 -1.82
CA LEU A 540 37.77 18.79 -1.47
C LEU A 540 38.69 17.80 -2.17
N LEU A 541 39.00 18.04 -3.44
CA LEU A 541 39.90 17.20 -4.23
C LEU A 541 41.36 17.26 -3.75
N GLU A 542 41.83 18.46 -3.40
CA GLU A 542 43.19 18.62 -2.88
C GLU A 542 43.31 17.94 -1.52
N MET A 543 42.25 18.02 -0.69
CA MET A 543 42.25 17.44 0.63
C MET A 543 42.10 15.91 0.65
N ASP A 544 41.04 15.37 0.05
CA ASP A 544 40.78 13.93 0.13
C ASP A 544 41.00 13.15 -1.17
N GLY A 545 41.51 13.80 -2.20
CA GLY A 545 41.80 13.16 -3.47
C GLY A 545 40.60 12.79 -4.32
N ASP A 546 40.86 12.63 -5.65
CA ASP A 546 39.91 12.21 -6.68
C ASP A 546 39.97 10.68 -6.71
N GLN A 547 39.64 10.10 -5.57
CA GLN A 547 39.70 8.65 -5.42
C GLN A 547 38.43 8.16 -4.78
N ASP A 548 37.92 8.86 -3.75
CA ASP A 548 36.67 8.42 -3.10
C ASP A 548 35.48 9.42 -3.23
N GLN A 549 35.64 10.51 -4.04
CA GLN A 549 34.62 11.51 -4.38
C GLN A 549 34.59 11.65 -5.90
N PHE A 550 33.50 11.18 -6.48
CA PHE A 550 33.26 11.13 -7.92
C PHE A 550 32.80 12.50 -8.43
N PRO A 551 33.03 12.81 -9.72
CA PRO A 551 32.53 14.09 -10.23
C PRO A 551 31.03 14.00 -10.46
N ASP A 552 30.28 15.09 -10.20
CA ASP A 552 28.82 15.08 -10.46
C ASP A 552 28.51 14.57 -11.90
N ALA A 553 27.44 13.82 -12.06
CA ALA A 553 27.01 13.32 -13.35
C ALA A 553 26.71 14.52 -14.27
N ASN A 554 27.02 14.41 -15.57
CA ASN A 554 26.79 15.50 -16.53
C ASN A 554 26.53 14.94 -17.92
N LEU A 555 25.81 13.79 -18.01
CA LEU A 555 25.48 13.08 -19.24
C LEU A 555 26.73 12.60 -20.00
N THR A 556 27.71 12.14 -19.25
CA THR A 556 28.93 11.55 -19.82
C THR A 556 29.04 10.11 -19.31
N LEU A 557 29.80 9.29 -20.05
CA LEU A 557 29.99 7.87 -19.77
C LEU A 557 30.69 7.67 -18.43
N ARG A 558 30.05 6.88 -17.57
CA ARG A 558 30.56 6.56 -16.26
C ARG A 558 30.37 5.08 -15.98
N PHE A 559 31.11 4.58 -14.98
CA PHE A 559 30.94 3.23 -14.52
C PHE A 559 30.64 3.27 -13.01
N THR A 560 29.89 2.31 -12.54
CA THR A 560 29.54 2.12 -11.14
C THR A 560 29.57 0.64 -10.86
N TYR A 561 29.92 0.26 -9.65
CA TYR A 561 29.98 -1.15 -9.28
C TYR A 561 29.36 -1.36 -7.89
N GLY A 562 28.92 -2.59 -7.64
CA GLY A 562 28.31 -2.96 -6.38
C GLY A 562 27.99 -4.45 -6.36
N GLN A 563 26.93 -4.79 -5.63
CA GLN A 563 26.52 -6.18 -5.50
C GLN A 563 25.03 -6.37 -5.73
N VAL A 564 24.63 -7.56 -6.12
CA VAL A 564 23.23 -7.95 -6.25
C VAL A 564 22.77 -8.15 -4.79
N LYS A 565 21.88 -7.28 -4.32
CA LYS A 565 21.51 -7.28 -2.90
C LYS A 565 20.19 -6.58 -2.67
N GLY A 566 19.36 -7.18 -1.84
CA GLY A 566 18.10 -6.55 -1.43
C GLY A 566 18.33 -5.60 -0.27
N TYR A 567 17.25 -5.25 0.46
CA TYR A 567 17.33 -4.30 1.57
C TYR A 567 16.05 -4.34 2.40
N SER A 568 16.10 -3.79 3.63
CA SER A 568 14.97 -3.67 4.53
C SER A 568 14.41 -2.27 4.42
N PRO A 569 13.21 -2.10 3.83
CA PRO A 569 12.62 -0.76 3.68
C PRO A 569 12.12 -0.14 5.01
N ARG A 570 11.76 -1.00 5.98
CA ARG A 570 11.20 -0.63 7.27
C ARG A 570 11.25 -1.82 8.23
N ASP A 571 10.94 -1.56 9.51
CA ASP A 571 10.94 -2.54 10.59
C ASP A 571 10.26 -3.85 10.22
N ASN A 572 10.99 -4.97 10.35
CA ASN A 572 10.47 -6.32 10.11
C ASN A 572 10.09 -6.65 8.65
N VAL A 573 10.52 -5.84 7.69
CA VAL A 573 10.25 -6.08 6.28
C VAL A 573 11.54 -6.20 5.49
N TYR A 574 11.65 -7.23 4.64
CA TYR A 574 12.80 -7.37 3.78
C TYR A 574 12.38 -7.58 2.35
N TYR A 575 13.04 -6.89 1.41
CA TYR A 575 12.81 -7.08 -0.01
C TYR A 575 14.10 -7.74 -0.51
N GLY A 576 14.00 -8.94 -1.07
CA GLY A 576 15.16 -9.65 -1.58
C GLY A 576 15.78 -9.05 -2.84
N HIS A 577 16.83 -9.71 -3.32
CA HIS A 577 17.58 -9.27 -4.46
C HIS A 577 16.96 -9.67 -5.79
N GLN A 578 16.01 -10.61 -5.83
CA GLN A 578 15.50 -11.13 -7.10
C GLN A 578 13.98 -11.37 -7.14
N THR A 579 13.30 -10.90 -8.21
CA THR A 579 11.89 -11.20 -8.42
C THR A 579 11.76 -12.29 -9.50
N THR A 580 10.63 -12.99 -9.49
CA THR A 580 10.38 -14.10 -10.40
C THR A 580 9.07 -13.91 -11.17
N LEU A 581 8.83 -14.78 -12.19
CA LEU A 581 7.62 -14.77 -12.99
C LEU A 581 6.34 -15.02 -12.16
N ASP A 582 6.51 -15.71 -11.05
CA ASP A 582 5.48 -15.98 -10.05
C ASP A 582 4.91 -14.64 -9.52
N GLY A 583 5.79 -13.64 -9.35
CA GLY A 583 5.39 -12.32 -8.89
C GLY A 583 4.58 -11.53 -9.90
N VAL A 584 4.77 -11.81 -11.17
CA VAL A 584 3.99 -11.22 -12.27
C VAL A 584 2.56 -11.78 -12.14
N MET A 585 2.45 -13.12 -11.98
CA MET A 585 1.17 -13.82 -11.84
C MET A 585 0.40 -13.39 -10.58
N GLU A 586 1.11 -13.15 -9.47
CA GLU A 586 0.47 -12.66 -8.25
C GLU A 586 -0.17 -11.28 -8.47
N LYS A 587 0.46 -10.44 -9.33
CA LYS A 587 0.00 -9.09 -9.62
C LYS A 587 -1.07 -8.99 -10.71
N GLU A 588 -1.32 -10.07 -11.47
CA GLU A 588 -2.31 -10.06 -12.56
C GLU A 588 -3.69 -9.54 -12.15
N ASP A 589 -4.23 -8.61 -12.95
CA ASP A 589 -5.55 -8.03 -12.73
C ASP A 589 -6.09 -7.71 -14.11
N PRO A 590 -7.01 -8.53 -14.63
CA PRO A 590 -7.52 -8.26 -15.99
C PRO A 590 -8.33 -6.97 -16.12
N ASP A 591 -8.94 -6.49 -15.03
CA ASP A 591 -9.71 -5.25 -15.05
C ASP A 591 -8.89 -4.05 -14.56
N ASN A 592 -7.58 -4.06 -14.84
CA ASN A 592 -6.63 -3.01 -14.52
C ASN A 592 -5.58 -3.10 -15.62
N TRP A 593 -5.65 -2.20 -16.61
CA TRP A 593 -4.75 -2.16 -17.78
C TRP A 593 -3.28 -2.22 -17.43
N GLU A 594 -2.92 -1.69 -16.25
CA GLU A 594 -1.56 -1.69 -15.75
C GLU A 594 -1.04 -3.10 -15.45
N PHE A 595 -1.91 -4.01 -14.95
CA PHE A 595 -1.46 -5.34 -14.56
C PHE A 595 -2.03 -6.49 -15.38
N VAL A 596 -2.24 -6.28 -16.71
CA VAL A 596 -2.69 -7.37 -17.57
C VAL A 596 -1.48 -8.22 -17.95
N VAL A 597 -1.63 -9.54 -17.99
CA VAL A 597 -0.52 -10.45 -18.29
C VAL A 597 -0.72 -11.07 -19.67
N ASP A 598 0.30 -10.97 -20.53
CA ASP A 598 0.29 -11.52 -21.88
C ASP A 598 0.01 -13.03 -21.85
N PRO A 599 -0.97 -13.47 -22.66
CA PRO A 599 -1.36 -14.89 -22.63
C PRO A 599 -0.22 -15.86 -22.95
N LYS A 600 0.68 -15.51 -23.88
CA LYS A 600 1.82 -16.38 -24.21
C LYS A 600 2.73 -16.51 -22.97
N LEU A 601 2.94 -15.41 -22.24
CA LEU A 601 3.75 -15.40 -21.02
C LEU A 601 3.10 -16.23 -19.90
N LYS A 602 1.78 -16.09 -19.72
CA LYS A 602 1.04 -16.85 -18.73
C LYS A 602 1.14 -18.36 -19.02
N ALA A 603 1.08 -18.73 -20.31
CA ALA A 603 1.21 -20.13 -20.74
C ALA A 603 2.61 -20.66 -20.50
N VAL A 604 3.67 -19.86 -20.77
CA VAL A 604 5.08 -20.22 -20.53
C VAL A 604 5.26 -20.52 -19.04
N TYR A 605 4.66 -19.69 -18.19
CA TYR A 605 4.71 -19.87 -16.74
C TYR A 605 3.98 -21.16 -16.33
N GLU A 606 2.79 -21.42 -16.90
CA GLU A 606 2.02 -22.62 -16.56
C GLU A 606 2.72 -23.91 -16.95
N ARG A 607 3.30 -23.94 -18.16
CA ARG A 607 4.04 -25.12 -18.63
C ARG A 607 5.48 -25.19 -18.10
N LYS A 608 5.96 -24.13 -17.39
CA LYS A 608 7.34 -24.03 -16.91
C LYS A 608 8.31 -24.16 -18.09
N ASP A 609 7.93 -23.56 -19.25
CA ASP A 609 8.72 -23.62 -20.48
C ASP A 609 9.80 -22.56 -20.40
N PHE A 610 10.69 -22.69 -19.41
CA PHE A 610 11.75 -21.74 -19.13
C PHE A 610 13.12 -22.11 -19.74
N GLY A 611 13.27 -23.37 -20.16
CA GLY A 611 14.48 -23.89 -20.77
C GLY A 611 15.76 -23.58 -20.02
N ARG A 612 16.77 -23.06 -20.73
CA ARG A 612 18.04 -22.72 -20.11
C ARG A 612 18.02 -21.42 -19.30
N TYR A 613 16.97 -20.60 -19.44
CA TYR A 613 16.84 -19.31 -18.79
C TYR A 613 16.42 -19.34 -17.33
N ALA A 614 16.01 -20.51 -16.81
CA ALA A 614 15.54 -20.58 -15.43
C ALA A 614 16.69 -20.66 -14.43
N ASP A 615 16.44 -20.30 -13.16
CA ASP A 615 17.47 -20.42 -12.14
C ASP A 615 17.62 -21.88 -11.66
N ARG A 616 18.63 -22.16 -10.82
CA ARG A 616 18.94 -23.49 -10.27
C ARG A 616 17.74 -24.20 -9.62
N SER A 617 16.81 -23.44 -8.99
CA SER A 617 15.62 -24.04 -8.38
C SER A 617 14.41 -24.18 -9.33
N GLY A 618 14.63 -23.95 -10.62
CA GLY A 618 13.56 -24.02 -11.62
C GLY A 618 12.62 -22.82 -11.63
N ARG A 619 12.92 -21.78 -10.83
CA ARG A 619 12.11 -20.56 -10.80
C ARG A 619 12.51 -19.68 -11.98
N MET A 620 11.57 -18.93 -12.58
CA MET A 620 11.94 -18.07 -13.71
C MET A 620 12.27 -16.66 -13.22
N PRO A 621 13.53 -16.21 -13.30
CA PRO A 621 13.86 -14.85 -12.84
C PRO A 621 13.29 -13.76 -13.73
N VAL A 622 12.97 -12.61 -13.14
CA VAL A 622 12.43 -11.47 -13.88
C VAL A 622 13.35 -10.26 -13.74
N ALA A 623 13.60 -9.86 -12.51
CA ALA A 623 14.39 -8.67 -12.23
C ALA A 623 15.23 -8.87 -11.00
N PHE A 624 16.29 -8.08 -10.89
CA PHE A 624 17.12 -8.09 -9.69
C PHE A 624 17.49 -6.66 -9.33
N CYS A 625 18.00 -6.45 -8.13
CA CYS A 625 18.43 -5.13 -7.73
C CYS A 625 19.85 -5.14 -7.23
N ALA A 626 20.55 -4.02 -7.40
CA ALA A 626 21.97 -3.96 -7.07
C ALA A 626 22.35 -2.68 -6.36
N THR A 627 23.48 -2.70 -5.64
CA THR A 627 23.95 -1.54 -4.89
C THR A 627 24.74 -0.55 -5.75
N THR A 628 24.65 -0.66 -7.08
CA THR A 628 25.25 0.27 -8.03
C THR A 628 24.60 1.65 -7.85
N HIS A 629 25.35 2.69 -8.22
CA HIS A 629 24.89 4.04 -8.05
C HIS A 629 24.49 4.60 -9.40
N THR A 630 23.18 4.69 -9.63
CA THR A 630 22.65 5.15 -10.90
C THR A 630 21.66 6.30 -10.71
N THR A 631 21.34 6.99 -11.80
CA THR A 631 20.36 8.07 -11.80
C THR A 631 19.73 8.20 -13.21
N GLY A 632 18.79 9.13 -13.41
CA GLY A 632 18.21 9.39 -14.74
C GLY A 632 19.28 9.57 -15.81
N GLY A 633 19.16 8.83 -16.89
CA GLY A 633 20.18 8.75 -17.93
C GLY A 633 20.71 7.34 -18.03
N ASN A 634 20.72 6.59 -16.88
CA ASN A 634 21.17 5.19 -16.79
C ASN A 634 20.14 4.18 -17.28
N SER A 635 18.90 4.60 -17.60
CA SER A 635 17.90 3.67 -18.15
C SER A 635 18.47 2.99 -19.42
N GLY A 636 18.45 1.66 -19.44
CA GLY A 636 18.94 0.85 -20.55
C GLY A 636 20.39 0.45 -20.45
N SER A 637 21.06 0.84 -19.37
CA SER A 637 22.49 0.54 -19.18
C SER A 637 22.78 -0.93 -19.06
N PRO A 638 23.88 -1.39 -19.67
CA PRO A 638 24.27 -2.79 -19.49
C PRO A 638 24.71 -3.07 -18.05
N VAL A 639 24.25 -4.19 -17.50
CA VAL A 639 24.65 -4.64 -16.17
C VAL A 639 25.56 -5.83 -16.42
N MET A 640 26.77 -5.77 -15.91
CA MET A 640 27.77 -6.80 -16.13
C MET A 640 28.09 -7.57 -14.87
N ASN A 641 28.49 -8.81 -15.11
CA ASN A 641 29.10 -9.84 -14.25
C ASN A 641 30.51 -9.41 -13.85
N ALA A 642 31.13 -10.21 -12.96
CA ALA A 642 32.55 -10.11 -12.64
C ALA A 642 33.39 -10.35 -13.93
N ASN A 643 32.87 -11.10 -14.92
CA ASN A 643 33.54 -11.38 -16.20
C ASN A 643 33.23 -10.38 -17.32
N GLY A 644 32.39 -9.40 -17.07
CA GLY A 644 32.00 -8.42 -18.10
C GLY A 644 30.89 -8.87 -19.01
N GLU A 645 30.28 -10.03 -18.71
CA GLU A 645 29.16 -10.54 -19.49
C GLU A 645 27.89 -9.84 -19.07
N LEU A 646 26.96 -9.66 -20.00
CA LEU A 646 25.69 -9.01 -19.76
C LEU A 646 24.78 -9.89 -18.96
N ILE A 647 24.37 -9.40 -17.77
CA ILE A 647 23.44 -10.10 -16.87
C ILE A 647 22.07 -9.39 -16.74
N GLY A 648 21.95 -8.19 -17.28
CA GLY A 648 20.70 -7.45 -17.25
C GLY A 648 20.82 -6.05 -17.77
N LEU A 649 19.71 -5.30 -17.71
CA LEU A 649 19.65 -3.90 -18.13
C LEU A 649 19.05 -3.14 -17.00
N ASN A 650 19.69 -2.02 -16.64
CA ASN A 650 19.12 -1.14 -15.62
C ASN A 650 17.88 -0.48 -16.21
N PHE A 651 16.79 -0.31 -15.42
CA PHE A 651 15.60 0.35 -15.97
C PHE A 651 14.93 1.33 -14.99
N ASP A 652 15.25 1.25 -13.70
CA ASP A 652 14.67 2.16 -12.70
C ASP A 652 15.55 2.18 -11.42
N ARG A 653 15.10 2.91 -10.40
CA ARG A 653 15.71 2.93 -9.09
C ARG A 653 14.56 3.12 -8.07
N ASN A 654 14.69 2.52 -6.89
CA ASN A 654 13.62 2.58 -5.88
C ASN A 654 13.51 4.01 -5.29
N TRP A 655 12.30 4.42 -4.88
CA TRP A 655 12.06 5.76 -4.35
C TRP A 655 12.89 6.04 -3.11
N GLU A 656 13.18 5.02 -2.31
CA GLU A 656 13.99 5.21 -1.10
C GLU A 656 15.39 5.67 -1.42
N GLY A 657 15.87 5.44 -2.64
CA GLY A 657 17.20 5.87 -3.04
C GLY A 657 17.26 7.11 -3.92
N VAL A 658 16.12 7.83 -4.16
CA VAL A 658 16.18 9.02 -5.01
C VAL A 658 17.03 10.15 -4.39
N GLY A 659 17.17 10.18 -3.07
CA GLY A 659 18.08 11.11 -2.41
C GLY A 659 19.55 10.83 -2.72
N GLY A 660 19.84 9.68 -3.35
CA GLY A 660 21.14 9.22 -3.81
C GLY A 660 21.82 10.15 -4.78
N ASP A 661 21.04 11.06 -5.44
CA ASP A 661 21.62 12.11 -6.28
C ASP A 661 22.44 13.11 -5.44
N ILE A 662 22.16 13.22 -4.14
CA ILE A 662 22.89 14.11 -3.24
C ILE A 662 23.84 13.25 -2.37
N GLN A 663 23.34 12.12 -1.87
CA GLN A 663 24.13 11.26 -1.00
C GLN A 663 23.68 9.84 -1.23
N TYR A 664 24.59 8.99 -1.70
CA TYR A 664 24.32 7.59 -1.91
C TYR A 664 23.85 6.92 -0.58
N LEU A 665 22.82 6.09 -0.64
CA LEU A 665 22.25 5.47 0.57
C LEU A 665 22.49 3.99 0.53
N ALA A 666 23.62 3.53 1.07
CA ALA A 666 24.02 2.12 1.01
C ALA A 666 22.94 1.13 1.45
N ASP A 667 22.19 1.44 2.50
CA ASP A 667 21.18 0.54 3.04
C ASP A 667 19.80 0.60 2.37
N TYR A 668 19.56 1.53 1.44
CA TYR A 668 18.25 1.69 0.82
C TYR A 668 18.28 1.78 -0.68
N GLN A 669 19.25 2.51 -1.24
CA GLN A 669 19.32 2.79 -2.67
C GLN A 669 19.71 1.60 -3.51
N ARG A 670 18.86 1.26 -4.49
CA ARG A 670 19.14 0.15 -5.38
C ARG A 670 18.83 0.52 -6.85
N SER A 671 19.60 -0.07 -7.77
CA SER A 671 19.31 0.03 -9.20
C SER A 671 18.33 -1.14 -9.47
N ILE A 672 17.26 -0.89 -10.22
CA ILE A 672 16.26 -1.90 -10.53
C ILE A 672 16.58 -2.40 -11.92
N ILE A 673 16.89 -3.70 -12.06
CA ILE A 673 17.42 -4.26 -13.30
C ILE A 673 16.58 -5.41 -13.87
N VAL A 674 16.34 -5.44 -15.20
CA VAL A 674 15.62 -6.55 -15.81
C VAL A 674 16.66 -7.63 -16.08
N ASP A 675 16.42 -8.84 -15.56
CA ASP A 675 17.32 -9.98 -15.72
C ASP A 675 17.40 -10.33 -17.20
N ILE A 676 18.63 -10.50 -17.73
CA ILE A 676 18.82 -10.85 -19.14
C ILE A 676 18.20 -12.21 -19.48
N ARG A 677 18.08 -13.12 -18.48
CA ARG A 677 17.45 -14.42 -18.70
C ARG A 677 15.97 -14.24 -19.05
N TYR A 678 15.31 -13.25 -18.42
CA TYR A 678 13.93 -12.89 -18.67
C TYR A 678 13.80 -12.22 -20.04
N VAL A 679 14.77 -11.37 -20.43
CA VAL A 679 14.81 -10.72 -21.75
C VAL A 679 14.86 -11.79 -22.83
N LEU A 680 15.80 -12.73 -22.69
CA LEU A 680 15.98 -13.81 -23.65
C LEU A 680 14.78 -14.75 -23.68
N LEU A 681 14.11 -14.97 -22.52
CA LEU A 681 12.89 -15.77 -22.46
C LEU A 681 11.77 -15.12 -23.26
N VAL A 682 11.61 -13.80 -23.15
CA VAL A 682 10.56 -13.07 -23.86
C VAL A 682 10.81 -13.08 -25.37
N ILE A 683 12.06 -12.83 -25.81
CA ILE A 683 12.43 -12.88 -27.23
C ILE A 683 12.09 -14.27 -27.81
N ASP A 684 12.44 -15.32 -27.07
CA ASP A 684 12.27 -16.72 -27.43
C ASP A 684 10.82 -17.25 -27.40
N LYS A 685 10.19 -17.26 -26.23
CA LYS A 685 8.88 -17.85 -26.04
C LYS A 685 7.72 -16.91 -26.29
N VAL A 686 7.93 -15.59 -26.30
CA VAL A 686 6.82 -14.67 -26.56
C VAL A 686 6.91 -14.08 -27.98
N GLY A 687 8.12 -13.69 -28.37
CA GLY A 687 8.32 -13.16 -29.70
C GLY A 687 8.61 -14.20 -30.77
N GLY A 688 9.20 -15.32 -30.36
CA GLY A 688 9.60 -16.38 -31.27
C GLY A 688 10.67 -15.94 -32.24
N CYS A 689 11.45 -14.91 -31.87
CA CYS A 689 12.47 -14.35 -32.73
C CYS A 689 13.83 -14.99 -32.52
N GLN A 690 13.93 -16.29 -32.86
CA GLN A 690 15.12 -17.13 -32.74
C GLN A 690 16.38 -16.54 -33.40
N ARG A 691 16.23 -15.80 -34.49
CA ARG A 691 17.36 -15.21 -35.19
C ARG A 691 18.15 -14.23 -34.31
N LEU A 692 17.47 -13.54 -33.39
CA LEU A 692 18.13 -12.61 -32.48
C LEU A 692 18.98 -13.38 -31.47
N LEU A 693 18.47 -14.53 -30.98
CA LEU A 693 19.20 -15.39 -30.07
C LEU A 693 20.44 -15.96 -30.76
N ASP A 694 20.31 -16.39 -32.02
CA ASP A 694 21.43 -16.95 -32.79
C ASP A 694 22.54 -15.94 -33.09
N GLU A 695 22.21 -14.66 -33.31
CA GLU A 695 23.24 -13.66 -33.59
C GLU A 695 23.99 -13.17 -32.34
N MET A 696 23.38 -13.33 -31.15
CA MET A 696 24.05 -12.99 -29.90
C MET A 696 25.02 -14.11 -29.51
N ASN A 697 26.07 -13.76 -28.76
CA ASN A 697 27.01 -14.76 -28.28
C ASN A 697 26.62 -15.09 -26.84
N ILE A 698 25.83 -16.14 -26.69
CA ILE A 698 25.31 -16.58 -25.39
C ILE A 698 26.24 -17.61 -24.75
N VAL A 699 26.86 -17.24 -23.63
CA VAL A 699 27.81 -18.09 -22.94
C VAL A 699 27.13 -18.87 -21.81
N PRO A 700 27.53 -20.14 -21.58
CA PRO A 700 26.90 -20.94 -20.51
C PRO A 700 27.08 -20.36 -19.12
N GLU B 3 -1.75 -26.60 12.86
CA GLU B 3 -2.89 -26.76 11.97
C GLU B 3 -4.25 -26.86 12.67
N GLY B 4 -4.34 -27.13 13.97
CA GLY B 4 -5.66 -27.25 14.60
C GLY B 4 -5.95 -26.53 15.91
N MET B 5 -7.24 -26.62 16.35
CA MET B 5 -7.75 -26.03 17.60
C MET B 5 -8.26 -27.23 18.38
N TRP B 6 -7.36 -27.81 19.12
CA TRP B 6 -7.56 -29.06 19.81
C TRP B 6 -8.29 -28.98 21.11
N LEU B 7 -9.18 -29.94 21.34
CA LEU B 7 -9.87 -30.10 22.61
C LEU B 7 -8.83 -30.44 23.69
N MET B 8 -9.11 -30.09 24.96
CA MET B 8 -8.20 -30.39 26.06
C MET B 8 -8.00 -31.90 26.22
N GLN B 9 -9.06 -32.71 25.95
CA GLN B 9 -9.05 -34.19 25.96
C GLN B 9 -8.01 -34.72 24.97
N GLN B 10 -7.75 -33.97 23.88
CA GLN B 10 -6.80 -34.38 22.85
C GLN B 10 -5.36 -34.04 23.17
N LEU B 11 -5.05 -33.45 24.34
CA LEU B 11 -3.68 -33.18 24.75
C LEU B 11 -2.88 -34.49 24.83
N GLY B 12 -3.47 -35.55 25.41
CA GLY B 12 -2.83 -36.87 25.50
C GLY B 12 -2.34 -37.38 24.15
N ARG B 13 -3.18 -37.24 23.12
CA ARG B 13 -2.86 -37.66 21.76
C ARG B 13 -1.87 -36.76 21.02
N LYS B 14 -1.76 -35.49 21.38
CA LYS B 14 -0.86 -34.54 20.69
C LYS B 14 0.46 -34.31 21.44
N TYR B 15 0.52 -34.69 22.71
CA TYR B 15 1.64 -34.45 23.62
C TYR B 15 2.99 -34.86 23.08
N ALA B 16 3.09 -36.06 22.48
CA ALA B 16 4.38 -36.54 21.95
C ALA B 16 4.86 -35.65 20.81
N GLN B 17 3.97 -35.26 19.89
CA GLN B 17 4.34 -34.36 18.79
C GLN B 17 4.70 -32.98 19.31
N MET B 18 4.02 -32.53 20.38
CA MET B 18 4.31 -31.24 21.00
C MET B 18 5.72 -31.26 21.61
N LYS B 19 6.12 -32.39 22.26
CA LYS B 19 7.46 -32.53 22.84
C LYS B 19 8.51 -32.51 21.74
N GLU B 20 8.25 -33.22 20.63
CA GLU B 20 9.15 -33.22 19.50
C GLU B 20 9.30 -31.81 18.90
N ARG B 21 8.24 -30.97 18.97
CA ARG B 21 8.34 -29.59 18.48
C ARG B 21 8.98 -28.63 19.50
N GLY B 22 9.23 -29.06 20.72
CA GLY B 22 9.88 -28.20 21.71
C GLY B 22 9.20 -28.06 23.06
N LEU B 23 7.97 -28.58 23.23
CA LEU B 23 7.30 -28.51 24.54
C LEU B 23 8.14 -29.15 25.66
N LYS B 24 8.40 -28.43 26.76
CA LYS B 24 9.18 -28.96 27.86
C LYS B 24 8.36 -29.34 29.08
N MET B 25 7.17 -28.74 29.24
CA MET B 25 6.41 -29.00 30.44
C MET B 25 5.75 -30.43 30.46
N LYS B 26 5.46 -30.91 31.67
CA LYS B 26 4.79 -32.20 31.85
C LYS B 26 3.34 -31.99 31.37
N GLU B 27 2.77 -33.01 30.71
CA GLU B 27 1.41 -32.99 30.17
C GLU B 27 0.38 -32.48 31.17
N TYR B 28 0.38 -33.03 32.39
CA TYR B 28 -0.58 -32.71 33.45
C TYR B 28 -0.35 -31.36 34.10
N ASP B 29 0.82 -30.74 33.90
CA ASP B 29 1.04 -29.36 34.33
C ASP B 29 0.34 -28.36 33.38
N LEU B 30 0.09 -28.77 32.13
CA LEU B 30 -0.58 -27.97 31.11
C LEU B 30 -2.11 -28.21 31.23
N TYR B 31 -2.55 -29.47 31.17
CA TYR B 31 -3.95 -29.83 31.33
C TYR B 31 -4.04 -31.10 32.11
N ASN B 32 -4.63 -31.02 33.29
CA ASN B 32 -4.83 -32.17 34.14
C ASN B 32 -6.33 -32.28 34.26
N PRO B 33 -6.94 -33.39 33.78
CA PRO B 33 -8.40 -33.52 33.86
C PRO B 33 -9.01 -33.74 35.25
N ASN B 34 -8.20 -34.04 36.27
CA ASN B 34 -8.68 -34.25 37.62
C ASN B 34 -7.63 -33.73 38.61
N GLY B 35 -7.21 -32.49 38.38
CA GLY B 35 -6.23 -31.78 39.19
C GLY B 35 -6.02 -30.36 38.72
N THR B 36 -5.07 -29.62 39.31
CA THR B 36 -4.79 -28.25 38.93
C THR B 36 -3.69 -28.24 37.86
N SER B 37 -3.87 -27.36 36.88
CA SER B 37 -2.93 -27.20 35.77
C SER B 37 -3.03 -25.76 35.21
N LEU B 38 -2.15 -25.43 34.25
CA LEU B 38 -2.11 -24.13 33.59
C LEU B 38 -3.44 -23.72 32.97
N LYS B 39 -4.26 -24.69 32.58
CA LYS B 39 -5.62 -24.52 32.05
C LYS B 39 -6.47 -23.68 33.02
N ASP B 40 -6.22 -23.84 34.36
CA ASP B 40 -6.98 -23.14 35.40
C ASP B 40 -6.67 -21.64 35.50
N ALA B 41 -5.68 -21.15 34.77
CA ALA B 41 -5.35 -19.72 34.71
C ALA B 41 -5.92 -19.05 33.44
N VAL B 42 -6.69 -19.79 32.61
CA VAL B 42 -7.25 -19.23 31.39
C VAL B 42 -8.73 -18.95 31.60
N VAL B 43 -9.22 -17.78 31.11
CA VAL B 43 -10.62 -17.42 31.29
C VAL B 43 -11.27 -16.99 30.00
N LEU B 44 -12.58 -17.16 29.91
CA LEU B 44 -13.37 -16.58 28.86
C LEU B 44 -13.67 -15.19 29.43
N PHE B 45 -13.14 -14.16 28.78
CA PHE B 45 -13.29 -12.79 29.23
C PHE B 45 -14.48 -12.15 28.57
N ASP B 46 -15.47 -11.77 29.37
CA ASP B 46 -16.68 -11.07 28.92
C ASP B 46 -17.39 -11.70 27.70
N GLY B 47 -17.60 -13.02 27.74
CA GLY B 47 -18.29 -13.72 26.66
C GLY B 47 -17.66 -13.88 25.28
N GLY B 48 -16.76 -12.97 24.85
CA GLY B 48 -16.20 -13.03 23.51
C GLY B 48 -14.70 -12.89 23.35
N CYS B 49 -13.97 -12.87 24.46
CA CYS B 49 -12.54 -12.74 24.44
C CYS B 49 -11.91 -13.81 25.37
N THR B 50 -10.59 -13.95 25.31
CA THR B 50 -9.86 -14.77 26.24
C THR B 50 -9.09 -13.81 27.16
N GLY B 51 -8.78 -14.28 28.33
CA GLY B 51 -7.96 -13.59 29.30
C GLY B 51 -7.11 -14.59 30.08
N GLU B 52 -6.21 -14.09 30.92
CA GLU B 52 -5.37 -14.98 31.71
C GLU B 52 -5.03 -14.37 33.05
N VAL B 53 -4.97 -15.23 34.07
CA VAL B 53 -4.62 -14.82 35.41
C VAL B 53 -3.10 -14.80 35.51
N VAL B 54 -2.54 -13.65 35.95
CA VAL B 54 -1.09 -13.46 35.98
C VAL B 54 -0.53 -13.12 37.37
N SER B 55 -1.32 -13.32 38.43
CA SER B 55 -0.82 -13.09 39.80
C SER B 55 -1.61 -13.90 40.83
N ASP B 56 -1.03 -14.09 42.04
CA ASP B 56 -1.72 -14.79 43.12
C ASP B 56 -2.84 -13.94 43.77
N ARG B 57 -3.09 -12.72 43.25
CA ARG B 57 -4.16 -11.85 43.70
C ARG B 57 -5.18 -11.55 42.58
N GLY B 58 -5.36 -12.50 41.66
CA GLY B 58 -6.37 -12.43 40.61
C GLY B 58 -6.23 -11.39 39.51
N LEU B 59 -4.99 -10.91 39.25
CA LEU B 59 -4.75 -9.94 38.20
C LEU B 59 -4.98 -10.67 36.85
N VAL B 60 -5.67 -10.01 35.92
CA VAL B 60 -6.00 -10.59 34.61
C VAL B 60 -5.52 -9.72 33.47
N LEU B 61 -4.86 -10.35 32.48
CA LEU B 61 -4.46 -9.64 31.28
C LEU B 61 -5.38 -10.09 30.15
N THR B 62 -5.75 -9.16 29.29
CA THR B 62 -6.55 -9.39 28.08
C THR B 62 -6.17 -8.26 27.09
N ASN B 63 -6.83 -8.19 25.91
CA ASN B 63 -6.53 -7.12 24.97
C ASN B 63 -7.14 -5.79 25.40
N HIS B 64 -6.62 -4.70 24.82
CA HIS B 64 -7.17 -3.36 24.99
C HIS B 64 -8.54 -3.34 24.28
N HIS B 65 -8.65 -3.96 23.10
CA HIS B 65 -9.92 -3.99 22.38
C HIS B 65 -10.95 -4.89 23.08
N CYS B 66 -10.53 -5.76 24.01
CA CYS B 66 -11.44 -6.59 24.83
C CYS B 66 -11.96 -5.81 26.05
N GLY B 67 -11.10 -4.96 26.62
CA GLY B 67 -11.47 -4.13 27.75
C GLY B 67 -11.94 -2.73 27.35
N TYR B 68 -11.97 -2.44 26.03
CA TYR B 68 -12.36 -1.16 25.46
C TYR B 68 -13.67 -0.59 26.05
N ASP B 69 -14.77 -1.36 26.07
CA ASP B 69 -16.04 -0.88 26.61
C ASP B 69 -15.96 -0.50 28.07
N MET B 70 -15.20 -1.23 28.91
CA MET B 70 -15.03 -0.93 30.33
C MET B 70 -14.19 0.34 30.52
N ILE B 71 -13.20 0.57 29.62
CA ILE B 71 -12.35 1.75 29.69
C ILE B 71 -13.17 2.98 29.30
N GLN B 72 -13.96 2.85 28.21
CA GLN B 72 -14.83 3.90 27.69
C GLN B 72 -15.95 4.26 28.67
N ALA B 73 -16.57 3.25 29.34
CA ALA B 73 -17.65 3.48 30.30
C ALA B 73 -17.19 4.23 31.55
N HIS B 74 -15.93 4.07 31.94
CA HIS B 74 -15.37 4.80 33.07
C HIS B 74 -14.73 6.14 32.69
N SER B 75 -14.70 6.47 31.39
CA SER B 75 -14.06 7.71 30.94
C SER B 75 -15.03 8.86 30.91
N THR B 76 -14.56 10.04 31.34
CA THR B 76 -15.32 11.30 31.35
C THR B 76 -14.47 12.43 30.68
N LEU B 77 -15.04 13.64 30.50
CA LEU B 77 -14.29 14.77 29.96
C LEU B 77 -13.15 15.13 30.92
N GLU B 78 -13.38 14.99 32.25
CA GLU B 78 -12.39 15.27 33.29
C GLU B 78 -11.31 14.16 33.39
N HIS B 79 -11.71 12.87 33.30
CA HIS B 79 -10.75 11.77 33.37
C HIS B 79 -10.93 10.81 32.19
N ASN B 80 -10.39 11.20 31.02
CA ASN B 80 -10.51 10.40 29.80
C ASN B 80 -9.50 9.25 29.77
N TYR B 81 -9.87 8.11 30.40
CA TYR B 81 -9.02 6.92 30.47
C TYR B 81 -8.80 6.30 29.10
N LEU B 82 -9.76 6.43 28.19
CA LEU B 82 -9.62 5.89 26.85
C LEU B 82 -8.46 6.57 26.09
N GLU B 83 -8.29 7.89 26.25
CA GLU B 83 -7.21 8.57 25.54
C GLU B 83 -5.90 8.61 26.32
N ASN B 84 -5.93 8.77 27.66
CA ASN B 84 -4.69 8.88 28.44
C ASN B 84 -4.26 7.62 29.17
N GLY B 85 -5.08 6.59 29.16
CA GLY B 85 -4.81 5.38 29.91
C GLY B 85 -5.34 5.48 31.32
N PHE B 86 -5.21 4.40 32.10
CA PHE B 86 -5.71 4.36 33.47
C PHE B 86 -4.77 3.47 34.27
N TRP B 87 -4.29 3.93 35.42
CA TRP B 87 -3.40 3.13 36.26
C TRP B 87 -3.77 3.29 37.74
N ALA B 88 -4.52 2.31 38.27
CA ALA B 88 -4.92 2.32 39.67
C ALA B 88 -3.67 2.12 40.54
N MET B 89 -3.33 3.11 41.38
CA MET B 89 -2.12 3.02 42.19
C MET B 89 -2.30 2.22 43.50
N ARG B 90 -3.51 1.71 43.75
CA ARG B 90 -3.84 0.84 44.88
C ARG B 90 -5.06 0.02 44.49
N GLU B 91 -5.23 -1.16 45.12
CA GLU B 91 -6.36 -2.03 44.86
C GLU B 91 -7.72 -1.36 45.05
N ALA B 92 -7.83 -0.47 46.06
CA ALA B 92 -9.08 0.25 46.31
C ALA B 92 -9.49 1.21 45.18
N ASP B 93 -8.52 1.62 44.35
CA ASP B 93 -8.80 2.51 43.23
C ASP B 93 -9.24 1.78 41.94
N GLU B 94 -9.18 0.45 41.92
CA GLU B 94 -9.61 -0.33 40.76
C GLU B 94 -11.11 -0.16 40.55
N LEU B 95 -11.53 0.08 39.30
CA LEU B 95 -12.90 0.41 38.98
C LEU B 95 -13.82 -0.76 38.71
N PRO B 96 -14.92 -0.87 39.47
CA PRO B 96 -15.88 -1.96 39.21
C PRO B 96 -16.55 -1.81 37.85
N ASN B 97 -16.97 -2.93 37.25
CA ASN B 97 -17.59 -2.88 35.94
C ASN B 97 -18.93 -3.57 35.97
N LYS B 98 -19.96 -2.94 35.37
CA LYS B 98 -21.28 -3.57 35.32
C LYS B 98 -21.32 -4.47 34.11
N ASP B 99 -22.04 -5.61 34.22
CA ASP B 99 -22.25 -6.55 33.14
C ASP B 99 -20.98 -7.23 32.63
N ILE B 100 -20.02 -7.48 33.53
CA ILE B 100 -18.78 -8.15 33.17
C ILE B 100 -18.71 -9.54 33.78
N SER B 101 -17.96 -10.43 33.15
CA SER B 101 -17.76 -11.77 33.68
C SER B 101 -16.43 -12.35 33.21
N VAL B 102 -15.91 -13.27 33.99
CA VAL B 102 -14.78 -14.10 33.65
C VAL B 102 -15.24 -15.55 33.93
N VAL B 103 -15.04 -16.44 32.96
CA VAL B 103 -15.44 -17.83 33.13
C VAL B 103 -14.22 -18.77 33.15
N PHE B 104 -14.08 -19.53 34.24
CA PHE B 104 -13.05 -20.55 34.36
C PHE B 104 -13.64 -21.90 33.95
N ILE B 105 -12.87 -22.71 33.23
CA ILE B 105 -13.32 -24.06 32.89
C ILE B 105 -12.79 -25.02 33.94
N ASP B 106 -13.57 -25.19 35.00
CA ASP B 106 -13.18 -25.99 36.15
C ASP B 106 -12.98 -27.46 35.83
N LYS B 107 -13.91 -28.05 35.10
CA LYS B 107 -13.83 -29.45 34.70
C LYS B 107 -14.40 -29.63 33.29
N ILE B 108 -13.91 -30.64 32.56
CA ILE B 108 -14.39 -31.00 31.24
C ILE B 108 -14.60 -32.51 31.23
N GLU B 109 -15.76 -32.98 30.80
CA GLU B 109 -16.06 -34.41 30.77
C GLU B 109 -16.64 -34.86 29.43
N ASP B 110 -16.25 -36.03 28.96
CA ASP B 110 -16.82 -36.60 27.74
C ASP B 110 -18.15 -37.27 28.08
N VAL B 111 -19.27 -36.71 27.56
CA VAL B 111 -20.59 -37.30 27.84
C VAL B 111 -21.27 -37.84 26.59
N THR B 112 -20.48 -38.23 25.57
CA THR B 112 -20.97 -38.73 24.29
C THR B 112 -21.93 -39.91 24.42
N ASP B 113 -21.53 -40.96 25.16
CA ASP B 113 -22.37 -42.14 25.31
C ASP B 113 -23.69 -41.80 26.00
N TYR B 114 -23.63 -40.95 27.02
CA TYR B 114 -24.81 -40.49 27.75
C TYR B 114 -25.77 -39.73 26.82
N VAL B 115 -25.26 -38.74 26.07
CA VAL B 115 -26.11 -37.96 25.17
C VAL B 115 -26.69 -38.85 24.06
N LYS B 116 -25.86 -39.68 23.43
CA LYS B 116 -26.33 -40.57 22.36
C LYS B 116 -27.38 -41.56 22.86
N LYS B 117 -27.28 -42.02 24.13
CA LYS B 117 -28.28 -42.94 24.68
C LYS B 117 -29.57 -42.18 24.92
N GLU B 118 -29.49 -40.96 25.46
CA GLU B 118 -30.68 -40.13 25.69
C GLU B 118 -31.39 -39.81 24.38
N LEU B 119 -30.62 -39.54 23.31
CA LEU B 119 -31.14 -39.22 21.97
C LEU B 119 -31.93 -40.38 21.35
N LYS B 120 -31.60 -41.64 21.72
CA LYS B 120 -32.30 -42.83 21.22
C LYS B 120 -33.78 -42.85 21.59
N ALA B 121 -34.18 -42.11 22.62
CA ALA B 121 -35.56 -41.98 23.09
C ALA B 121 -36.36 -40.89 22.35
N ILE B 122 -35.79 -40.26 21.30
CA ILE B 122 -36.46 -39.17 20.57
C ILE B 122 -37.78 -39.62 19.87
N LYS B 123 -37.66 -40.43 18.79
CA LYS B 123 -38.73 -40.91 17.92
C LYS B 123 -38.48 -40.30 16.54
N ASP B 124 -38.69 -38.96 16.36
CA ASP B 124 -38.45 -38.30 15.06
C ASP B 124 -36.98 -38.40 14.69
N PRO B 125 -36.62 -39.16 13.65
CA PRO B 125 -35.19 -39.27 13.28
C PRO B 125 -34.58 -37.96 12.80
N ASN B 126 -35.40 -37.02 12.33
CA ASN B 126 -34.96 -35.72 11.85
C ASN B 126 -34.96 -34.63 12.93
N SER B 127 -35.17 -35.00 14.20
CA SER B 127 -35.18 -34.06 15.31
C SER B 127 -33.83 -33.33 15.41
N MET B 128 -33.87 -32.04 15.70
CA MET B 128 -32.65 -31.25 15.87
C MET B 128 -32.26 -31.07 17.36
N ASP B 129 -32.90 -31.83 18.26
CA ASP B 129 -32.60 -31.80 19.69
C ASP B 129 -31.13 -32.06 19.97
N TYR B 130 -30.46 -32.88 19.14
CA TYR B 130 -29.04 -33.21 19.30
C TYR B 130 -28.11 -31.98 19.23
N LEU B 131 -28.62 -30.85 18.71
CA LEU B 131 -27.87 -29.58 18.64
C LEU B 131 -28.58 -28.45 19.43
N SER B 132 -29.71 -28.75 20.10
CA SER B 132 -30.50 -27.75 20.82
C SER B 132 -29.90 -27.42 22.16
N PRO B 133 -29.61 -26.13 22.42
CA PRO B 133 -29.08 -25.74 23.74
C PRO B 133 -30.04 -26.07 24.87
N LYS B 134 -31.36 -25.99 24.61
CA LYS B 134 -32.37 -26.30 25.60
C LYS B 134 -32.38 -27.79 25.94
N TYR B 135 -32.32 -28.65 24.91
CA TYR B 135 -32.33 -30.08 25.14
C TYR B 135 -31.06 -30.50 25.87
N LEU B 136 -29.90 -29.99 25.41
CA LEU B 136 -28.62 -30.31 26.01
C LEU B 136 -28.52 -29.79 27.45
N GLN B 137 -29.15 -28.63 27.77
CA GLN B 137 -29.16 -28.12 29.16
C GLN B 137 -29.95 -29.02 30.06
N LYS B 138 -31.07 -29.58 29.56
CA LYS B 138 -31.87 -30.53 30.31
C LYS B 138 -31.02 -31.77 30.62
N LEU B 139 -30.17 -32.22 29.66
CA LEU B 139 -29.31 -33.39 29.91
C LEU B 139 -28.20 -33.07 30.89
N ALA B 140 -27.67 -31.84 30.82
CA ALA B 140 -26.61 -31.38 31.72
C ALA B 140 -27.14 -31.30 33.15
N ASP B 141 -28.33 -30.73 33.35
CA ASP B 141 -28.98 -30.61 34.66
C ASP B 141 -29.30 -31.99 35.23
N LYS B 142 -29.74 -32.92 34.37
CA LYS B 142 -30.05 -34.29 34.80
C LYS B 142 -28.78 -34.97 35.32
N LYS B 143 -27.66 -34.80 34.62
CA LYS B 143 -26.40 -35.42 35.02
C LYS B 143 -25.77 -34.77 36.28
N ALA B 144 -25.70 -33.42 36.32
CA ALA B 144 -25.13 -32.73 37.47
C ALA B 144 -26.01 -32.82 38.73
N GLY B 145 -27.31 -32.97 38.54
CA GLY B 145 -28.23 -33.05 39.66
C GLY B 145 -29.13 -31.84 39.71
N LYS B 146 -30.38 -32.04 40.16
CA LYS B 146 -31.44 -31.03 40.21
C LYS B 146 -30.97 -29.66 40.70
N ASN B 147 -30.42 -29.59 41.93
CA ASN B 147 -29.92 -28.31 42.44
C ASN B 147 -28.39 -28.33 42.61
N PHE B 148 -27.66 -28.59 41.51
CA PHE B 148 -26.20 -28.61 41.47
C PHE B 148 -25.62 -27.26 41.88
N SER B 149 -26.11 -26.16 41.27
CA SER B 149 -25.59 -24.83 41.51
C SER B 149 -25.77 -24.35 42.96
N ALA B 150 -26.79 -24.84 43.68
CA ALA B 150 -26.98 -24.46 45.08
C ALA B 150 -25.99 -25.23 45.97
N LYS B 151 -25.71 -26.50 45.64
CA LYS B 151 -24.75 -27.34 46.36
C LYS B 151 -23.27 -27.00 46.03
N ASN B 152 -23.03 -26.38 44.86
CA ASN B 152 -21.71 -26.00 44.40
C ASN B 152 -21.72 -24.51 43.97
N PRO B 153 -21.64 -23.58 44.94
CA PRO B 153 -21.68 -22.15 44.60
C PRO B 153 -20.62 -21.65 43.62
N GLY B 154 -21.08 -20.85 42.67
CA GLY B 154 -20.27 -20.30 41.60
C GLY B 154 -20.16 -21.22 40.39
N LEU B 155 -20.59 -22.49 40.53
CA LEU B 155 -20.45 -23.45 39.46
C LEU B 155 -21.71 -23.63 38.63
N SER B 156 -21.53 -23.92 37.34
CA SER B 156 -22.65 -24.24 36.44
C SER B 156 -22.21 -25.29 35.41
N VAL B 157 -23.13 -26.10 34.91
CA VAL B 157 -22.80 -27.09 33.90
C VAL B 157 -23.34 -26.72 32.51
N GLU B 158 -22.73 -27.28 31.47
CA GLU B 158 -23.17 -27.02 30.10
C GLU B 158 -22.69 -28.13 29.17
N ILE B 159 -23.57 -28.64 28.30
CA ILE B 159 -23.17 -29.65 27.34
C ILE B 159 -23.14 -29.03 25.95
N LYS B 160 -22.07 -29.27 25.19
CA LYS B 160 -21.98 -28.81 23.83
C LYS B 160 -21.69 -29.98 22.90
N ALA B 161 -22.19 -29.88 21.68
CA ALA B 161 -21.95 -30.82 20.59
C ALA B 161 -20.66 -30.41 19.89
N PHE B 162 -19.93 -31.41 19.38
CA PHE B 162 -18.67 -31.27 18.64
C PHE B 162 -18.71 -32.23 17.48
N TYR B 163 -17.91 -31.97 16.44
CA TYR B 163 -17.81 -32.83 15.25
C TYR B 163 -19.21 -33.08 14.64
N GLY B 164 -20.02 -32.02 14.57
CA GLY B 164 -21.36 -32.07 14.03
C GLY B 164 -22.35 -32.96 14.77
N GLY B 165 -22.12 -33.20 16.05
CA GLY B 165 -22.99 -34.08 16.84
C GLY B 165 -22.44 -35.47 17.08
N ASN B 166 -21.15 -35.69 16.79
CA ASN B 166 -20.53 -36.99 17.02
C ASN B 166 -19.78 -37.12 18.36
N LEU B 167 -19.64 -36.00 19.08
CA LEU B 167 -18.96 -35.96 20.36
C LEU B 167 -19.64 -34.91 21.21
N TYR B 168 -19.83 -35.16 22.50
CA TYR B 168 -20.42 -34.19 23.42
C TYR B 168 -19.53 -34.01 24.63
N LEU B 169 -19.33 -32.77 25.06
CA LEU B 169 -18.56 -32.50 26.27
C LEU B 169 -19.42 -31.72 27.27
N MET B 170 -19.30 -32.04 28.56
CA MET B 170 -19.96 -31.29 29.63
C MET B 170 -18.88 -30.48 30.33
N PHE B 171 -19.12 -29.18 30.47
CA PHE B 171 -18.19 -28.27 31.09
C PHE B 171 -18.75 -27.81 32.40
N THR B 172 -17.91 -27.81 33.45
CA THR B 172 -18.28 -27.28 34.75
C THR B 172 -17.56 -25.95 34.81
N LYS B 173 -18.31 -24.88 34.83
CA LYS B 173 -17.79 -23.53 34.74
C LYS B 173 -17.89 -22.80 36.05
N LYS B 174 -16.93 -21.93 36.34
CA LYS B 174 -16.97 -21.09 37.53
C LYS B 174 -16.96 -19.65 37.03
N THR B 175 -18.05 -18.91 37.26
CA THR B 175 -18.17 -17.55 36.72
C THR B 175 -18.05 -16.47 37.78
N TYR B 176 -17.18 -15.46 37.57
CA TYR B 176 -16.98 -14.34 38.49
C TYR B 176 -17.48 -13.09 37.81
N THR B 177 -18.35 -12.33 38.50
CA THR B 177 -18.92 -11.13 37.87
C THR B 177 -18.39 -9.81 38.43
N ASP B 178 -17.59 -9.86 39.49
CA ASP B 178 -16.95 -8.66 40.00
C ASP B 178 -15.53 -8.63 39.39
N VAL B 179 -15.36 -8.04 38.21
CA VAL B 179 -14.05 -7.99 37.54
C VAL B 179 -13.72 -6.51 37.31
N ARG B 180 -12.72 -6.00 38.03
CA ARG B 180 -12.43 -4.58 38.04
C ARG B 180 -11.28 -4.11 37.14
N LEU B 181 -11.43 -2.91 36.57
CA LEU B 181 -10.42 -2.33 35.71
C LEU B 181 -9.23 -1.93 36.57
N VAL B 182 -8.03 -2.37 36.19
CA VAL B 182 -6.81 -2.10 36.95
C VAL B 182 -5.86 -1.17 36.19
N GLY B 183 -5.72 -1.42 34.90
CA GLY B 183 -4.78 -0.66 34.10
C GLY B 183 -5.01 -0.78 32.61
N ALA B 184 -4.75 0.29 31.89
CA ALA B 184 -4.89 0.30 30.45
C ALA B 184 -3.95 1.33 29.88
N PRO B 185 -3.23 0.98 28.81
CA PRO B 185 -2.39 1.97 28.15
C PRO B 185 -3.28 3.03 27.46
N PRO B 186 -2.72 4.21 27.08
CA PRO B 186 -3.52 5.16 26.28
C PRO B 186 -3.96 4.50 24.96
N SER B 187 -5.07 4.96 24.34
CA SER B 187 -5.51 4.37 23.07
C SER B 187 -4.48 4.51 21.96
N SER B 188 -3.56 5.45 22.09
CA SER B 188 -2.47 5.61 21.13
C SER B 188 -1.56 4.37 21.14
N ILE B 189 -1.43 3.69 22.29
CA ILE B 189 -0.66 2.46 22.37
C ILE B 189 -1.62 1.26 22.13
N GLY B 190 -2.70 1.21 22.92
CA GLY B 190 -3.65 0.10 22.89
C GLY B 190 -4.29 -0.17 21.54
N LYS B 191 -4.42 0.88 20.75
CA LYS B 191 -5.06 0.82 19.44
C LYS B 191 -4.17 1.57 18.44
N PHE B 192 -2.82 1.46 18.55
CA PHE B 192 -1.90 2.20 17.68
C PHE B 192 -2.25 2.25 16.21
N GLY B 193 -2.29 1.14 15.49
CA GLY B 193 -2.63 1.23 14.05
C GLY B 193 -4.09 1.58 13.78
N ALA B 194 -4.95 1.43 14.82
CA ALA B 194 -6.39 1.64 14.83
C ALA B 194 -7.01 0.76 13.68
N ASP B 195 -7.85 1.26 12.74
CA ASP B 195 -8.44 0.41 11.73
C ASP B 195 -7.52 0.22 10.52
N THR B 196 -6.52 1.11 10.29
CA THR B 196 -5.57 0.97 9.19
C THR B 196 -4.69 -0.29 9.31
N ASP B 197 -4.27 -0.61 10.53
CA ASP B 197 -3.44 -1.80 10.75
C ASP B 197 -4.26 -3.06 11.15
N ASN B 198 -5.61 -2.99 11.13
CA ASN B 198 -6.47 -4.14 11.44
C ASN B 198 -6.18 -5.28 10.45
N TRP B 199 -5.98 -6.50 10.94
CA TRP B 199 -5.63 -7.67 10.12
C TRP B 199 -4.23 -7.55 9.49
N ILE B 200 -3.39 -6.60 9.96
CA ILE B 200 -2.08 -6.38 9.33
C ILE B 200 -0.90 -6.85 10.15
N TRP B 201 -0.01 -7.55 9.50
CA TRP B 201 1.29 -7.91 9.98
C TRP B 201 2.28 -7.38 8.91
N PRO B 202 3.39 -6.68 9.24
CA PRO B 202 3.89 -6.30 10.58
C PRO B 202 2.91 -5.43 11.39
N ARG B 203 2.92 -5.55 12.71
CA ARG B 203 1.99 -4.81 13.57
C ARG B 203 2.74 -4.22 14.75
N HIS B 204 2.33 -3.03 15.22
CA HIS B 204 3.06 -2.31 16.26
C HIS B 204 2.19 -1.85 17.45
N THR B 205 1.11 -2.56 17.68
CA THR B 205 0.06 -2.21 18.65
C THR B 205 0.26 -2.92 19.98
N GLY B 206 0.29 -2.15 21.06
CA GLY B 206 0.36 -2.66 22.43
C GLY B 206 -1.04 -2.92 22.95
N ASP B 207 -1.71 -3.89 22.32
CA ASP B 207 -3.09 -4.28 22.55
C ASP B 207 -3.26 -5.10 23.80
N PHE B 208 -3.25 -4.40 24.95
CA PHE B 208 -3.46 -5.02 26.26
C PHE B 208 -4.25 -4.08 27.20
N SER B 209 -4.89 -4.68 28.18
CA SER B 209 -5.60 -4.05 29.29
C SER B 209 -5.54 -5.02 30.48
N ILE B 210 -5.67 -4.47 31.68
CA ILE B 210 -5.49 -5.22 32.91
C ILE B 210 -6.70 -5.06 33.79
N PHE B 211 -7.19 -6.19 34.29
CA PHE B 211 -8.35 -6.29 35.16
C PHE B 211 -8.00 -7.10 36.43
N ARG B 212 -8.95 -7.25 37.36
CA ARG B 212 -8.73 -8.05 38.54
C ARG B 212 -10.03 -8.73 38.94
N ILE B 213 -9.95 -10.03 39.22
CA ILE B 213 -11.11 -10.79 39.66
C ILE B 213 -11.27 -10.59 41.17
N TYR B 214 -12.44 -10.12 41.57
CA TYR B 214 -12.79 -9.97 42.97
C TYR B 214 -13.80 -11.07 43.32
N ALA B 215 -13.75 -11.56 44.56
CA ALA B 215 -14.60 -12.65 45.04
C ALA B 215 -14.96 -12.44 46.55
N ASP B 216 -15.84 -13.29 47.13
CA ASP B 216 -16.13 -13.20 48.55
C ASP B 216 -14.90 -13.67 49.36
N LYS B 217 -14.99 -13.65 50.71
CA LYS B 217 -13.92 -14.02 51.63
C LYS B 217 -13.35 -15.43 51.39
N ASN B 218 -14.18 -16.34 50.87
CA ASN B 218 -13.72 -17.71 50.59
C ASN B 218 -13.26 -17.93 49.14
N GLY B 219 -13.11 -16.84 48.37
CA GLY B 219 -12.72 -16.92 46.96
C GLY B 219 -13.80 -17.46 46.05
N ASN B 220 -15.07 -17.34 46.48
CA ASN B 220 -16.21 -17.82 45.70
C ASN B 220 -16.83 -16.66 44.93
N PRO B 221 -17.37 -16.94 43.74
CA PRO B 221 -18.00 -15.87 42.96
C PRO B 221 -19.07 -15.09 43.72
N ALA B 222 -19.07 -13.78 43.52
CA ALA B 222 -20.02 -12.90 44.15
C ALA B 222 -20.21 -11.67 43.27
N PRO B 223 -21.45 -11.15 43.12
CA PRO B 223 -21.61 -9.90 42.36
C PRO B 223 -20.90 -8.74 43.05
N TYR B 224 -20.76 -7.59 42.37
CA TYR B 224 -20.07 -6.43 42.96
C TYR B 224 -20.58 -6.07 44.37
N SER B 225 -19.64 -5.92 45.29
CA SER B 225 -19.85 -5.52 46.68
C SER B 225 -18.56 -4.85 47.16
N GLU B 226 -18.68 -3.73 47.89
CA GLU B 226 -17.50 -3.06 48.45
C GLU B 226 -16.71 -3.97 49.43
N ASP B 227 -17.35 -5.06 49.90
CA ASP B 227 -16.78 -6.06 50.82
C ASP B 227 -15.98 -7.16 50.08
N ASN B 228 -16.04 -7.20 48.74
CA ASN B 228 -15.30 -8.21 47.99
C ASN B 228 -13.80 -7.99 48.04
N VAL B 229 -13.09 -9.08 48.06
CA VAL B 229 -11.64 -9.17 48.20
C VAL B 229 -11.05 -9.82 46.92
N PRO B 230 -9.82 -9.45 46.49
CA PRO B 230 -9.23 -10.12 45.30
C PRO B 230 -9.24 -11.65 45.39
N LEU B 231 -9.44 -12.32 44.27
CA LEU B 231 -9.45 -13.77 44.21
C LEU B 231 -8.02 -14.29 44.31
N LYS B 232 -7.75 -15.34 45.11
CA LYS B 232 -6.41 -15.92 45.15
C LYS B 232 -6.58 -17.18 44.31
N PRO B 233 -6.15 -17.14 43.05
CA PRO B 233 -6.43 -18.28 42.15
C PRO B 233 -5.59 -19.49 42.47
N LYS B 234 -6.06 -20.67 42.05
CA LYS B 234 -5.26 -21.89 42.24
C LYS B 234 -4.08 -21.99 41.23
N ARG B 235 -4.16 -21.26 40.12
CA ARG B 235 -3.10 -21.25 39.13
C ARG B 235 -3.04 -19.89 38.43
N PHE B 236 -1.84 -19.42 38.14
CA PHE B 236 -1.63 -18.20 37.41
C PHE B 236 -0.35 -18.34 36.57
N PHE B 237 -0.23 -17.55 35.50
CA PHE B 237 0.92 -17.63 34.64
C PHE B 237 2.13 -16.93 35.22
N ASN B 238 3.31 -17.52 35.07
CA ASN B 238 4.55 -16.82 35.37
C ASN B 238 4.84 -15.98 34.08
N ILE B 239 5.46 -14.80 34.24
CA ILE B 239 5.80 -13.97 33.09
C ILE B 239 7.25 -14.24 32.71
N SER B 240 7.53 -14.58 31.44
CA SER B 240 8.92 -14.79 31.02
C SER B 240 9.51 -13.50 30.50
N LEU B 241 10.77 -13.23 30.83
CA LEU B 241 11.51 -12.12 30.22
C LEU B 241 12.60 -12.63 29.23
N GLY B 242 12.65 -13.95 28.99
CA GLY B 242 13.58 -14.54 28.05
C GLY B 242 13.28 -14.23 26.59
N GLY B 243 12.12 -13.66 26.32
CA GLY B 243 11.73 -13.27 24.97
C GLY B 243 11.51 -14.41 24.01
N VAL B 244 11.51 -14.09 22.72
CA VAL B 244 11.31 -15.07 21.66
C VAL B 244 12.41 -14.94 20.60
N GLN B 245 12.65 -16.03 19.88
CA GLN B 245 13.55 -16.10 18.75
C GLN B 245 12.82 -16.82 17.63
N GLU B 246 13.24 -16.62 16.40
CA GLU B 246 12.65 -17.31 15.24
C GLU B 246 12.75 -18.85 15.45
N ASN B 247 11.65 -19.54 15.21
CA ASN B 247 11.49 -20.98 15.34
C ASN B 247 11.18 -21.45 16.76
N ASP B 248 11.09 -20.54 17.75
CA ASP B 248 10.74 -20.97 19.11
C ASP B 248 9.37 -21.58 19.15
N TYR B 249 9.20 -22.61 19.98
CA TYR B 249 7.92 -23.25 20.23
C TYR B 249 7.01 -22.22 20.91
N ALA B 250 5.76 -22.16 20.47
CA ALA B 250 4.75 -21.31 21.09
C ALA B 250 3.43 -22.06 21.12
N MET B 251 2.65 -21.84 22.16
CA MET B 251 1.33 -22.44 22.24
C MET B 251 0.33 -21.46 22.84
N ILE B 252 -0.94 -21.66 22.51
CA ILE B 252 -2.03 -20.83 23.00
C ILE B 252 -3.15 -21.69 23.52
N MET B 253 -3.84 -21.19 24.54
CA MET B 253 -5.07 -21.72 25.03
C MET B 253 -6.06 -20.56 24.93
N GLY B 254 -7.30 -20.86 24.58
CA GLY B 254 -8.31 -19.83 24.43
C GLY B 254 -9.62 -20.34 23.89
N PHE B 255 -10.51 -19.42 23.51
CA PHE B 255 -11.85 -19.78 23.12
C PHE B 255 -12.18 -19.39 21.68
N PRO B 256 -11.63 -20.08 20.67
CA PRO B 256 -11.99 -19.73 19.27
C PRO B 256 -13.49 -19.97 19.06
N GLY B 257 -14.12 -19.00 18.41
CA GLY B 257 -15.56 -19.00 18.25
C GLY B 257 -16.09 -19.93 17.20
N THR B 258 -15.73 -19.73 15.92
CA THR B 258 -16.26 -20.56 14.84
C THR B 258 -15.23 -20.85 13.74
N THR B 259 -15.33 -22.04 13.14
CA THR B 259 -14.55 -22.44 11.95
C THR B 259 -15.49 -23.24 11.08
N HIS B 260 -15.10 -23.54 9.84
CA HIS B 260 -15.91 -24.33 8.91
C HIS B 260 -14.96 -25.26 8.20
N ARG B 261 -14.25 -26.07 9.00
CA ARG B 261 -13.26 -27.01 8.49
C ARG B 261 -13.86 -28.16 7.70
N TYR B 262 -15.18 -28.43 7.85
CA TYR B 262 -15.79 -29.55 7.15
C TYR B 262 -16.77 -29.10 6.08
N PHE B 263 -16.56 -27.89 5.51
CA PHE B 263 -17.37 -27.41 4.39
C PHE B 263 -17.20 -28.36 3.22
N THR B 264 -18.26 -28.54 2.42
CA THR B 264 -18.11 -29.29 1.17
C THR B 264 -17.51 -28.28 0.16
N ALA B 265 -17.08 -28.76 -1.01
CA ALA B 265 -16.60 -27.87 -2.07
C ALA B 265 -17.72 -26.91 -2.49
N SER B 266 -19.01 -27.39 -2.49
CA SER B 266 -20.15 -26.56 -2.84
C SER B 266 -20.40 -25.44 -1.82
N GLU B 267 -20.09 -25.68 -0.55
CA GLU B 267 -20.24 -24.65 0.49
C GLU B 267 -19.12 -23.61 0.36
N VAL B 268 -17.92 -24.02 -0.09
CA VAL B 268 -16.85 -23.06 -0.35
C VAL B 268 -17.27 -22.15 -1.53
N ASP B 269 -17.84 -22.74 -2.62
CA ASP B 269 -18.29 -21.97 -3.80
C ASP B 269 -19.37 -20.97 -3.42
N GLU B 270 -20.29 -21.38 -2.54
CA GLU B 270 -21.39 -20.54 -2.08
C GLU B 270 -20.85 -19.37 -1.24
N TRP B 271 -19.92 -19.67 -0.31
CA TRP B 271 -19.31 -18.68 0.56
C TRP B 271 -18.60 -17.60 -0.28
N LYS B 272 -17.92 -18.02 -1.33
CA LYS B 272 -17.26 -17.10 -2.25
C LYS B 272 -18.26 -16.28 -3.09
N SER B 273 -19.10 -16.96 -3.87
CA SER B 273 -19.92 -16.34 -4.91
C SER B 273 -21.16 -15.65 -4.42
N ILE B 274 -21.63 -15.98 -3.20
CA ILE B 274 -22.78 -15.31 -2.63
C ILE B 274 -22.30 -14.41 -1.48
N ASP B 275 -22.00 -15.00 -0.29
CA ASP B 275 -21.63 -14.31 0.91
C ASP B 275 -20.54 -13.26 0.70
N ASN B 276 -19.36 -13.67 0.24
CA ASN B 276 -18.23 -12.79 0.10
C ASN B 276 -18.35 -11.82 -1.05
N ASP B 277 -18.67 -12.28 -2.27
CA ASP B 277 -18.78 -11.35 -3.40
C ASP B 277 -19.83 -10.27 -3.17
N ILE B 278 -20.99 -10.61 -2.58
CA ILE B 278 -22.03 -9.61 -2.34
C ILE B 278 -21.58 -8.62 -1.25
N ARG B 279 -20.99 -9.12 -0.15
CA ARG B 279 -20.49 -8.25 0.91
C ARG B 279 -19.41 -7.28 0.35
N ILE B 280 -18.49 -7.81 -0.46
CA ILE B 280 -17.42 -7.02 -1.08
C ILE B 280 -18.02 -5.97 -2.02
N ARG B 281 -18.87 -6.39 -2.95
CA ARG B 281 -19.45 -5.47 -3.91
C ARG B 281 -20.30 -4.39 -3.23
N MET B 282 -21.20 -4.80 -2.30
CA MET B 282 -22.08 -3.84 -1.65
C MET B 282 -21.35 -2.88 -0.74
N ARG B 283 -20.40 -3.38 0.04
CA ARG B 283 -19.65 -2.50 0.95
C ARG B 283 -18.69 -1.60 0.18
N ASP B 284 -18.15 -2.05 -0.96
CA ASP B 284 -17.29 -1.19 -1.78
C ASP B 284 -18.08 0.03 -2.30
N ILE B 285 -19.35 -0.18 -2.68
CA ILE B 285 -20.21 0.91 -3.12
C ILE B 285 -20.52 1.87 -1.95
N ARG B 286 -20.95 1.31 -0.81
CA ARG B 286 -21.31 2.08 0.38
C ARG B 286 -20.13 2.93 0.87
N GLN B 287 -18.95 2.28 0.98
CA GLN B 287 -17.70 2.88 1.42
C GLN B 287 -17.20 3.98 0.49
N GLY B 288 -17.31 3.77 -0.82
CA GLY B 288 -16.89 4.78 -1.79
C GLY B 288 -17.68 6.07 -1.66
N VAL B 289 -19.02 5.98 -1.53
CA VAL B 289 -19.85 7.17 -1.39
C VAL B 289 -19.55 7.85 -0.07
N MET B 290 -19.46 7.06 1.00
CA MET B 290 -19.16 7.53 2.35
C MET B 290 -17.79 8.25 2.40
N LEU B 291 -16.75 7.66 1.81
CA LEU B 291 -15.40 8.24 1.79
C LEU B 291 -15.39 9.56 1.05
N ARG B 292 -16.04 9.63 -0.14
CA ARG B 292 -16.16 10.85 -0.95
C ARG B 292 -16.73 11.99 -0.08
N GLU B 293 -17.82 11.69 0.68
CA GLU B 293 -18.49 12.67 1.52
C GLU B 293 -17.67 13.09 2.72
N MET B 294 -16.92 12.15 3.31
CA MET B 294 -16.08 12.42 4.47
C MET B 294 -14.88 13.29 4.10
N LEU B 295 -14.28 13.06 2.91
CA LEU B 295 -13.15 13.83 2.42
C LEU B 295 -13.54 15.27 2.01
N ALA B 296 -14.80 15.48 1.60
CA ALA B 296 -15.25 16.79 1.17
C ALA B 296 -15.72 17.69 2.32
N ASP B 297 -16.16 17.09 3.42
CA ASP B 297 -16.70 17.84 4.55
C ASP B 297 -16.13 17.28 5.86
N PRO B 298 -15.28 18.06 6.56
CA PRO B 298 -14.73 17.60 7.84
C PRO B 298 -15.76 17.24 8.91
N GLN B 299 -16.95 17.84 8.85
CA GLN B 299 -18.01 17.52 9.80
C GLN B 299 -18.59 16.14 9.48
N ILE B 300 -18.74 15.80 8.19
CA ILE B 300 -19.21 14.48 7.75
C ILE B 300 -18.18 13.39 8.15
N LYS B 301 -16.88 13.72 8.08
CA LYS B 301 -15.81 12.81 8.47
C LYS B 301 -15.93 12.44 9.95
N ILE B 302 -16.23 13.43 10.80
CA ILE B 302 -16.41 13.18 12.23
C ILE B 302 -17.67 12.31 12.47
N MET B 303 -18.79 12.65 11.82
CA MET B 303 -20.04 11.90 11.99
C MET B 303 -20.02 10.47 11.44
N TYR B 304 -19.27 10.22 10.36
CA TYR B 304 -19.28 8.93 9.68
C TYR B 304 -18.05 8.06 9.85
N SER B 305 -17.02 8.49 10.62
CA SER B 305 -15.80 7.69 10.79
C SER B 305 -16.00 6.31 11.41
N ALA B 306 -16.82 6.24 12.44
CA ALA B 306 -17.10 4.99 13.11
C ALA B 306 -17.92 4.07 12.21
N LYS B 307 -18.93 4.61 11.50
CA LYS B 307 -19.79 3.84 10.60
C LYS B 307 -18.95 3.27 9.44
N TYR B 308 -18.04 4.08 8.90
CA TYR B 308 -17.13 3.70 7.82
C TYR B 308 -16.19 2.58 8.28
N ALA B 309 -15.58 2.73 9.47
CA ALA B 309 -14.67 1.73 10.04
C ALA B 309 -15.41 0.42 10.32
N ALA B 310 -16.65 0.49 10.83
CA ALA B 310 -17.43 -0.70 11.12
C ALA B 310 -17.75 -1.50 9.83
N SER B 311 -17.98 -0.79 8.71
CA SER B 311 -18.28 -1.44 7.45
C SER B 311 -17.02 -2.12 6.88
N GLN B 312 -15.85 -1.44 7.01
CA GLN B 312 -14.57 -1.90 6.49
C GLN B 312 -14.01 -3.18 7.11
N ASN B 313 -14.28 -3.42 8.39
CA ASN B 313 -13.71 -4.57 9.07
C ASN B 313 -14.04 -5.92 8.42
N ALA B 314 -15.33 -6.24 8.21
CA ALA B 314 -15.72 -7.49 7.58
C ALA B 314 -15.55 -7.45 6.05
N TYR B 315 -15.43 -6.24 5.45
CA TYR B 315 -15.15 -6.06 4.04
C TYR B 315 -13.72 -6.62 3.79
N LYS B 316 -12.75 -6.20 4.64
CA LYS B 316 -11.37 -6.66 4.55
C LYS B 316 -11.27 -8.19 4.76
N ARG B 317 -12.03 -8.72 5.72
CA ARG B 317 -12.07 -10.15 6.03
C ARG B 317 -12.55 -10.91 4.79
N ALA B 318 -13.62 -10.42 4.14
CA ALA B 318 -14.16 -11.07 2.95
C ALA B 318 -13.17 -11.03 1.77
N ILE B 319 -12.36 -9.95 1.66
CA ILE B 319 -11.32 -9.83 0.62
C ILE B 319 -10.24 -10.87 0.92
N GLY B 320 -9.82 -10.96 2.18
CA GLY B 320 -8.80 -11.93 2.57
C GLY B 320 -9.21 -13.37 2.34
N ALA B 321 -10.48 -13.68 2.64
CA ALA B 321 -11.07 -15.02 2.51
C ALA B 321 -11.17 -15.38 1.04
N ASN B 322 -11.63 -14.44 0.21
CA ASN B 322 -11.71 -14.68 -1.23
C ASN B 322 -10.35 -14.85 -1.88
N TRP B 323 -9.31 -14.20 -1.33
CA TRP B 323 -7.96 -14.39 -1.84
C TRP B 323 -7.52 -15.85 -1.59
N ALA B 324 -7.85 -16.40 -0.41
CA ALA B 324 -7.50 -17.80 -0.12
C ALA B 324 -8.26 -18.76 -1.04
N ILE B 325 -9.56 -18.50 -1.28
CA ILE B 325 -10.35 -19.35 -2.17
C ILE B 325 -9.77 -19.35 -3.58
N LYS B 326 -9.37 -18.17 -4.06
CA LYS B 326 -8.81 -18.02 -5.38
C LYS B 326 -7.42 -18.60 -5.56
N THR B 327 -6.55 -18.46 -4.55
CA THR B 327 -5.13 -18.82 -4.70
C THR B 327 -4.63 -20.03 -3.91
N ARG B 328 -5.35 -20.46 -2.87
CA ARG B 328 -4.84 -21.55 -2.02
C ARG B 328 -5.56 -22.89 -2.20
N GLY B 329 -6.43 -22.99 -3.20
CA GLY B 329 -7.14 -24.23 -3.53
C GLY B 329 -8.07 -24.73 -2.46
N LEU B 330 -8.81 -23.83 -1.79
CA LEU B 330 -9.72 -24.27 -0.72
C LEU B 330 -10.80 -25.20 -1.26
N ARG B 331 -11.42 -24.82 -2.38
CA ARG B 331 -12.48 -25.61 -2.98
C ARG B 331 -12.00 -26.99 -3.43
N GLN B 332 -10.82 -27.02 -4.04
CA GLN B 332 -10.18 -28.24 -4.52
C GLN B 332 -9.83 -29.18 -3.38
N ASN B 333 -9.35 -28.65 -2.26
CA ASN B 333 -8.99 -29.48 -1.12
C ASN B 333 -10.23 -30.06 -0.43
N LYS B 334 -11.35 -29.32 -0.43
CA LYS B 334 -12.59 -29.86 0.13
C LYS B 334 -13.12 -30.96 -0.79
N GLN B 335 -13.01 -30.76 -2.12
CA GLN B 335 -13.42 -31.73 -3.14
C GLN B 335 -12.60 -33.02 -2.96
N ALA B 336 -11.28 -32.89 -2.76
CA ALA B 336 -10.43 -34.08 -2.57
C ALA B 336 -10.78 -34.83 -1.27
N MET B 337 -11.08 -34.09 -0.19
CA MET B 337 -11.47 -34.64 1.10
C MET B 337 -12.75 -35.46 0.94
N GLN B 338 -13.76 -34.93 0.23
CA GLN B 338 -15.02 -35.63 0.06
C GLN B 338 -14.94 -36.79 -0.97
N ASP B 339 -14.09 -36.67 -2.01
CA ASP B 339 -13.93 -37.78 -2.98
C ASP B 339 -13.23 -38.97 -2.32
N ARG B 340 -12.28 -38.69 -1.40
CA ARG B 340 -11.54 -39.71 -0.67
C ARG B 340 -12.51 -40.48 0.27
N LEU B 341 -13.42 -39.75 0.95
CA LEU B 341 -14.40 -40.40 1.81
C LEU B 341 -15.36 -41.27 1.00
N ILE B 342 -15.81 -40.77 -0.15
CA ILE B 342 -16.74 -41.45 -1.05
C ILE B 342 -16.14 -42.73 -1.61
N ALA B 343 -14.85 -42.70 -1.98
CA ALA B 343 -14.17 -43.88 -2.49
C ALA B 343 -13.99 -44.91 -1.38
N TRP B 344 -13.68 -44.46 -0.16
CA TRP B 344 -13.52 -45.34 0.99
C TRP B 344 -14.85 -45.97 1.39
N GLY B 345 -15.92 -45.20 1.34
CA GLY B 345 -17.26 -45.66 1.67
C GLY B 345 -17.72 -46.72 0.69
N ALA B 346 -17.42 -46.54 -0.61
CA ALA B 346 -17.77 -47.53 -1.64
C ALA B 346 -17.03 -48.85 -1.38
N LYS B 347 -15.77 -48.76 -0.95
CA LYS B 347 -14.95 -49.91 -0.61
C LYS B 347 -15.54 -50.64 0.62
N GLN B 348 -15.99 -49.92 1.66
CA GLN B 348 -16.59 -50.55 2.83
C GLN B 348 -18.01 -51.11 2.59
N GLY B 349 -18.64 -50.73 1.47
CA GLY B 349 -20.01 -51.10 1.18
C GLY B 349 -21.02 -50.22 1.90
N THR B 350 -20.62 -49.00 2.31
CA THR B 350 -21.48 -48.07 3.03
C THR B 350 -21.72 -46.79 2.21
N PRO B 351 -22.90 -46.64 1.58
CA PRO B 351 -23.14 -45.44 0.76
C PRO B 351 -23.61 -44.20 1.50
N ARG B 352 -23.84 -44.26 2.82
CA ARG B 352 -24.38 -43.13 3.58
C ARG B 352 -23.51 -41.84 3.52
N TYR B 353 -22.19 -41.95 3.33
CA TYR B 353 -21.32 -40.79 3.26
C TYR B 353 -21.47 -40.06 1.94
N GLU B 354 -21.59 -40.83 0.83
CA GLU B 354 -21.82 -40.22 -0.48
C GLU B 354 -23.22 -39.59 -0.53
N GLU B 355 -24.21 -40.23 0.09
CA GLU B 355 -25.57 -39.70 0.18
C GLU B 355 -25.58 -38.41 1.00
N ALA B 356 -24.76 -38.33 2.07
CA ALA B 356 -24.68 -37.15 2.92
C ALA B 356 -24.06 -35.97 2.17
N VAL B 357 -22.99 -36.21 1.41
CA VAL B 357 -22.35 -35.15 0.61
C VAL B 357 -23.34 -34.68 -0.48
N HIS B 358 -24.07 -35.63 -1.10
CA HIS B 358 -25.08 -35.31 -2.09
C HIS B 358 -26.17 -34.43 -1.50
N GLU B 359 -26.64 -34.74 -0.27
CA GLU B 359 -27.69 -33.95 0.37
C GLU B 359 -27.23 -32.51 0.63
N ILE B 360 -25.96 -32.34 1.02
CA ILE B 360 -25.42 -30.99 1.24
C ILE B 360 -25.37 -30.23 -0.09
N ASP B 361 -24.82 -30.85 -1.15
CA ASP B 361 -24.74 -30.22 -2.47
C ASP B 361 -26.13 -29.83 -2.99
N ALA B 362 -27.12 -30.73 -2.91
CA ALA B 362 -28.47 -30.46 -3.40
C ALA B 362 -29.12 -29.31 -2.61
N THR B 363 -28.88 -29.26 -1.30
CA THR B 363 -29.46 -28.21 -0.46
C THR B 363 -28.83 -26.87 -0.79
N VAL B 364 -27.50 -26.85 -0.95
CA VAL B 364 -26.78 -25.64 -1.31
C VAL B 364 -27.29 -25.13 -2.67
N ALA B 365 -27.46 -26.05 -3.64
CA ALA B 365 -27.95 -25.69 -4.97
C ALA B 365 -29.39 -25.15 -4.91
N LYS B 366 -30.26 -25.82 -4.14
CA LYS B 366 -31.65 -25.39 -4.01
C LYS B 366 -31.82 -23.98 -3.40
N ARG B 367 -31.03 -23.65 -2.37
CA ARG B 367 -31.19 -22.35 -1.70
C ARG B 367 -30.46 -21.18 -2.34
N ALA B 368 -29.70 -21.39 -3.43
CA ALA B 368 -28.87 -20.34 -4.02
C ALA B 368 -29.58 -19.02 -4.31
N ASP B 369 -30.72 -19.04 -5.03
CA ASP B 369 -31.41 -17.80 -5.38
C ASP B 369 -31.91 -17.06 -4.13
N LEU B 370 -32.48 -17.80 -3.18
CA LEU B 370 -32.95 -17.25 -1.92
C LEU B 370 -31.76 -16.64 -1.11
N ARG B 371 -30.65 -17.38 -0.98
CA ARG B 371 -29.47 -16.91 -0.25
C ARG B 371 -28.89 -15.65 -0.88
N ARG B 372 -28.89 -15.61 -2.23
CA ARG B 372 -28.42 -14.47 -2.98
C ARG B 372 -29.34 -13.27 -2.70
N ARG B 373 -30.65 -13.47 -2.73
CA ARG B 373 -31.60 -12.39 -2.41
C ARG B 373 -31.44 -11.88 -0.97
N TYR B 374 -31.12 -12.78 -0.02
CA TYR B 374 -30.96 -12.42 1.39
C TYR B 374 -29.70 -11.56 1.59
N TRP B 375 -28.55 -12.00 1.04
CA TRP B 375 -27.31 -11.25 1.17
C TRP B 375 -27.42 -9.92 0.45
N MET B 376 -28.08 -9.89 -0.73
CA MET B 376 -28.29 -8.68 -1.50
C MET B 376 -29.08 -7.65 -0.65
N ILE B 377 -30.18 -8.07 -0.01
CA ILE B 377 -30.97 -7.14 0.80
C ILE B 377 -30.29 -6.77 2.11
N GLU B 378 -29.61 -7.71 2.76
CA GLU B 378 -28.93 -7.44 4.02
C GLU B 378 -27.74 -6.49 3.83
N GLU B 379 -26.88 -6.75 2.86
CA GLU B 379 -25.73 -5.88 2.61
C GLU B 379 -26.13 -4.61 1.89
N GLY B 380 -27.03 -4.74 0.93
CA GLY B 380 -27.49 -3.60 0.14
C GLY B 380 -28.36 -2.61 0.85
N ILE B 381 -29.31 -3.10 1.67
CA ILE B 381 -30.28 -2.21 2.32
C ILE B 381 -30.27 -2.23 3.86
N ILE B 382 -30.38 -3.42 4.48
CA ILE B 382 -30.47 -3.53 5.94
C ILE B 382 -29.23 -2.90 6.63
N ARG B 383 -28.03 -3.21 6.16
CA ARG B 383 -26.84 -2.51 6.66
C ARG B 383 -26.38 -1.38 5.72
N GLY B 384 -26.78 -1.39 4.46
CA GLY B 384 -26.33 -0.40 3.50
C GLY B 384 -26.96 0.97 3.54
N ILE B 385 -28.26 1.05 3.88
CA ILE B 385 -28.99 2.31 3.86
C ILE B 385 -29.52 2.63 5.28
N GLU B 386 -29.11 3.78 5.84
CA GLU B 386 -29.53 4.16 7.19
C GLU B 386 -31.02 4.35 7.36
N PHE B 387 -31.72 4.90 6.35
CA PHE B 387 -33.16 5.12 6.49
C PHE B 387 -33.95 3.79 6.43
N ALA B 388 -33.28 2.64 6.17
CA ALA B 388 -33.96 1.35 6.30
C ALA B 388 -34.27 1.11 7.80
N ARG B 389 -33.42 1.64 8.72
CA ARG B 389 -33.67 1.53 10.15
C ARG B 389 -34.32 2.79 10.75
N SER B 390 -35.13 3.47 9.95
CA SER B 390 -35.89 4.62 10.43
C SER B 390 -37.13 4.09 11.23
N PRO B 391 -37.83 4.95 12.01
CA PRO B 391 -38.94 4.44 12.84
C PRO B 391 -40.13 3.81 12.11
N ILE B 392 -40.56 2.66 12.62
CA ILE B 392 -41.76 2.00 12.13
C ILE B 392 -42.75 1.96 13.30
N PRO B 393 -43.90 2.63 13.17
CA PRO B 393 -44.89 2.64 14.26
C PRO B 393 -45.34 1.23 14.64
N THR B 394 -45.15 0.87 15.91
CA THR B 394 -45.54 -0.45 16.42
C THR B 394 -47.08 -0.67 16.34
N GLU B 395 -47.56 -1.88 16.65
CA GLU B 395 -49.01 -2.14 16.68
C GLU B 395 -49.62 -1.39 17.88
N ASP B 396 -48.90 -1.39 19.02
CA ASP B 396 -49.27 -0.71 20.27
C ASP B 396 -49.31 0.83 20.12
N GLU B 397 -48.64 1.39 19.08
CA GLU B 397 -48.59 2.82 18.81
C GLU B 397 -49.68 3.20 17.84
N THR B 398 -49.95 2.37 16.82
CA THR B 398 -51.01 2.65 15.87
C THR B 398 -52.38 2.43 16.54
N LYS B 399 -52.50 1.42 17.41
CA LYS B 399 -53.72 1.15 18.17
C LYS B 399 -53.59 1.88 19.51
N ALA B 400 -53.36 3.19 19.40
CA ALA B 400 -53.21 4.22 20.45
C ALA B 400 -53.40 5.59 19.79
N LEU B 401 -52.85 5.78 18.59
CA LEU B 401 -53.04 7.02 17.83
C LEU B 401 -54.43 7.04 17.21
N GLN B 402 -54.93 5.87 16.76
CA GLN B 402 -56.25 5.68 16.17
C GLN B 402 -56.56 4.19 15.92
N ALA B 406 -58.45 7.33 24.00
CA ALA B 406 -57.69 7.77 25.17
C ALA B 406 -56.63 8.79 24.78
N SER B 407 -56.16 9.62 25.74
CA SER B 407 -55.10 10.59 25.44
C SER B 407 -53.69 9.97 25.39
N ALA B 408 -53.60 8.65 25.21
CA ALA B 408 -52.32 7.97 25.04
C ALA B 408 -51.73 8.23 23.59
N ARG B 409 -52.35 9.15 22.82
CA ARG B 409 -51.92 9.66 21.52
C ARG B 409 -50.58 10.40 21.75
N LYS B 410 -50.50 11.21 22.82
CA LYS B 410 -49.29 11.96 23.21
C LYS B 410 -48.16 11.00 23.64
N GLU B 411 -48.52 9.83 24.21
CA GLU B 411 -47.56 8.81 24.65
C GLU B 411 -47.01 8.06 23.42
N ALA B 412 -47.85 7.84 22.38
CA ALA B 412 -47.43 7.17 21.17
C ALA B 412 -46.45 8.08 20.43
N ILE B 413 -46.79 9.37 20.31
CA ILE B 413 -45.95 10.37 19.65
C ILE B 413 -44.62 10.55 20.36
N ASP B 414 -44.60 10.46 21.70
CA ASP B 414 -43.35 10.62 22.44
C ASP B 414 -42.39 9.46 22.19
N LYS B 415 -42.93 8.24 22.04
CA LYS B 415 -42.11 7.06 21.79
C LYS B 415 -41.60 7.08 20.32
N ILE B 416 -42.46 7.52 19.39
CA ILE B 416 -42.05 7.65 17.99
C ILE B 416 -40.98 8.75 17.85
N ARG B 417 -41.12 9.85 18.60
CA ARG B 417 -40.16 10.95 18.62
C ARG B 417 -38.80 10.47 19.13
N THR B 418 -38.80 9.68 20.21
CA THR B 418 -37.58 9.15 20.80
C THR B 418 -36.80 8.30 19.78
N ARG B 419 -37.51 7.43 19.04
CA ARG B 419 -36.90 6.61 18.00
C ARG B 419 -36.45 7.45 16.81
N TYR B 420 -37.20 8.52 16.47
CA TYR B 420 -36.80 9.40 15.39
C TYR B 420 -35.48 10.12 15.77
N SER B 421 -35.37 10.56 17.02
CA SER B 421 -34.21 11.26 17.56
C SER B 421 -32.96 10.34 17.60
N LYS B 422 -33.18 9.03 17.79
CA LYS B 422 -32.09 8.05 17.77
C LYS B 422 -31.66 7.74 16.31
N PHE B 423 -32.59 7.82 15.35
CA PHE B 423 -32.29 7.59 13.94
C PHE B 423 -31.58 8.84 13.38
N ALA B 424 -32.20 10.02 13.49
CA ALA B 424 -31.60 11.26 13.03
C ALA B 424 -30.76 11.88 14.17
N ASN B 425 -29.77 11.13 14.66
CA ASN B 425 -28.92 11.60 15.76
C ASN B 425 -27.81 12.58 15.29
N LYS B 426 -26.89 12.98 16.20
CA LYS B 426 -25.79 13.90 15.91
C LYS B 426 -24.85 13.41 14.79
N ASP B 427 -24.83 12.10 14.52
CA ASP B 427 -23.99 11.54 13.46
C ASP B 427 -24.75 11.18 12.18
N TYR B 428 -26.05 11.48 12.10
CA TYR B 428 -26.82 11.16 10.92
C TYR B 428 -26.89 12.34 9.96
N SER B 429 -26.61 12.09 8.69
CA SER B 429 -26.76 13.11 7.65
C SER B 429 -27.73 12.55 6.60
N ALA B 430 -28.90 13.21 6.43
CA ALA B 430 -29.89 12.84 5.41
C ALA B 430 -29.32 12.99 4.00
N GLU B 431 -28.44 13.98 3.77
CA GLU B 431 -27.81 14.18 2.46
C GLU B 431 -26.82 13.07 2.15
N VAL B 432 -26.01 12.66 3.13
CA VAL B 432 -25.09 11.54 2.95
C VAL B 432 -25.89 10.25 2.74
N ASP B 433 -26.94 10.05 3.53
CA ASP B 433 -27.79 8.88 3.41
C ASP B 433 -28.50 8.77 2.07
N LYS B 434 -29.05 9.88 1.53
CA LYS B 434 -29.66 9.87 0.20
C LYS B 434 -28.64 9.46 -0.87
N LYS B 435 -27.41 10.00 -0.80
CA LYS B 435 -26.38 9.67 -1.78
C LYS B 435 -26.00 8.20 -1.68
N VAL B 436 -25.82 7.68 -0.46
CA VAL B 436 -25.51 6.26 -0.28
C VAL B 436 -26.68 5.40 -0.81
N ALA B 437 -27.93 5.77 -0.48
CA ALA B 437 -29.10 5.02 -0.90
C ALA B 437 -29.26 4.98 -2.40
N VAL B 438 -29.02 6.10 -3.09
CA VAL B 438 -29.10 6.13 -4.54
C VAL B 438 -28.12 5.14 -5.19
N ALA B 439 -26.88 5.09 -4.71
CA ALA B 439 -25.88 4.15 -5.23
C ALA B 439 -26.21 2.69 -4.85
N MET B 440 -26.62 2.46 -3.59
CA MET B 440 -26.91 1.11 -3.11
C MET B 440 -28.13 0.54 -3.82
N LEU B 441 -29.20 1.33 -3.94
CA LEU B 441 -30.43 0.93 -4.59
C LEU B 441 -30.23 0.73 -6.08
N THR B 442 -29.38 1.55 -6.74
CA THR B 442 -29.07 1.37 -8.17
C THR B 442 -28.48 -0.04 -8.41
N GLU B 443 -27.55 -0.45 -7.53
CA GLU B 443 -26.95 -1.77 -7.62
C GLU B 443 -27.99 -2.87 -7.31
N TYR B 444 -28.78 -2.67 -6.23
CA TYR B 444 -29.79 -3.61 -5.78
C TYR B 444 -30.85 -3.87 -6.87
N LEU B 445 -31.35 -2.80 -7.53
CA LEU B 445 -32.36 -2.87 -8.59
C LEU B 445 -31.81 -3.52 -9.87
N LYS B 446 -30.50 -3.37 -10.13
CA LYS B 446 -29.82 -4.05 -11.23
C LYS B 446 -29.76 -5.58 -10.96
N GLU B 447 -29.63 -5.98 -9.69
CA GLU B 447 -29.46 -7.39 -9.32
C GLU B 447 -30.71 -8.15 -8.97
N ILE B 448 -31.73 -7.46 -8.43
CA ILE B 448 -32.93 -8.12 -7.99
C ILE B 448 -34.09 -7.82 -8.93
N PRO B 449 -34.69 -8.86 -9.54
CA PRO B 449 -35.81 -8.62 -10.47
C PRO B 449 -37.05 -8.07 -9.79
N TYR B 450 -37.89 -7.34 -10.54
CA TYR B 450 -39.15 -6.74 -10.09
C TYR B 450 -40.01 -7.67 -9.21
N GLU B 451 -40.24 -8.91 -9.67
CA GLU B 451 -41.06 -9.87 -8.93
C GLU B 451 -40.44 -10.31 -7.60
N ASN B 452 -39.14 -10.08 -7.41
CA ASN B 452 -38.46 -10.40 -6.15
C ASN B 452 -38.15 -9.15 -5.28
N LEU B 453 -38.59 -7.95 -5.72
CA LEU B 453 -38.32 -6.73 -4.99
C LEU B 453 -39.20 -6.57 -3.76
N PRO B 454 -38.71 -5.89 -2.70
CA PRO B 454 -39.61 -5.50 -1.61
C PRO B 454 -40.70 -4.57 -2.21
N LEU B 455 -41.98 -4.77 -1.82
CA LEU B 455 -43.13 -4.07 -2.40
C LEU B 455 -42.92 -2.59 -2.74
N HIS B 456 -42.40 -1.79 -1.79
CA HIS B 456 -42.18 -0.36 -2.03
C HIS B 456 -41.19 -0.03 -3.16
N LEU B 457 -40.13 -0.86 -3.33
CA LEU B 457 -39.12 -0.63 -4.36
C LEU B 457 -39.66 -0.80 -5.80
N ARG B 458 -40.80 -1.48 -5.96
CA ARG B 458 -41.50 -1.59 -7.24
C ARG B 458 -41.89 -0.19 -7.77
N LEU B 459 -42.11 0.78 -6.84
CA LEU B 459 -42.45 2.16 -7.20
C LEU B 459 -41.36 2.83 -8.03
N VAL B 460 -40.09 2.35 -7.98
CA VAL B 460 -39.03 2.95 -8.79
C VAL B 460 -39.35 2.81 -10.27
N LYS B 461 -39.84 1.64 -10.67
CA LYS B 461 -40.22 1.39 -12.05
C LYS B 461 -41.64 1.93 -12.35
N ASP B 462 -42.60 1.62 -11.48
CA ASP B 462 -44.00 1.98 -11.68
C ASP B 462 -44.34 3.46 -11.58
N ARG B 463 -43.80 4.16 -10.59
CA ARG B 463 -44.13 5.54 -10.33
C ARG B 463 -43.05 6.53 -10.73
N PHE B 464 -41.77 6.16 -10.60
CA PHE B 464 -40.68 7.11 -10.86
C PHE B 464 -39.93 6.89 -12.16
N ALA B 465 -40.49 6.10 -13.08
CA ALA B 465 -39.90 5.82 -14.40
C ALA B 465 -38.41 5.41 -14.36
N GLY B 466 -38.07 4.60 -13.38
CA GLY B 466 -36.70 4.11 -13.19
C GLY B 466 -35.73 5.09 -12.57
N ASP B 467 -36.19 6.31 -12.20
CA ASP B 467 -35.32 7.33 -11.61
C ASP B 467 -35.17 7.06 -10.10
N VAL B 468 -34.02 6.48 -9.70
CA VAL B 468 -33.72 6.12 -8.31
C VAL B 468 -33.56 7.38 -7.47
N GLN B 469 -32.88 8.41 -8.02
CA GLN B 469 -32.70 9.68 -7.34
C GLN B 469 -34.05 10.32 -6.98
N ALA B 470 -35.01 10.33 -7.90
CA ALA B 470 -36.35 10.90 -7.66
C ALA B 470 -37.11 10.14 -6.60
N TYR B 471 -36.98 8.81 -6.61
CA TYR B 471 -37.64 7.95 -5.64
C TYR B 471 -37.14 8.27 -4.22
N VAL B 472 -35.81 8.40 -4.06
CA VAL B 472 -35.17 8.69 -2.79
C VAL B 472 -35.48 10.12 -2.37
N ASP B 473 -35.46 11.07 -3.31
CA ASP B 473 -35.81 12.47 -3.05
C ASP B 473 -37.23 12.56 -2.51
N ASP B 474 -38.16 11.83 -3.13
CA ASP B 474 -39.56 11.85 -2.74
C ASP B 474 -39.77 11.28 -1.33
N ILE B 475 -39.01 10.23 -0.95
CA ILE B 475 -39.08 9.61 0.38
C ILE B 475 -38.78 10.67 1.44
N PHE B 476 -37.71 11.44 1.26
CA PHE B 476 -37.33 12.48 2.20
C PHE B 476 -38.21 13.72 2.17
N ALA B 477 -38.65 14.15 0.97
CA ALA B 477 -39.49 15.35 0.82
C ALA B 477 -40.86 15.16 1.44
N ARG B 478 -41.44 13.97 1.32
CA ARG B 478 -42.79 13.71 1.82
C ARG B 478 -42.85 12.97 3.15
N SER B 479 -41.74 12.43 3.64
CA SER B 479 -41.79 11.68 4.89
C SER B 479 -41.78 12.55 6.13
N VAL B 480 -42.54 12.11 7.15
CA VAL B 480 -42.55 12.73 8.48
C VAL B 480 -41.16 12.55 9.14
N PHE B 481 -40.34 11.56 8.71
CA PHE B 481 -38.98 11.41 9.24
C PHE B 481 -37.90 12.00 8.31
N GLY B 482 -38.30 12.76 7.28
CA GLY B 482 -37.38 13.37 6.32
C GLY B 482 -36.59 14.54 6.86
N SER B 483 -37.10 15.19 7.89
CA SER B 483 -36.44 16.34 8.54
C SER B 483 -37.13 16.59 9.90
N GLU B 484 -36.53 17.43 10.75
CA GLU B 484 -37.09 17.74 12.06
C GLU B 484 -38.39 18.51 11.91
N ALA B 485 -38.44 19.50 11.00
CA ALA B 485 -39.62 20.31 10.75
C ALA B 485 -40.79 19.47 10.24
N GLN B 486 -40.49 18.47 9.41
CA GLN B 486 -41.51 17.58 8.89
C GLN B 486 -42.05 16.65 9.98
N PHE B 487 -41.20 16.23 10.92
CA PHE B 487 -41.63 15.40 12.04
C PHE B 487 -42.51 16.22 12.96
N ASP B 488 -42.09 17.45 13.27
CA ASP B 488 -42.83 18.34 14.16
C ASP B 488 -44.18 18.71 13.58
N ALA B 489 -44.27 18.88 12.25
CA ALA B 489 -45.56 19.18 11.62
C ALA B 489 -46.49 17.95 11.78
N PHE B 490 -45.93 16.72 11.68
CA PHE B 490 -46.69 15.50 11.90
C PHE B 490 -47.13 15.41 13.37
N ALA B 491 -46.19 15.60 14.32
CA ALA B 491 -46.44 15.51 15.75
C ALA B 491 -47.52 16.49 16.22
N ALA B 492 -47.70 17.63 15.54
CA ALA B 492 -48.75 18.59 15.90
C ALA B 492 -50.13 18.12 15.44
N VAL B 493 -50.22 17.46 14.28
CA VAL B 493 -51.50 16.93 13.74
C VAL B 493 -51.29 15.46 13.33
N PRO B 494 -51.12 14.53 14.31
CA PRO B 494 -50.84 13.14 13.93
C PRO B 494 -52.07 12.31 13.60
N SER B 495 -51.91 11.43 12.62
CA SER B 495 -52.97 10.51 12.23
C SER B 495 -52.36 9.20 11.78
N VAL B 496 -53.02 8.07 12.08
CA VAL B 496 -52.51 6.76 11.63
C VAL B 496 -52.47 6.66 10.10
N GLU B 497 -53.33 7.42 9.41
CA GLU B 497 -53.45 7.53 7.96
C GLU B 497 -52.18 8.11 7.37
N LYS B 498 -51.57 9.11 8.04
CA LYS B 498 -50.33 9.74 7.57
C LYS B 498 -49.17 8.76 7.68
N LEU B 499 -49.13 7.97 8.76
CA LEU B 499 -48.10 6.99 8.99
C LEU B 499 -48.23 5.79 8.04
N ALA B 500 -49.46 5.37 7.78
CA ALA B 500 -49.76 4.23 6.90
C ALA B 500 -49.30 4.46 5.46
N GLU B 501 -49.33 5.71 4.97
CA GLU B 501 -48.90 6.05 3.62
C GLU B 501 -47.52 6.76 3.57
N ASP B 502 -46.83 6.89 4.71
CA ASP B 502 -45.52 7.55 4.74
C ASP B 502 -44.51 6.76 3.89
N PRO B 503 -43.89 7.43 2.91
CA PRO B 503 -42.94 6.73 2.02
C PRO B 503 -41.73 6.11 2.72
N MET B 504 -41.21 6.74 3.78
CA MET B 504 -40.09 6.18 4.52
C MET B 504 -40.53 5.01 5.38
N VAL B 505 -41.72 5.10 6.01
CA VAL B 505 -42.27 4.00 6.80
C VAL B 505 -42.52 2.78 5.88
N LEU B 506 -43.12 3.01 4.71
CA LEU B 506 -43.42 1.96 3.74
C LEU B 506 -42.15 1.32 3.19
N PHE B 507 -41.08 2.12 2.95
CA PHE B 507 -39.80 1.58 2.51
C PHE B 507 -39.24 0.65 3.61
N ALA B 508 -39.07 1.17 4.84
CA ALA B 508 -38.52 0.43 5.96
C ALA B 508 -39.29 -0.84 6.24
N SER B 509 -40.63 -0.77 6.25
CA SER B 509 -41.53 -1.90 6.46
C SER B 509 -41.37 -2.92 5.35
N SER B 510 -41.41 -2.51 4.08
CA SER B 510 -41.25 -3.41 2.93
C SER B 510 -39.89 -4.14 2.91
N VAL B 511 -38.79 -3.43 3.18
CA VAL B 511 -37.46 -4.06 3.13
C VAL B 511 -37.28 -4.99 4.32
N PHE B 512 -37.81 -4.63 5.51
CA PHE B 512 -37.72 -5.52 6.66
C PHE B 512 -38.63 -6.74 6.48
N ASP B 513 -39.77 -6.57 5.82
CA ASP B 513 -40.71 -7.66 5.55
C ASP B 513 -40.04 -8.66 4.62
N GLU B 514 -39.36 -8.17 3.57
CA GLU B 514 -38.71 -9.05 2.61
C GLU B 514 -37.53 -9.76 3.26
N TYR B 515 -36.75 -9.05 4.07
CA TYR B 515 -35.61 -9.57 4.84
C TYR B 515 -36.05 -10.72 5.75
N ARG B 516 -37.17 -10.56 6.48
CA ARG B 516 -37.71 -11.58 7.38
C ARG B 516 -38.31 -12.76 6.62
N LYS B 517 -38.98 -12.50 5.52
CA LYS B 517 -39.54 -13.55 4.68
C LYS B 517 -38.42 -14.44 4.11
N LEU B 518 -37.30 -13.83 3.64
CA LEU B 518 -36.18 -14.57 3.09
C LEU B 518 -35.53 -15.40 4.18
N TYR B 519 -35.33 -14.81 5.37
CA TYR B 519 -34.77 -15.52 6.51
C TYR B 519 -35.61 -16.76 6.86
N ASN B 520 -36.94 -16.61 6.90
CA ASN B 520 -37.86 -17.70 7.22
C ASN B 520 -37.88 -18.78 6.16
N GLU B 521 -37.79 -18.41 4.87
CA GLU B 521 -37.74 -19.40 3.81
C GLU B 521 -36.37 -20.11 3.76
N LEU B 522 -35.29 -19.44 4.15
CA LEU B 522 -33.96 -20.04 4.11
C LEU B 522 -33.63 -20.91 5.33
N ARG B 523 -34.15 -20.54 6.52
CA ARG B 523 -33.90 -21.26 7.76
C ARG B 523 -34.11 -22.79 7.67
N PRO B 524 -35.20 -23.32 7.05
CA PRO B 524 -35.33 -24.78 6.94
C PRO B 524 -34.18 -25.50 6.22
N TYR B 525 -33.45 -24.80 5.33
CA TYR B 525 -32.35 -25.44 4.62
C TYR B 525 -31.13 -25.76 5.50
N ASP B 526 -31.03 -25.13 6.68
CA ASP B 526 -29.90 -25.42 7.58
C ASP B 526 -29.95 -26.82 8.14
N ASP B 527 -31.13 -27.31 8.48
CA ASP B 527 -31.32 -28.62 9.11
C ASP B 527 -30.85 -29.82 8.26
N PRO B 528 -31.22 -29.96 6.96
CA PRO B 528 -30.71 -31.11 6.20
C PRO B 528 -29.19 -31.09 6.06
N ILE B 529 -28.59 -29.88 5.99
CA ILE B 529 -27.13 -29.74 5.91
C ILE B 529 -26.52 -30.20 7.24
N LEU B 530 -27.05 -29.70 8.36
CA LEU B 530 -26.56 -30.10 9.68
C LEU B 530 -26.66 -31.62 9.90
N ARG B 531 -27.81 -32.27 9.55
CA ARG B 531 -27.96 -33.72 9.74
C ARG B 531 -26.99 -34.47 8.85
N ALA B 532 -26.81 -34.02 7.59
CA ALA B 532 -25.87 -34.69 6.68
C ALA B 532 -24.42 -34.48 7.13
N GLN B 533 -24.11 -33.35 7.80
CA GLN B 533 -22.76 -33.11 8.32
C GLN B 533 -22.44 -34.05 9.44
N ARG B 534 -23.43 -34.45 10.26
CA ARG B 534 -23.21 -35.44 11.32
C ARG B 534 -22.70 -36.76 10.70
N THR B 535 -23.31 -37.20 9.59
CA THR B 535 -22.89 -38.42 8.88
C THR B 535 -21.53 -38.22 8.21
N TYR B 536 -21.37 -37.10 7.49
CA TYR B 536 -20.14 -36.73 6.79
C TYR B 536 -18.92 -36.74 7.74
N ILE B 537 -19.01 -36.02 8.87
CA ILE B 537 -17.90 -35.93 9.82
C ILE B 537 -17.66 -37.27 10.52
N ALA B 538 -18.72 -38.05 10.79
CA ALA B 538 -18.54 -39.39 11.39
C ALA B 538 -17.73 -40.28 10.44
N GLY B 539 -17.98 -40.18 9.13
CA GLY B 539 -17.22 -40.93 8.14
C GLY B 539 -15.77 -40.49 8.06
N LEU B 540 -15.52 -39.16 8.06
CA LEU B 540 -14.16 -38.62 8.05
C LEU B 540 -13.38 -39.10 9.28
N LEU B 541 -14.01 -39.10 10.45
CA LEU B 541 -13.41 -39.55 11.70
C LEU B 541 -13.14 -41.06 11.69
N GLU B 542 -14.08 -41.85 11.18
CA GLU B 542 -13.91 -43.31 11.09
C GLU B 542 -12.79 -43.66 10.09
N MET B 543 -12.70 -42.91 9.01
CA MET B 543 -11.69 -43.12 7.98
C MET B 543 -10.27 -42.67 8.37
N ASP B 544 -10.10 -41.38 8.74
CA ASP B 544 -8.77 -40.85 9.02
C ASP B 544 -8.48 -40.55 10.50
N GLY B 545 -9.43 -40.80 11.38
CA GLY B 545 -9.23 -40.60 12.81
C GLY B 545 -9.23 -39.18 13.34
N ASP B 546 -9.52 -39.06 14.66
CA ASP B 546 -9.57 -37.82 15.45
C ASP B 546 -8.16 -37.43 15.96
N GLN B 547 -7.27 -37.07 15.00
CA GLN B 547 -5.88 -36.68 15.22
C GLN B 547 -5.25 -36.29 13.88
N ASP B 548 -5.49 -35.04 13.49
CA ASP B 548 -5.17 -34.29 12.25
C ASP B 548 -6.44 -33.44 11.91
N GLN B 549 -7.63 -34.04 12.14
CA GLN B 549 -8.85 -33.31 11.93
C GLN B 549 -9.47 -32.94 13.28
N PHE B 550 -9.35 -31.65 13.61
CA PHE B 550 -9.82 -31.05 14.86
C PHE B 550 -11.32 -30.75 14.75
N PRO B 551 -12.05 -30.68 15.88
CA PRO B 551 -13.48 -30.35 15.78
C PRO B 551 -13.63 -28.86 15.53
N ASP B 552 -14.62 -28.45 14.71
CA ASP B 552 -14.88 -27.02 14.50
C ASP B 552 -14.96 -26.22 15.82
N ALA B 553 -14.42 -25.01 15.83
CA ALA B 553 -14.47 -24.14 17.02
C ALA B 553 -15.93 -23.85 17.36
N ASN B 554 -16.25 -23.73 18.65
CA ASN B 554 -17.64 -23.50 19.10
C ASN B 554 -17.66 -22.77 20.44
N LEU B 555 -16.73 -21.84 20.63
CA LEU B 555 -16.54 -21.03 21.83
C LEU B 555 -16.23 -21.89 23.08
N THR B 556 -15.43 -22.92 22.86
CA THR B 556 -14.96 -23.78 23.95
C THR B 556 -13.44 -23.70 23.99
N LEU B 557 -12.87 -24.03 25.15
CA LEU B 557 -11.44 -23.99 25.41
C LEU B 557 -10.68 -24.96 24.49
N ARG B 558 -9.70 -24.42 23.78
CA ARG B 558 -8.87 -25.19 22.88
C ARG B 558 -7.44 -24.78 23.06
N PHE B 559 -6.54 -25.66 22.63
CA PHE B 559 -5.14 -25.33 22.58
C PHE B 559 -4.68 -25.48 21.14
N THR B 560 -3.67 -24.69 20.80
CA THR B 560 -3.03 -24.72 19.51
C THR B 560 -1.54 -24.47 19.76
N TYR B 561 -0.70 -25.06 18.93
CA TYR B 561 0.74 -24.92 19.07
C TYR B 561 1.39 -24.70 17.71
N GLY B 562 2.56 -24.09 17.74
CA GLY B 562 3.31 -23.78 16.53
C GLY B 562 4.64 -23.15 16.88
N GLN B 563 5.12 -22.28 16.00
CA GLN B 563 6.40 -21.62 16.20
C GLN B 563 6.33 -20.13 15.94
N VAL B 564 7.26 -19.37 16.52
CA VAL B 564 7.42 -17.94 16.30
C VAL B 564 8.09 -17.89 14.93
N LYS B 565 7.38 -17.39 13.93
CA LYS B 565 7.85 -17.45 12.56
C LYS B 565 7.15 -16.44 11.70
N GLY B 566 7.91 -15.75 10.87
CA GLY B 566 7.33 -14.84 9.90
C GLY B 566 6.90 -15.60 8.66
N TYR B 567 6.73 -14.88 7.53
CA TYR B 567 6.29 -15.48 6.29
C TYR B 567 6.51 -14.53 5.13
N SER B 568 6.46 -15.06 3.90
CA SER B 568 6.56 -14.29 2.68
C SER B 568 5.17 -14.02 2.13
N PRO B 569 4.69 -12.76 2.19
CA PRO B 569 3.34 -12.45 1.70
C PRO B 569 3.19 -12.49 0.18
N ARG B 570 4.30 -12.27 -0.54
CA ARG B 570 4.36 -12.20 -2.00
C ARG B 570 5.82 -12.29 -2.47
N ASP B 571 6.01 -12.47 -3.78
CA ASP B 571 7.30 -12.63 -4.42
C ASP B 571 8.35 -11.61 -3.94
N ASN B 572 9.47 -12.12 -3.43
CA ASN B 572 10.62 -11.31 -2.99
C ASN B 572 10.37 -10.41 -1.75
N VAL B 573 9.31 -10.67 -0.99
CA VAL B 573 9.00 -9.91 0.20
C VAL B 573 8.94 -10.84 1.42
N TYR B 574 9.59 -10.47 2.52
CA TYR B 574 9.53 -11.26 3.74
C TYR B 574 9.14 -10.38 4.91
N TYR B 575 8.22 -10.87 5.75
CA TYR B 575 7.83 -10.20 6.97
C TYR B 575 8.38 -11.11 8.07
N GLY B 576 9.29 -10.59 8.89
CA GLY B 576 9.87 -11.38 9.96
C GLY B 576 8.92 -11.73 11.11
N HIS B 577 9.46 -12.42 12.09
CA HIS B 577 8.71 -12.89 13.22
C HIS B 577 8.53 -11.83 14.29
N GLN B 578 9.30 -10.71 14.29
CA GLN B 578 9.26 -9.74 15.39
C GLN B 578 9.30 -8.27 14.97
N THR B 579 8.41 -7.43 15.54
CA THR B 579 8.45 -5.98 15.33
C THR B 579 9.05 -5.29 16.58
N THR B 580 9.58 -4.08 16.39
CA THR B 580 10.24 -3.33 17.45
C THR B 580 9.64 -1.93 17.62
N LEU B 581 10.04 -1.21 18.71
CA LEU B 581 9.59 0.14 19.00
C LEU B 581 10.00 1.15 17.90
N ASP B 582 11.07 0.84 17.19
CA ASP B 582 11.55 1.57 16.03
C ASP B 582 10.46 1.64 14.95
N GLY B 583 9.69 0.55 14.81
CA GLY B 583 8.58 0.47 13.84
C GLY B 583 7.40 1.35 14.22
N VAL B 584 7.22 1.62 15.50
CA VAL B 584 6.18 2.52 16.00
C VAL B 584 6.59 3.94 15.58
N MET B 585 7.86 4.30 15.81
CA MET B 585 8.43 5.61 15.45
C MET B 585 8.40 5.86 13.94
N GLU B 586 8.67 4.83 13.12
CA GLU B 586 8.59 4.94 11.66
C GLU B 586 7.17 5.29 11.21
N LYS B 587 6.15 4.79 11.96
CA LYS B 587 4.75 5.00 11.61
C LYS B 587 4.14 6.29 12.13
N GLU B 588 4.83 6.99 13.03
CA GLU B 588 4.32 8.23 13.62
C GLU B 588 3.85 9.28 12.60
N ASP B 589 2.65 9.82 12.81
CA ASP B 589 2.04 10.85 11.98
C ASP B 589 1.19 11.68 12.92
N PRO B 590 1.67 12.88 13.30
CA PRO B 590 0.89 13.70 14.26
C PRO B 590 -0.44 14.18 13.72
N ASP B 591 -0.57 14.34 12.38
CA ASP B 591 -1.81 14.79 11.76
C ASP B 591 -2.67 13.61 11.26
N ASN B 592 -2.60 12.48 11.97
CA ASN B 592 -3.38 11.27 11.69
C ASN B 592 -3.57 10.63 13.06
N TRP B 593 -4.76 10.81 13.64
CA TRP B 593 -5.14 10.33 14.97
C TRP B 593 -4.80 8.86 15.21
N GLU B 594 -4.78 8.04 14.15
CA GLU B 594 -4.47 6.63 14.28
C GLU B 594 -3.00 6.41 14.60
N PHE B 595 -2.11 7.23 14.03
CA PHE B 595 -0.69 6.99 14.23
C PHE B 595 0.02 8.01 15.11
N VAL B 596 -0.65 8.49 16.16
CA VAL B 596 -0.01 9.39 17.11
C VAL B 596 0.75 8.53 18.11
N VAL B 597 1.93 8.97 18.50
CA VAL B 597 2.77 8.24 19.42
C VAL B 597 2.79 8.96 20.76
N ASP B 598 2.51 8.20 21.83
CA ASP B 598 2.48 8.71 23.20
C ASP B 598 3.83 9.34 23.55
N PRO B 599 3.80 10.58 24.07
CA PRO B 599 5.05 11.29 24.38
C PRO B 599 5.97 10.55 25.35
N LYS B 600 5.42 9.90 26.37
CA LYS B 600 6.21 9.14 27.34
C LYS B 600 6.91 7.98 26.63
N LEU B 601 6.20 7.30 25.69
CA LEU B 601 6.75 6.20 24.91
C LEU B 601 7.84 6.68 23.96
N LYS B 602 7.63 7.81 23.28
CA LYS B 602 8.63 8.40 22.38
C LYS B 602 9.91 8.76 23.16
N ALA B 603 9.76 9.26 24.40
CA ALA B 603 10.88 9.60 25.27
C ALA B 603 11.64 8.35 25.72
N VAL B 604 10.91 7.27 26.08
CA VAL B 604 11.49 5.98 26.47
C VAL B 604 12.36 5.44 25.32
N TYR B 605 11.85 5.55 24.10
CA TYR B 605 12.56 5.13 22.90
C TYR B 605 13.81 5.99 22.69
N GLU B 606 13.70 7.31 22.86
CA GLU B 606 14.84 8.22 22.66
C GLU B 606 15.97 7.98 23.66
N ARG B 607 15.61 7.80 24.94
CA ARG B 607 16.60 7.52 25.98
C ARG B 607 17.00 6.05 26.05
N LYS B 608 16.36 5.15 25.28
CA LYS B 608 16.60 3.69 25.32
C LYS B 608 16.37 3.17 26.75
N ASP B 609 15.36 3.72 27.44
CA ASP B 609 15.03 3.37 28.80
C ASP B 609 14.19 2.10 28.79
N PHE B 610 14.77 1.02 28.26
CA PHE B 610 14.12 -0.27 28.10
C PHE B 610 14.35 -1.24 29.26
N GLY B 611 15.20 -0.88 30.23
CA GLY B 611 15.49 -1.68 31.41
C GLY B 611 15.82 -3.13 31.12
N ARG B 612 15.11 -4.04 31.78
CA ARG B 612 15.31 -5.47 31.56
C ARG B 612 14.41 -6.03 30.40
N TYR B 613 13.67 -5.16 29.68
CA TYR B 613 12.71 -5.57 28.65
C TYR B 613 13.23 -5.61 27.23
N ALA B 614 14.37 -4.99 26.94
CA ALA B 614 14.91 -4.96 25.58
C ALA B 614 15.54 -6.31 25.23
N ASP B 615 15.68 -6.63 23.93
CA ASP B 615 16.34 -7.88 23.53
C ASP B 615 17.88 -7.80 23.73
N ARG B 616 18.63 -8.84 23.30
CA ARG B 616 20.10 -8.83 23.43
C ARG B 616 20.77 -7.78 22.51
N SER B 617 20.10 -7.38 21.40
CA SER B 617 20.65 -6.34 20.50
C SER B 617 20.50 -4.91 21.03
N GLY B 618 19.67 -4.72 22.05
CA GLY B 618 19.35 -3.38 22.54
C GLY B 618 18.08 -2.82 21.92
N ARG B 619 17.44 -3.56 20.98
CA ARG B 619 16.19 -3.12 20.39
C ARG B 619 15.00 -3.52 21.28
N MET B 620 13.98 -2.65 21.35
CA MET B 620 12.83 -2.92 22.20
C MET B 620 11.74 -3.69 21.41
N PRO B 621 11.45 -4.95 21.78
CA PRO B 621 10.41 -5.70 21.04
C PRO B 621 8.99 -5.17 21.28
N VAL B 622 8.13 -5.29 20.29
CA VAL B 622 6.74 -4.85 20.41
C VAL B 622 5.77 -6.02 20.23
N ALA B 623 5.89 -6.71 19.11
CA ALA B 623 4.98 -7.78 18.76
C ALA B 623 5.72 -8.90 18.04
N PHE B 624 5.13 -10.09 18.04
CA PHE B 624 5.65 -11.20 17.28
C PHE B 624 4.51 -11.97 16.64
N CYS B 625 4.82 -12.85 15.69
CA CYS B 625 3.77 -13.65 15.06
C CYS B 625 4.12 -15.13 15.12
N ALA B 626 3.09 -16.00 15.14
CA ALA B 626 3.30 -17.43 15.31
C ALA B 626 2.42 -18.28 14.41
N THR B 627 2.82 -19.53 14.16
CA THR B 627 2.09 -20.43 13.26
C THR B 627 0.92 -21.16 13.98
N THR B 628 0.53 -20.68 15.16
CA THR B 628 -0.62 -21.17 15.89
C THR B 628 -1.90 -20.92 15.08
N HIS B 629 -2.92 -21.76 15.31
CA HIS B 629 -4.15 -21.68 14.57
C HIS B 629 -5.22 -21.04 15.47
N THR B 630 -5.52 -19.77 15.20
CA THR B 630 -6.46 -19.02 16.00
C THR B 630 -7.54 -18.38 15.13
N THR B 631 -8.62 -17.93 15.76
CA THR B 631 -9.71 -17.23 15.10
C THR B 631 -10.42 -16.29 16.09
N GLY B 632 -11.44 -15.52 15.65
CA GLY B 632 -12.25 -14.66 16.55
C GLY B 632 -12.68 -15.41 17.79
N GLY B 633 -12.44 -14.83 18.95
CA GLY B 633 -12.63 -15.48 20.24
C GLY B 633 -11.29 -15.64 20.95
N ASN B 634 -10.18 -15.79 20.16
CA ASN B 634 -8.81 -15.94 20.67
C ASN B 634 -8.16 -14.63 21.08
N SER B 635 -8.81 -13.47 20.83
CA SER B 635 -8.26 -12.17 21.28
C SER B 635 -8.04 -12.20 22.79
N GLY B 636 -6.83 -11.89 23.23
CA GLY B 636 -6.44 -11.84 24.63
C GLY B 636 -5.86 -13.15 25.17
N SER B 637 -5.76 -14.17 24.32
CA SER B 637 -5.28 -15.49 24.72
C SER B 637 -3.83 -15.46 25.17
N PRO B 638 -3.51 -16.21 26.22
CA PRO B 638 -2.11 -16.31 26.64
C PRO B 638 -1.28 -17.06 25.60
N VAL B 639 -0.08 -16.55 25.32
CA VAL B 639 0.87 -17.19 24.44
C VAL B 639 1.98 -17.71 25.35
N MET B 640 2.21 -19.01 25.30
CA MET B 640 3.19 -19.65 26.15
C MET B 640 4.40 -20.13 25.40
N ASN B 641 5.51 -20.16 26.13
CA ASN B 641 6.84 -20.75 25.92
C ASN B 641 6.72 -22.30 25.92
N ALA B 642 7.84 -22.96 25.61
CA ALA B 642 8.00 -24.40 25.81
C ALA B 642 7.84 -24.76 27.31
N ASN B 643 8.14 -23.83 28.24
CA ASN B 643 7.98 -24.04 29.68
C ASN B 643 6.61 -23.62 30.25
N GLY B 644 5.71 -23.13 29.41
CA GLY B 644 4.38 -22.69 29.88
C GLY B 644 4.36 -21.28 30.44
N GLU B 645 5.47 -20.55 30.35
CA GLU B 645 5.54 -19.17 30.80
C GLU B 645 4.93 -18.25 29.76
N LEU B 646 4.33 -17.16 30.20
CA LEU B 646 3.68 -16.18 29.35
C LEU B 646 4.71 -15.36 28.60
N ILE B 647 4.65 -15.42 27.27
CA ILE B 647 5.53 -14.65 26.38
C ILE B 647 4.79 -13.57 25.58
N GLY B 648 3.46 -13.57 25.61
CA GLY B 648 2.67 -12.57 24.92
C GLY B 648 1.18 -12.85 24.99
N LEU B 649 0.41 -12.00 24.34
CA LEU B 649 -1.05 -12.12 24.25
C LEU B 649 -1.41 -12.07 22.81
N ASN B 650 -2.24 -13.00 22.36
CA ASN B 650 -2.73 -12.96 20.99
C ASN B 650 -3.72 -11.77 20.89
N PHE B 651 -3.67 -11.01 19.78
CA PHE B 651 -4.61 -9.90 19.64
C PHE B 651 -5.21 -9.77 18.27
N ASP B 652 -4.63 -10.44 17.25
CA ASP B 652 -5.17 -10.37 15.90
C ASP B 652 -4.64 -11.54 15.05
N ARG B 653 -4.99 -11.57 13.77
CA ARG B 653 -4.45 -12.50 12.80
C ARG B 653 -4.37 -11.75 11.45
N ASN B 654 -3.35 -12.07 10.65
CA ASN B 654 -3.15 -11.36 9.38
C ASN B 654 -4.25 -11.73 8.37
N TRP B 655 -4.60 -10.79 7.48
CA TRP B 655 -5.68 -10.98 6.51
C TRP B 655 -5.42 -12.17 5.61
N GLU B 656 -4.14 -12.47 5.31
CA GLU B 656 -3.81 -13.61 4.45
C GLU B 656 -4.23 -14.94 5.05
N GLY B 657 -4.39 -14.99 6.37
CA GLY B 657 -4.80 -16.22 7.01
C GLY B 657 -6.25 -16.30 7.41
N VAL B 658 -7.11 -15.32 7.04
CA VAL B 658 -8.53 -15.39 7.46
C VAL B 658 -9.26 -16.60 6.82
N GLY B 659 -8.80 -17.10 5.68
CA GLY B 659 -9.33 -18.32 5.08
C GLY B 659 -9.00 -19.58 5.89
N GLY B 660 -8.15 -19.43 6.92
CA GLY B 660 -7.75 -20.45 7.88
C GLY B 660 -8.92 -21.02 8.68
N ASP B 661 -10.05 -20.30 8.72
CA ASP B 661 -11.27 -20.84 9.35
C ASP B 661 -11.81 -22.04 8.55
N ILE B 662 -11.47 -22.15 7.25
CA ILE B 662 -11.91 -23.25 6.41
C ILE B 662 -10.71 -24.21 6.20
N GLN B 663 -9.52 -23.64 5.93
CA GLN B 663 -8.34 -24.45 5.69
C GLN B 663 -7.14 -23.69 6.20
N TYR B 664 -6.45 -24.24 7.22
CA TYR B 664 -5.24 -23.62 7.76
C TYR B 664 -4.19 -23.40 6.65
N LEU B 665 -3.55 -22.22 6.61
CA LEU B 665 -2.61 -21.89 5.57
C LEU B 665 -1.23 -21.78 6.16
N ALA B 666 -0.48 -22.90 6.19
CA ALA B 666 0.83 -22.95 6.83
C ALA B 666 1.80 -21.83 6.41
N ASP B 667 1.81 -21.47 5.14
CA ASP B 667 2.75 -20.47 4.60
C ASP B 667 2.30 -19.04 4.71
N TYR B 668 1.06 -18.76 5.17
CA TYR B 668 0.57 -17.39 5.24
C TYR B 668 -0.05 -17.02 6.57
N GLN B 669 -0.83 -17.93 7.15
CA GLN B 669 -1.60 -17.67 8.36
C GLN B 669 -0.76 -17.55 9.62
N ARG B 670 -0.92 -16.41 10.31
CA ARG B 670 -0.20 -16.18 11.55
C ARG B 670 -1.09 -15.56 12.62
N SER B 671 -0.79 -15.88 13.88
CA SER B 671 -1.44 -15.22 15.01
C SER B 671 -0.55 -13.96 15.28
N ILE B 672 -1.18 -12.80 15.51
CA ILE B 672 -0.46 -11.56 15.78
C ILE B 672 -0.47 -11.35 17.27
N ILE B 673 0.71 -11.29 17.90
CA ILE B 673 0.82 -11.31 19.34
C ILE B 673 1.59 -10.11 19.92
N VAL B 674 1.09 -9.51 21.01
CA VAL B 674 1.82 -8.42 21.66
C VAL B 674 2.83 -9.07 22.60
N ASP B 675 4.11 -8.72 22.44
CA ASP B 675 5.20 -9.26 23.24
C ASP B 675 4.99 -8.84 24.70
N ILE B 676 5.09 -9.80 25.64
CA ILE B 676 4.88 -9.49 27.06
C ILE B 676 5.93 -8.51 27.58
N ARG B 677 7.12 -8.48 26.98
CA ARG B 677 8.17 -7.53 27.36
C ARG B 677 7.71 -6.08 27.08
N TYR B 678 6.99 -5.88 25.98
CA TYR B 678 6.42 -4.59 25.60
C TYR B 678 5.29 -4.21 26.57
N VAL B 679 4.45 -5.18 26.97
CA VAL B 679 3.38 -5.00 27.96
C VAL B 679 3.99 -4.48 29.28
N LEU B 680 5.08 -5.10 29.78
CA LEU B 680 5.72 -4.68 31.03
C LEU B 680 6.38 -3.34 30.90
N LEU B 681 7.01 -3.07 29.76
CA LEU B 681 7.61 -1.78 29.48
C LEU B 681 6.56 -0.65 29.58
N VAL B 682 5.34 -0.89 29.04
CA VAL B 682 4.28 0.11 29.08
C VAL B 682 3.73 0.31 30.51
N ILE B 683 3.48 -0.78 31.25
CA ILE B 683 3.04 -0.72 32.66
C ILE B 683 4.06 0.09 33.48
N ASP B 684 5.35 -0.20 33.27
CA ASP B 684 6.47 0.39 33.97
C ASP B 684 6.79 1.87 33.61
N LYS B 685 7.17 2.13 32.36
CA LYS B 685 7.62 3.44 31.92
C LYS B 685 6.52 4.38 31.46
N VAL B 686 5.35 3.85 31.10
CA VAL B 686 4.26 4.71 30.65
C VAL B 686 3.24 4.90 31.79
N GLY B 687 2.84 3.81 32.42
CA GLY B 687 1.88 3.86 33.51
C GLY B 687 2.48 4.13 34.88
N GLY B 688 3.73 3.73 35.07
CA GLY B 688 4.41 3.87 36.36
C GLY B 688 3.75 3.03 37.45
N CYS B 689 3.06 1.95 37.06
CA CYS B 689 2.33 1.11 37.99
C CYS B 689 3.17 -0.07 38.48
N GLN B 690 4.25 0.23 39.21
CA GLN B 690 5.20 -0.73 39.76
C GLN B 690 4.56 -1.87 40.59
N ARG B 691 3.46 -1.59 41.27
CA ARG B 691 2.79 -2.58 42.10
C ARG B 691 2.30 -3.79 41.30
N LEU B 692 1.94 -3.56 40.02
CA LEU B 692 1.49 -4.65 39.15
C LEU B 692 2.67 -5.56 38.78
N LEU B 693 3.85 -4.95 38.53
CA LEU B 693 5.07 -5.69 38.25
C LEU B 693 5.45 -6.54 39.47
N ASP B 694 5.39 -5.96 40.67
CA ASP B 694 5.73 -6.66 41.92
C ASP B 694 4.81 -7.84 42.24
N GLU B 695 3.51 -7.75 41.92
CA GLU B 695 2.61 -8.87 42.22
C GLU B 695 2.70 -10.02 41.22
N MET B 696 3.22 -9.76 40.01
CA MET B 696 3.42 -10.81 39.03
C MET B 696 4.68 -11.61 39.37
N ASN B 697 4.75 -12.89 38.96
CA ASN B 697 5.93 -13.68 39.16
C ASN B 697 6.73 -13.66 37.86
N ILE B 698 7.68 -12.73 37.78
CA ILE B 698 8.51 -12.53 36.60
C ILE B 698 9.80 -13.37 36.70
N VAL B 699 9.93 -14.35 35.82
CA VAL B 699 11.07 -15.25 35.81
C VAL B 699 12.14 -14.77 34.83
N PRO B 700 13.43 -14.94 35.19
CA PRO B 700 14.51 -14.46 34.30
C PRO B 700 14.56 -15.17 32.94
N1 NU4 C . 5.84 4.89 -1.30
C4 NU4 C . 5.31 2.35 -0.11
C5 NU4 C . 5.48 3.57 0.62
C6 NU4 C . 5.70 4.90 0.04
C7 NU4 C . 6.37 5.89 -2.14
C8 NU4 C . 6.90 7.08 -1.63
C10 NU4 C . 6.94 6.67 -4.30
C1 NU4 C . 5.59 4.01 3.20
C11 NU4 C . 6.39 5.70 -3.51
C2 NU4 C . 5.44 3.25 1.94
C3 NU4 C . 5.17 1.38 0.80
C9 NU4 C . 7.43 7.99 -2.51
N2 NU4 C . 7.44 7.82 -3.83
O1 NU4 C . 5.24 1.90 2.07
O2 NU4 C . 5.77 5.92 0.73
N1 NU4 D . 16.64 -9.93 6.56
C4 NU4 D . 13.25 -9.17 7.98
C5 NU4 D . 14.62 -9.11 7.60
C6 NU4 D . 15.35 -10.18 6.90
C7 NU4 D . 17.41 -10.57 5.56
C8 NU4 D . 16.90 -11.61 4.79
C10 NU4 D . 19.42 -10.74 4.29
C1 NU4 D . 16.32 -7.11 7.73
C11 NU4 D . 18.71 -10.14 5.29
C2 NU4 D . 15.04 -7.85 7.87
C3 NU4 D . 12.95 -8.00 8.55
C9 NU4 D . 17.69 -12.16 3.81
N2 NU4 D . 18.93 -11.76 3.54
O1 NU4 D . 14.04 -7.16 8.50
O2 NU4 D . 14.77 -11.22 6.59
CL CL E . 43.45 30.97 -0.16
CL CL F . 21.74 4.33 4.04
N1 NU4 G . 13.12 -15.38 3.58
C4 NU4 G . 11.44 -15.07 1.20
C5 NU4 G . 12.45 -14.17 1.65
C6 NU4 G . 13.31 -14.27 2.84
C7 NU4 G . 13.44 -15.58 4.95
C8 NU4 G . 13.08 -16.77 5.58
C10 NU4 G . 14.39 -14.87 7.01
C1 NU4 G . 13.20 -11.86 0.64
C11 NU4 G . 14.11 -14.62 5.69
C2 NU4 G . 12.45 -13.13 0.76
C3 NU4 G . 10.92 -14.56 0.09
C9 NU4 G . 13.36 -16.91 6.91
N2 NU4 G . 14.02 -16.00 7.64
O1 NU4 G . 11.53 -13.38 -0.22
O2 NU4 G . 14.10 -13.39 3.13
N1 NU4 H . -4.11 -5.65 2.09
C4 NU4 H . -1.35 -4.96 1.63
C5 NU4 H . -2.20 -5.58 0.67
C6 NU4 H . -3.60 -6.00 0.87
C7 NU4 H . -5.30 -6.10 2.70
C8 NU4 H . -6.16 -7.03 2.11
C10 NU4 H . -6.79 -6.06 4.56
C1 NU4 H . -1.72 -6.27 -1.82
C11 NU4 H . -5.65 -5.61 3.97
C2 NU4 H . -1.47 -5.73 -0.46
C3 NU4 H . -0.17 -4.77 1.04
C9 NU4 H . -7.27 -7.43 2.80
N2 NU4 H . -7.62 -6.95 4.00
O1 NU4 H . -0.21 -5.22 -0.25
O2 NU4 H . -4.22 -6.62 0.01
CL CL I . -9.32 -20.31 40.21
#